data_1YWW
#
_entry.id   1YWW
#
_entity_poly.entity_id   1
_entity_poly.type   'polypeptide(L)'
_entity_poly.pdbx_seq_one_letter_code
;MGSSHHHHHHSSGLVPRGSHMNSDVIKGKWKQLTGKIKERWGDLTDDDLQAADGHAEYLVGKLQERYGWSKERAEQEVRD
FSDRL
;
_entity_poly.pdbx_strand_id   A
#
# COMPACT_ATOMS: atom_id res chain seq x y z
N MET A 21 -6.97 11.02 13.95
CA MET A 21 -6.42 9.66 14.06
C MET A 21 -6.51 8.94 12.72
N ASN A 22 -7.45 9.35 11.89
CA ASN A 22 -7.66 8.73 10.59
C ASN A 22 -7.32 9.71 9.49
N SER A 23 -6.21 9.48 8.82
CA SER A 23 -5.77 10.32 7.72
C SER A 23 -4.95 9.50 6.73
N ASP A 24 -5.34 9.55 5.46
CA ASP A 24 -4.63 8.81 4.44
C ASP A 24 -3.42 9.61 3.97
N VAL A 25 -2.30 9.40 4.62
CA VAL A 25 -1.07 10.08 4.27
C VAL A 25 -0.34 9.34 3.15
N ILE A 26 -0.89 8.19 2.79
CA ILE A 26 -0.30 7.34 1.78
C ILE A 26 -0.51 7.94 0.39
N LYS A 27 -1.71 8.42 0.14
CA LYS A 27 -2.06 9.06 -1.12
C LYS A 27 -1.24 10.34 -1.34
N GLY A 28 -0.84 10.96 -0.25
CA GLY A 28 -0.09 12.20 -0.34
C GLY A 28 1.34 11.98 -0.81
N LYS A 29 2.04 11.07 -0.14
CA LYS A 29 3.42 10.76 -0.46
C LYS A 29 3.51 9.49 -1.29
N TRP A 30 2.47 9.22 -2.07
CA TRP A 30 2.33 7.94 -2.76
C TRP A 30 3.53 7.62 -3.64
N LYS A 31 3.85 8.51 -4.57
CA LYS A 31 4.91 8.25 -5.54
C LYS A 31 6.28 8.27 -4.87
N GLN A 32 6.31 8.64 -3.60
CA GLN A 32 7.53 8.59 -2.81
C GLN A 32 7.57 7.30 -2.01
N LEU A 33 6.42 6.91 -1.49
CA LEU A 33 6.31 5.73 -0.63
C LEU A 33 6.36 4.44 -1.45
N THR A 34 6.14 4.55 -2.76
CA THR A 34 6.15 3.40 -3.65
C THR A 34 7.37 2.51 -3.42
N GLY A 35 8.55 3.13 -3.40
CA GLY A 35 9.78 2.40 -3.18
C GLY A 35 9.83 1.73 -1.81
N LYS A 36 9.27 2.41 -0.81
CA LYS A 36 9.27 1.88 0.55
C LYS A 36 8.26 0.75 0.68
N ILE A 37 7.19 0.82 -0.11
CA ILE A 37 6.19 -0.23 -0.13
C ILE A 37 6.74 -1.47 -0.82
N LYS A 38 7.46 -1.26 -1.92
CA LYS A 38 8.12 -2.35 -2.63
C LYS A 38 9.17 -3.01 -1.73
N GLU A 39 9.78 -2.20 -0.86
CA GLU A 39 10.74 -2.72 0.08
C GLU A 39 10.04 -3.51 1.19
N ARG A 40 8.93 -2.96 1.67
CA ARG A 40 8.14 -3.59 2.72
C ARG A 40 7.55 -4.91 2.21
N TRP A 41 6.97 -4.87 1.02
CA TRP A 41 6.40 -6.04 0.40
C TRP A 41 7.08 -6.29 -0.95
N GLY A 42 8.01 -7.24 -0.96
CA GLY A 42 8.80 -7.50 -2.16
C GLY A 42 7.98 -8.04 -3.31
N ASP A 43 6.87 -8.69 -3.01
CA ASP A 43 6.02 -9.26 -4.03
C ASP A 43 5.25 -8.17 -4.79
N LEU A 44 5.13 -6.99 -4.18
CA LEU A 44 4.44 -5.89 -4.81
C LEU A 44 5.32 -5.21 -5.85
N THR A 45 4.78 -5.09 -7.06
CA THR A 45 5.50 -4.50 -8.16
C THR A 45 5.47 -2.97 -8.07
N ASP A 46 6.64 -2.35 -8.13
CA ASP A 46 6.75 -0.88 -8.08
C ASP A 46 5.93 -0.24 -9.18
N ASP A 47 6.02 -0.81 -10.38
CA ASP A 47 5.28 -0.32 -11.55
C ASP A 47 3.77 -0.32 -11.29
N ASP A 48 3.32 -1.33 -10.55
CA ASP A 48 1.89 -1.45 -10.21
C ASP A 48 1.50 -0.42 -9.17
N LEU A 49 2.40 -0.16 -8.25
CA LEU A 49 2.15 0.83 -7.21
C LEU A 49 2.12 2.23 -7.81
N GLN A 50 3.10 2.52 -8.64
CA GLN A 50 3.25 3.85 -9.23
C GLN A 50 2.24 4.08 -10.36
N ALA A 51 0.97 3.74 -10.10
CA ALA A 51 -0.07 3.85 -11.11
C ALA A 51 -0.94 5.09 -10.91
N ALA A 52 -2.03 4.98 -10.16
CA ALA A 52 -3.02 6.05 -10.11
C ALA A 52 -3.57 6.32 -8.71
N ASP A 53 -4.52 5.48 -8.29
CA ASP A 53 -5.34 5.75 -7.09
C ASP A 53 -4.50 6.07 -5.85
N GLY A 54 -3.49 5.26 -5.58
CA GLY A 54 -2.54 5.58 -4.54
C GLY A 54 -3.03 5.31 -3.12
N HIS A 55 -4.13 5.97 -2.75
CA HIS A 55 -4.66 5.92 -1.37
C HIS A 55 -4.82 4.48 -0.84
N ALA A 56 -5.00 4.37 0.47
CA ALA A 56 -4.97 3.08 1.19
C ALA A 56 -5.76 1.97 0.51
N GLU A 57 -6.94 2.29 0.01
CA GLU A 57 -7.80 1.28 -0.65
C GLU A 57 -7.14 0.68 -1.88
N TYR A 58 -6.15 1.38 -2.44
CA TYR A 58 -5.46 0.87 -3.61
C TYR A 58 -4.40 -0.14 -3.20
N LEU A 59 -3.81 0.07 -2.02
CA LEU A 59 -2.87 -0.90 -1.47
C LEU A 59 -3.59 -2.22 -1.24
N VAL A 60 -4.77 -2.14 -0.63
CA VAL A 60 -5.60 -3.31 -0.41
C VAL A 60 -5.88 -4.03 -1.72
N GLY A 61 -6.21 -3.25 -2.75
CA GLY A 61 -6.50 -3.82 -4.05
C GLY A 61 -5.31 -4.60 -4.61
N LYS A 62 -4.13 -4.03 -4.51
CA LYS A 62 -2.92 -4.68 -5.00
C LYS A 62 -2.51 -5.85 -4.11
N LEU A 63 -2.77 -5.74 -2.81
CA LEU A 63 -2.51 -6.83 -1.89
C LEU A 63 -3.41 -8.02 -2.21
N GLN A 64 -4.62 -7.71 -2.65
CA GLN A 64 -5.56 -8.75 -3.08
C GLN A 64 -5.14 -9.30 -4.44
N GLU A 65 -4.69 -8.41 -5.31
CA GLU A 65 -4.29 -8.79 -6.66
C GLU A 65 -3.06 -9.68 -6.62
N ARG A 66 -2.04 -9.26 -5.87
CA ARG A 66 -0.81 -10.01 -5.76
C ARG A 66 -0.95 -11.20 -4.81
N TYR A 67 -1.19 -10.92 -3.55
CA TYR A 67 -1.29 -11.98 -2.54
C TYR A 67 -2.68 -12.61 -2.57
N GLY A 68 -3.66 -11.89 -2.07
CA GLY A 68 -5.01 -12.43 -1.95
C GLY A 68 -5.35 -12.77 -0.51
N TRP A 69 -5.44 -11.75 0.32
CA TRP A 69 -5.74 -11.93 1.73
C TRP A 69 -7.19 -11.56 2.01
N SER A 70 -7.54 -11.46 3.27
CA SER A 70 -8.76 -10.81 3.66
C SER A 70 -8.49 -9.31 3.79
N LYS A 71 -9.50 -8.49 3.50
CA LYS A 71 -9.30 -7.04 3.54
C LYS A 71 -8.85 -6.59 4.93
N GLU A 72 -9.37 -7.23 5.97
CA GLU A 72 -8.99 -6.91 7.33
C GLU A 72 -7.51 -7.17 7.56
N ARG A 73 -7.01 -8.28 7.00
CA ARG A 73 -5.60 -8.62 7.08
C ARG A 73 -4.77 -7.62 6.29
N ALA A 74 -5.29 -7.22 5.13
CA ALA A 74 -4.63 -6.21 4.31
C ALA A 74 -4.58 -4.88 5.06
N GLU A 75 -5.70 -4.49 5.65
CA GLU A 75 -5.78 -3.26 6.44
C GLU A 75 -4.69 -3.23 7.52
N GLN A 76 -4.52 -4.36 8.21
CA GLN A 76 -3.57 -4.45 9.31
C GLN A 76 -2.14 -4.18 8.82
N GLU A 77 -1.79 -4.78 7.69
CA GLU A 77 -0.46 -4.64 7.13
C GLU A 77 -0.25 -3.24 6.55
N VAL A 78 -1.31 -2.67 5.97
CA VAL A 78 -1.25 -1.30 5.46
C VAL A 78 -1.02 -0.30 6.58
N ARG A 79 -1.74 -0.49 7.69
CA ARG A 79 -1.59 0.39 8.84
C ARG A 79 -0.27 0.14 9.54
N ASP A 80 0.28 -1.04 9.35
CA ASP A 80 1.63 -1.33 9.81
C ASP A 80 2.64 -0.46 9.08
N PHE A 81 2.48 -0.35 7.77
CA PHE A 81 3.32 0.52 6.96
C PHE A 81 3.10 1.97 7.34
N SER A 82 1.86 2.31 7.66
CA SER A 82 1.51 3.66 8.09
C SER A 82 2.19 3.99 9.42
N ASP A 83 2.38 2.97 10.24
CA ASP A 83 3.06 3.14 11.53
C ASP A 83 4.54 3.45 11.31
N ARG A 84 5.06 2.94 10.19
CA ARG A 84 6.46 3.12 9.84
C ARG A 84 6.70 4.50 9.24
N LEU A 85 5.61 5.23 8.99
CA LEU A 85 5.70 6.55 8.39
C LEU A 85 5.70 7.63 9.47
N MET A 21 -9.28 14.24 14.03
CA MET A 21 -9.51 14.33 12.57
C MET A 21 -8.44 13.54 11.83
N ASN A 22 -8.86 12.77 10.85
CA ASN A 22 -7.95 11.90 10.10
C ASN A 22 -7.25 12.66 8.97
N SER A 23 -6.03 12.23 8.67
CA SER A 23 -5.26 12.82 7.59
C SER A 23 -4.12 11.88 7.21
N ASP A 24 -4.28 11.17 6.10
CA ASP A 24 -3.31 10.16 5.68
C ASP A 24 -2.17 10.78 4.89
N VAL A 25 -1.02 10.12 4.92
CA VAL A 25 0.17 10.60 4.22
C VAL A 25 0.52 9.73 3.02
N ILE A 26 -0.01 8.52 2.99
CA ILE A 26 0.27 7.59 1.89
C ILE A 26 -0.44 8.05 0.63
N LYS A 27 -1.68 8.47 0.80
CA LYS A 27 -2.50 9.01 -0.27
C LYS A 27 -1.79 10.15 -1.00
N GLY A 28 -1.00 10.92 -0.27
CA GLY A 28 -0.33 12.06 -0.86
C GLY A 28 1.03 11.71 -1.43
N LYS A 29 1.82 10.95 -0.69
CA LYS A 29 3.17 10.60 -1.12
C LYS A 29 3.18 9.28 -1.86
N TRP A 30 2.08 8.99 -2.55
CA TRP A 30 1.86 7.71 -3.21
C TRP A 30 3.03 7.32 -4.12
N LYS A 31 3.34 8.15 -5.11
CA LYS A 31 4.36 7.81 -6.10
C LYS A 31 5.75 7.78 -5.45
N GLN A 32 5.92 8.51 -4.36
CA GLN A 32 7.20 8.56 -3.66
C GLN A 32 7.40 7.26 -2.87
N LEU A 33 6.32 6.76 -2.30
CA LEU A 33 6.37 5.60 -1.42
C LEU A 33 6.32 4.30 -2.20
N THR A 34 6.31 4.39 -3.52
CA THR A 34 6.25 3.19 -4.37
C THR A 34 7.38 2.21 -4.03
N GLY A 35 8.61 2.72 -4.00
CA GLY A 35 9.75 1.88 -3.68
C GLY A 35 9.76 1.45 -2.23
N LYS A 36 9.12 2.24 -1.37
CA LYS A 36 9.08 1.93 0.06
C LYS A 36 8.06 0.82 0.32
N ILE A 37 6.94 0.89 -0.37
CA ILE A 37 5.92 -0.15 -0.31
C ILE A 37 6.49 -1.46 -0.86
N LYS A 38 7.29 -1.32 -1.92
CA LYS A 38 7.96 -2.45 -2.52
C LYS A 38 9.00 -3.04 -1.58
N GLU A 39 9.46 -2.23 -0.62
CA GLU A 39 10.41 -2.71 0.38
C GLU A 39 9.68 -3.37 1.55
N ARG A 40 8.58 -2.75 1.99
CA ARG A 40 7.85 -3.24 3.15
C ARG A 40 7.30 -4.65 2.91
N TRP A 41 6.62 -4.85 1.79
CA TRP A 41 6.06 -6.15 1.48
C TRP A 41 7.03 -6.96 0.63
N GLY A 42 7.62 -6.31 -0.35
CA GLY A 42 8.61 -6.97 -1.18
C GLY A 42 8.07 -7.42 -2.52
N ASP A 43 6.95 -8.13 -2.49
CA ASP A 43 6.39 -8.74 -3.70
C ASP A 43 5.57 -7.74 -4.50
N LEU A 44 5.32 -6.57 -3.94
CA LEU A 44 4.55 -5.55 -4.64
C LEU A 44 5.43 -4.82 -5.65
N THR A 45 5.17 -5.10 -6.92
CA THR A 45 5.91 -4.48 -7.99
C THR A 45 5.62 -2.99 -8.08
N ASP A 46 6.66 -2.17 -8.02
CA ASP A 46 6.50 -0.72 -8.04
C ASP A 46 5.91 -0.24 -9.36
N ASP A 47 6.08 -1.05 -10.40
CA ASP A 47 5.45 -0.81 -11.70
C ASP A 47 3.95 -0.81 -11.54
N ASP A 48 3.47 -1.71 -10.70
CA ASP A 48 2.04 -1.88 -10.45
C ASP A 48 1.57 -0.93 -9.35
N LEU A 49 2.52 -0.31 -8.67
CA LEU A 49 2.22 0.65 -7.62
C LEU A 49 2.09 2.05 -8.20
N GLN A 50 2.81 2.31 -9.29
CA GLN A 50 2.68 3.58 -9.99
C GLN A 50 1.31 3.69 -10.63
N ALA A 51 0.39 4.36 -9.94
CA ALA A 51 -1.00 4.40 -10.35
C ALA A 51 -1.63 5.76 -10.10
N ALA A 52 -2.96 5.81 -10.14
CA ALA A 52 -3.70 7.05 -9.98
C ALA A 52 -3.77 7.49 -8.52
N ASP A 53 -4.63 6.85 -7.74
CA ASP A 53 -4.84 7.25 -6.35
C ASP A 53 -3.94 6.47 -5.40
N GLY A 54 -3.66 7.07 -4.25
CA GLY A 54 -2.77 6.45 -3.29
C GLY A 54 -3.47 6.04 -2.01
N HIS A 55 -4.80 6.14 -2.02
CA HIS A 55 -5.60 5.72 -0.86
C HIS A 55 -5.29 4.27 -0.49
N ALA A 56 -5.37 3.97 0.81
CA ALA A 56 -5.00 2.66 1.36
C ALA A 56 -5.73 1.51 0.65
N GLU A 57 -6.95 1.78 0.20
CA GLU A 57 -7.76 0.77 -0.49
C GLU A 57 -7.08 0.27 -1.77
N TYR A 58 -6.18 1.07 -2.34
CA TYR A 58 -5.50 0.66 -3.55
C TYR A 58 -4.40 -0.36 -3.20
N LEU A 59 -3.73 -0.13 -2.08
CA LEU A 59 -2.72 -1.08 -1.62
C LEU A 59 -3.35 -2.44 -1.40
N VAL A 60 -4.54 -2.42 -0.80
CA VAL A 60 -5.32 -3.62 -0.59
C VAL A 60 -5.54 -4.36 -1.91
N GLY A 61 -5.92 -3.61 -2.93
CA GLY A 61 -6.17 -4.19 -4.24
C GLY A 61 -4.95 -4.91 -4.80
N LYS A 62 -3.78 -4.27 -4.71
CA LYS A 62 -2.55 -4.87 -5.20
C LYS A 62 -2.07 -5.99 -4.28
N LEU A 63 -2.36 -5.88 -2.99
CA LEU A 63 -2.04 -6.93 -2.03
C LEU A 63 -2.84 -8.19 -2.36
N GLN A 64 -4.07 -8.00 -2.82
CA GLN A 64 -4.92 -9.11 -3.26
C GLN A 64 -4.39 -9.64 -4.59
N GLU A 65 -3.88 -8.74 -5.41
CA GLU A 65 -3.37 -9.08 -6.74
C GLU A 65 -2.12 -9.94 -6.63
N ARG A 66 -1.26 -9.61 -5.67
CA ARG A 66 -0.04 -10.37 -5.45
C ARG A 66 -0.27 -11.55 -4.52
N TYR A 67 -0.71 -11.25 -3.31
CA TYR A 67 -0.88 -12.27 -2.28
C TYR A 67 -2.29 -12.85 -2.31
N GLY A 68 -3.24 -12.04 -1.87
CA GLY A 68 -4.60 -12.53 -1.71
C GLY A 68 -4.92 -12.78 -0.25
N TRP A 69 -5.13 -11.71 0.49
CA TRP A 69 -5.45 -11.81 1.91
C TRP A 69 -6.93 -11.51 2.14
N SER A 70 -7.29 -11.33 3.39
CA SER A 70 -8.62 -10.86 3.73
C SER A 70 -8.64 -9.34 3.57
N LYS A 71 -9.80 -8.78 3.23
CA LYS A 71 -9.94 -7.34 3.03
C LYS A 71 -9.38 -6.57 4.24
N GLU A 72 -9.81 -6.97 5.43
CA GLU A 72 -9.39 -6.30 6.65
C GLU A 72 -7.92 -6.58 6.95
N ARG A 73 -7.47 -7.79 6.62
CA ARG A 73 -6.08 -8.18 6.88
C ARG A 73 -5.12 -7.30 6.07
N ALA A 74 -5.49 -7.06 4.82
CA ALA A 74 -4.69 -6.19 3.95
C ALA A 74 -4.65 -4.77 4.52
N GLU A 75 -5.80 -4.31 5.00
CA GLU A 75 -5.90 -2.99 5.63
C GLU A 75 -4.98 -2.90 6.85
N GLN A 76 -5.01 -3.94 7.68
CA GLN A 76 -4.17 -4.02 8.87
C GLN A 76 -2.69 -3.91 8.49
N GLU A 77 -2.32 -4.52 7.38
CA GLU A 77 -0.94 -4.50 6.92
C GLU A 77 -0.54 -3.12 6.40
N VAL A 78 -1.49 -2.43 5.76
CA VAL A 78 -1.27 -1.06 5.33
C VAL A 78 -1.17 -0.15 6.56
N ARG A 79 -1.98 -0.47 7.56
CA ARG A 79 -1.97 0.23 8.84
C ARG A 79 -0.63 0.03 9.53
N ASP A 80 -0.10 -1.18 9.40
CA ASP A 80 1.22 -1.54 9.91
C ASP A 80 2.28 -0.64 9.30
N PHE A 81 2.20 -0.48 7.98
CA PHE A 81 3.12 0.37 7.25
C PHE A 81 3.03 1.82 7.71
N SER A 82 1.84 2.22 8.15
CA SER A 82 1.61 3.59 8.60
C SER A 82 2.25 3.84 9.97
N ASP A 83 2.42 2.77 10.75
CA ASP A 83 3.00 2.88 12.09
C ASP A 83 4.50 3.16 12.01
N ARG A 84 5.14 2.64 10.99
CA ARG A 84 6.57 2.78 10.82
C ARG A 84 6.92 3.37 9.45
N LEU A 85 6.08 4.29 9.00
CA LEU A 85 6.33 4.99 7.74
C LEU A 85 7.33 6.10 7.99
N MET A 21 -9.43 12.27 11.18
CA MET A 21 -8.60 13.29 10.50
C MET A 21 -8.16 12.79 9.14
N ASN A 22 -8.50 13.53 8.09
CA ASN A 22 -8.00 13.22 6.76
C ASN A 22 -6.66 13.92 6.54
N SER A 23 -5.67 13.44 7.28
CA SER A 23 -4.31 13.91 7.13
C SER A 23 -3.44 12.74 6.72
N ASP A 24 -4.00 11.94 5.82
CA ASP A 24 -3.43 10.67 5.43
C ASP A 24 -2.13 10.85 4.66
N VAL A 25 -1.13 10.07 5.06
CA VAL A 25 0.20 10.18 4.48
C VAL A 25 0.39 9.22 3.32
N ILE A 26 -0.66 8.49 2.96
CA ILE A 26 -0.59 7.53 1.86
C ILE A 26 -1.01 8.20 0.56
N LYS A 27 -2.01 9.08 0.64
CA LYS A 27 -2.47 9.83 -0.52
C LYS A 27 -1.46 10.90 -0.90
N GLY A 28 -0.56 11.21 0.02
CA GLY A 28 0.46 12.21 -0.25
C GLY A 28 1.81 11.58 -0.48
N LYS A 29 2.48 11.99 -1.55
CA LYS A 29 3.82 11.49 -1.88
C LYS A 29 3.78 10.01 -2.27
N TRP A 30 2.62 9.60 -2.80
CA TRP A 30 2.39 8.22 -3.23
C TRP A 30 3.53 7.66 -4.07
N LYS A 31 3.97 8.41 -5.07
CA LYS A 31 5.00 7.92 -5.98
C LYS A 31 6.39 7.92 -5.31
N GLN A 32 6.47 8.44 -4.10
CA GLN A 32 7.71 8.38 -3.33
C GLN A 32 7.65 7.23 -2.34
N LEU A 33 6.43 6.75 -2.11
CA LEU A 33 6.19 5.66 -1.18
C LEU A 33 6.27 4.32 -1.91
N THR A 34 6.45 4.39 -3.22
CA THR A 34 6.52 3.20 -4.07
C THR A 34 7.65 2.27 -3.60
N GLY A 35 8.85 2.82 -3.49
CA GLY A 35 9.98 2.04 -3.03
C GLY A 35 9.83 1.58 -1.60
N LYS A 36 9.08 2.35 -0.82
CA LYS A 36 8.86 2.02 0.59
C LYS A 36 7.93 0.82 0.73
N ILE A 37 6.90 0.78 -0.11
CA ILE A 37 5.97 -0.34 -0.11
C ILE A 37 6.64 -1.59 -0.66
N LYS A 38 7.36 -1.42 -1.75
CA LYS A 38 8.11 -2.51 -2.38
C LYS A 38 9.15 -3.07 -1.40
N GLU A 39 9.72 -2.17 -0.60
CA GLU A 39 10.70 -2.53 0.42
C GLU A 39 10.10 -3.52 1.42
N ARG A 40 8.82 -3.38 1.71
CA ARG A 40 8.17 -4.22 2.70
C ARG A 40 7.69 -5.53 2.09
N TRP A 41 6.68 -5.46 1.21
CA TRP A 41 6.00 -6.66 0.74
C TRP A 41 6.76 -7.35 -0.40
N GLY A 42 7.55 -6.60 -1.13
CA GLY A 42 8.39 -7.19 -2.16
C GLY A 42 7.65 -7.52 -3.44
N ASP A 43 6.62 -8.37 -3.33
CA ASP A 43 5.87 -8.82 -4.51
C ASP A 43 5.16 -7.66 -5.19
N LEU A 44 4.76 -6.66 -4.40
CA LEU A 44 4.17 -5.45 -4.95
C LEU A 44 5.24 -4.69 -5.73
N THR A 45 5.07 -4.64 -7.04
CA THR A 45 6.03 -3.97 -7.90
C THR A 45 5.81 -2.47 -7.86
N ASP A 46 6.88 -1.71 -8.03
CA ASP A 46 6.76 -0.26 -8.16
C ASP A 46 6.07 0.05 -9.49
N ASP A 47 6.07 -0.93 -10.38
CA ASP A 47 5.33 -0.87 -11.62
C ASP A 47 3.84 -0.74 -11.34
N ASP A 48 3.33 -1.63 -10.50
CA ASP A 48 1.92 -1.62 -10.09
C ASP A 48 1.58 -0.34 -9.36
N LEU A 49 2.48 0.11 -8.50
CA LEU A 49 2.24 1.29 -7.68
C LEU A 49 2.34 2.56 -8.51
N GLN A 50 3.02 2.48 -9.65
CA GLN A 50 3.21 3.64 -10.52
C GLN A 50 2.04 3.78 -11.49
N ALA A 51 0.91 3.16 -11.14
CA ALA A 51 -0.24 3.13 -12.02
C ALA A 51 -1.31 4.13 -11.61
N ALA A 52 -2.06 3.79 -10.56
CA ALA A 52 -3.27 4.53 -10.21
C ALA A 52 -2.99 5.70 -9.28
N ASP A 53 -4.06 6.22 -8.69
CA ASP A 53 -4.03 7.42 -7.86
C ASP A 53 -3.09 7.28 -6.67
N GLY A 54 -3.47 6.44 -5.73
CA GLY A 54 -2.66 6.27 -4.55
C GLY A 54 -3.40 6.60 -3.27
N HIS A 55 -3.69 5.58 -2.49
CA HIS A 55 -4.38 5.72 -1.21
C HIS A 55 -4.42 4.37 -0.52
N ALA A 56 -4.58 4.37 0.80
CA ALA A 56 -4.51 3.15 1.61
C ALA A 56 -5.49 2.10 1.08
N GLU A 57 -6.65 2.56 0.65
CA GLU A 57 -7.68 1.70 0.07
C GLU A 57 -7.14 1.00 -1.18
N TYR A 58 -6.28 1.67 -1.93
CA TYR A 58 -5.70 1.10 -3.14
C TYR A 58 -4.66 0.05 -2.79
N LEU A 59 -3.96 0.24 -1.67
CA LEU A 59 -2.99 -0.73 -1.20
C LEU A 59 -3.65 -2.08 -0.94
N VAL A 60 -4.80 -2.03 -0.27
CA VAL A 60 -5.58 -3.24 0.00
C VAL A 60 -5.92 -3.95 -1.32
N GLY A 61 -6.35 -3.19 -2.31
CA GLY A 61 -6.65 -3.74 -3.60
C GLY A 61 -5.44 -4.41 -4.24
N LYS A 62 -4.30 -3.74 -4.19
CA LYS A 62 -3.04 -4.28 -4.71
C LYS A 62 -2.67 -5.57 -3.99
N LEU A 63 -2.85 -5.59 -2.68
CA LEU A 63 -2.53 -6.77 -1.87
C LEU A 63 -3.44 -7.94 -2.23
N GLN A 64 -4.68 -7.64 -2.54
CA GLN A 64 -5.64 -8.67 -2.95
C GLN A 64 -5.36 -9.12 -4.38
N GLU A 65 -4.98 -8.18 -5.23
CA GLU A 65 -4.73 -8.46 -6.63
C GLU A 65 -3.49 -9.32 -6.80
N ARG A 66 -2.43 -8.99 -6.08
CA ARG A 66 -1.17 -9.73 -6.16
C ARG A 66 -1.20 -10.97 -5.28
N TYR A 67 -1.41 -10.78 -3.99
CA TYR A 67 -1.41 -11.89 -3.05
C TYR A 67 -2.78 -12.55 -2.96
N GLY A 68 -3.74 -11.81 -2.43
CA GLY A 68 -5.05 -12.37 -2.16
C GLY A 68 -5.14 -12.89 -0.74
N TRP A 69 -4.82 -12.02 0.21
CA TRP A 69 -4.83 -12.37 1.62
C TRP A 69 -6.24 -12.26 2.19
N SER A 70 -6.35 -12.57 3.48
CA SER A 70 -7.56 -12.29 4.21
C SER A 70 -7.73 -10.77 4.31
N LYS A 71 -8.98 -10.31 4.23
CA LYS A 71 -9.25 -8.88 4.08
C LYS A 71 -8.72 -8.06 5.26
N GLU A 72 -8.93 -8.56 6.48
CA GLU A 72 -8.50 -7.83 7.66
C GLU A 72 -6.98 -7.85 7.78
N ARG A 73 -6.36 -8.91 7.28
CA ARG A 73 -4.91 -9.02 7.28
C ARG A 73 -4.29 -7.96 6.37
N ALA A 74 -4.83 -7.87 5.16
CA ALA A 74 -4.35 -6.90 4.18
C ALA A 74 -4.47 -5.48 4.72
N GLU A 75 -5.67 -5.14 5.22
CA GLU A 75 -5.92 -3.79 5.72
C GLU A 75 -5.07 -3.47 6.95
N GLN A 76 -4.96 -4.42 7.86
CA GLN A 76 -4.17 -4.23 9.08
C GLN A 76 -2.70 -3.96 8.75
N GLU A 77 -2.16 -4.70 7.77
CA GLU A 77 -0.77 -4.49 7.38
C GLU A 77 -0.57 -3.12 6.75
N VAL A 78 -1.59 -2.63 6.05
CA VAL A 78 -1.56 -1.28 5.50
C VAL A 78 -1.52 -0.26 6.64
N ARG A 79 -2.36 -0.47 7.64
CA ARG A 79 -2.38 0.38 8.82
C ARG A 79 -1.04 0.34 9.54
N ASP A 80 -0.48 -0.86 9.68
CA ASP A 80 0.81 -1.05 10.32
C ASP A 80 1.90 -0.32 9.55
N PHE A 81 1.85 -0.43 8.22
CA PHE A 81 2.77 0.29 7.34
C PHE A 81 2.67 1.79 7.59
N SER A 82 1.44 2.30 7.67
CA SER A 82 1.20 3.71 7.88
C SER A 82 1.62 4.14 9.30
N ASP A 83 1.54 3.21 10.24
CA ASP A 83 1.89 3.50 11.62
C ASP A 83 3.37 3.76 11.76
N ARG A 84 4.17 3.02 11.00
CA ARG A 84 5.62 3.14 11.06
C ARG A 84 6.14 4.15 10.04
N LEU A 85 5.22 4.95 9.49
CA LEU A 85 5.59 5.94 8.50
C LEU A 85 5.68 7.32 9.17
N MET A 21 -5.36 9.49 13.96
CA MET A 21 -5.21 9.75 12.52
C MET A 21 -5.72 8.56 11.71
N ASN A 22 -5.92 8.79 10.41
CA ASN A 22 -6.41 7.76 9.52
C ASN A 22 -5.29 7.30 8.60
N SER A 23 -5.52 6.24 7.85
CA SER A 23 -4.50 5.68 6.96
C SER A 23 -4.44 6.45 5.64
N ASP A 24 -4.95 7.68 5.65
CA ASP A 24 -5.03 8.51 4.45
C ASP A 24 -3.67 9.15 4.14
N VAL A 25 -2.67 8.83 4.95
CA VAL A 25 -1.32 9.34 4.75
C VAL A 25 -0.65 8.67 3.55
N ILE A 26 -1.22 7.54 3.13
CA ILE A 26 -0.70 6.78 2.00
C ILE A 26 -1.12 7.43 0.68
N LYS A 27 -2.16 8.25 0.74
CA LYS A 27 -2.71 8.89 -0.44
C LYS A 27 -1.74 9.96 -0.96
N GLY A 28 -0.90 10.47 -0.07
CA GLY A 28 0.05 11.48 -0.43
C GLY A 28 1.46 10.95 -0.48
N LYS A 29 2.23 11.39 -1.47
CA LYS A 29 3.61 10.95 -1.68
C LYS A 29 3.66 9.50 -2.14
N TRP A 30 2.51 9.02 -2.62
CA TRP A 30 2.36 7.64 -3.11
C TRP A 30 3.45 7.28 -4.11
N LYS A 31 3.75 8.21 -5.01
CA LYS A 31 4.80 8.00 -6.02
C LYS A 31 6.12 7.60 -5.38
N GLN A 32 6.43 8.22 -4.25
CA GLN A 32 7.70 7.97 -3.57
C GLN A 32 7.55 6.78 -2.63
N LEU A 33 6.38 6.65 -2.02
CA LEU A 33 6.11 5.59 -1.05
C LEU A 33 6.25 4.21 -1.68
N THR A 34 6.05 4.12 -2.99
CA THR A 34 6.16 2.85 -3.72
C THR A 34 7.47 2.14 -3.40
N GLY A 35 8.55 2.90 -3.30
CA GLY A 35 9.85 2.33 -2.99
C GLY A 35 9.89 1.68 -1.63
N LYS A 36 9.24 2.29 -0.65
CA LYS A 36 9.19 1.73 0.70
C LYS A 36 8.22 0.57 0.76
N ILE A 37 7.19 0.62 -0.08
CA ILE A 37 6.24 -0.49 -0.18
C ILE A 37 6.95 -1.71 -0.77
N LYS A 38 7.76 -1.45 -1.80
CA LYS A 38 8.58 -2.50 -2.40
C LYS A 38 9.63 -2.98 -1.39
N GLU A 39 10.16 -2.06 -0.61
CA GLU A 39 11.10 -2.37 0.46
C GLU A 39 10.49 -3.37 1.45
N ARG A 40 9.23 -3.14 1.80
CA ARG A 40 8.53 -4.00 2.74
C ARG A 40 8.20 -5.36 2.14
N TRP A 41 7.29 -5.38 1.18
CA TRP A 41 6.72 -6.63 0.70
C TRP A 41 7.58 -7.28 -0.38
N GLY A 42 8.02 -6.49 -1.33
CA GLY A 42 8.89 -7.00 -2.38
C GLY A 42 8.13 -7.62 -3.54
N ASP A 43 7.10 -8.41 -3.24
CA ASP A 43 6.31 -9.06 -4.28
C ASP A 43 5.50 -8.03 -5.06
N LEU A 44 5.26 -6.89 -4.44
CA LEU A 44 4.50 -5.82 -5.08
C LEU A 44 5.33 -5.11 -6.13
N THR A 45 4.98 -5.33 -7.38
CA THR A 45 5.61 -4.67 -8.50
C THR A 45 5.49 -3.15 -8.35
N ASP A 46 6.60 -2.44 -8.48
CA ASP A 46 6.59 -0.98 -8.32
C ASP A 46 5.83 -0.32 -9.47
N ASP A 47 5.89 -0.93 -10.65
CA ASP A 47 5.10 -0.45 -11.79
C ASP A 47 3.61 -0.69 -11.55
N ASP A 48 3.32 -1.66 -10.69
CA ASP A 48 1.95 -2.02 -10.35
C ASP A 48 1.38 -1.01 -9.37
N LEU A 49 2.20 -0.62 -8.41
CA LEU A 49 1.79 0.31 -7.38
C LEU A 49 1.70 1.73 -7.92
N GLN A 50 2.74 2.16 -8.63
CA GLN A 50 2.78 3.51 -9.18
C GLN A 50 1.95 3.56 -10.46
N ALA A 51 0.67 3.81 -10.30
CA ALA A 51 -0.25 3.79 -11.42
C ALA A 51 -1.47 4.68 -11.15
N ALA A 52 -2.27 4.27 -10.17
CA ALA A 52 -3.53 4.95 -9.89
C ALA A 52 -3.37 6.07 -8.87
N ASP A 53 -4.45 6.38 -8.17
CA ASP A 53 -4.50 7.51 -7.23
C ASP A 53 -3.45 7.40 -6.14
N GLY A 54 -3.62 6.46 -5.23
CA GLY A 54 -2.68 6.31 -4.13
C GLY A 54 -3.37 6.10 -2.80
N HIS A 55 -4.65 6.48 -2.72
CA HIS A 55 -5.46 6.25 -1.52
C HIS A 55 -5.30 4.82 -1.01
N ALA A 56 -5.27 4.66 0.31
CA ALA A 56 -4.93 3.38 0.95
C ALA A 56 -5.78 2.22 0.45
N GLU A 57 -7.03 2.51 0.12
CA GLU A 57 -7.94 1.48 -0.39
C GLU A 57 -7.38 0.81 -1.65
N TYR A 58 -6.57 1.56 -2.40
CA TYR A 58 -5.96 1.03 -3.61
C TYR A 58 -4.82 0.09 -3.25
N LEU A 59 -4.08 0.44 -2.20
CA LEU A 59 -3.01 -0.40 -1.71
C LEU A 59 -3.59 -1.72 -1.21
N VAL A 60 -4.70 -1.63 -0.48
CA VAL A 60 -5.43 -2.80 -0.02
C VAL A 60 -5.82 -3.69 -1.20
N GLY A 61 -6.35 -3.07 -2.24
CA GLY A 61 -6.76 -3.80 -3.42
C GLY A 61 -5.61 -4.53 -4.09
N LYS A 62 -4.48 -3.85 -4.23
CA LYS A 62 -3.31 -4.46 -4.87
C LYS A 62 -2.70 -5.54 -3.99
N LEU A 63 -2.83 -5.40 -2.67
CA LEU A 63 -2.42 -6.47 -1.77
C LEU A 63 -3.29 -7.70 -1.96
N GLN A 64 -4.58 -7.46 -2.20
CA GLN A 64 -5.52 -8.56 -2.44
C GLN A 64 -5.36 -9.12 -3.85
N GLU A 65 -4.65 -8.39 -4.71
CA GLU A 65 -4.42 -8.87 -6.06
C GLU A 65 -3.10 -9.66 -6.13
N ARG A 66 -2.02 -9.05 -5.66
CA ARG A 66 -0.70 -9.67 -5.76
C ARG A 66 -0.56 -10.81 -4.75
N TYR A 67 -0.92 -10.54 -3.50
CA TYR A 67 -0.81 -11.54 -2.44
C TYR A 67 -2.12 -12.32 -2.30
N GLY A 68 -3.23 -11.63 -2.51
CA GLY A 68 -4.52 -12.26 -2.42
C GLY A 68 -4.97 -12.42 -0.97
N TRP A 69 -4.71 -11.40 -0.16
CA TRP A 69 -5.08 -11.46 1.25
C TRP A 69 -6.53 -11.06 1.45
N SER A 70 -6.98 -11.20 2.68
CA SER A 70 -8.30 -10.74 3.07
C SER A 70 -8.30 -9.20 3.11
N LYS A 71 -9.47 -8.61 2.97
CA LYS A 71 -9.60 -7.16 2.90
C LYS A 71 -9.09 -6.50 4.19
N GLU A 72 -9.59 -6.97 5.32
CA GLU A 72 -9.23 -6.39 6.61
C GLU A 72 -7.78 -6.74 6.94
N ARG A 73 -7.34 -7.91 6.50
CA ARG A 73 -5.97 -8.34 6.71
C ARG A 73 -5.00 -7.36 6.06
N ALA A 74 -5.30 -7.00 4.83
CA ALA A 74 -4.47 -6.06 4.09
C ALA A 74 -4.42 -4.71 4.78
N GLU A 75 -5.56 -4.29 5.33
CA GLU A 75 -5.64 -3.03 6.06
C GLU A 75 -4.68 -3.03 7.24
N GLN A 76 -4.68 -4.12 8.00
CA GLN A 76 -3.80 -4.26 9.16
C GLN A 76 -2.33 -4.18 8.74
N GLU A 77 -2.00 -4.78 7.60
CA GLU A 77 -0.63 -4.77 7.09
C GLU A 77 -0.19 -3.35 6.72
N VAL A 78 -1.09 -2.62 6.07
CA VAL A 78 -0.84 -1.23 5.73
C VAL A 78 -0.70 -0.38 6.99
N ARG A 79 -1.44 -0.76 8.03
CA ARG A 79 -1.44 -0.04 9.29
C ARG A 79 -0.07 -0.09 9.95
N ASP A 80 0.59 -1.25 9.90
CA ASP A 80 1.94 -1.39 10.44
C ASP A 80 2.91 -0.49 9.68
N PHE A 81 2.76 -0.47 8.37
CA PHE A 81 3.58 0.37 7.50
C PHE A 81 3.34 1.84 7.79
N SER A 82 2.07 2.22 7.91
CA SER A 82 1.70 3.62 8.14
C SER A 82 2.12 4.10 9.53
N ASP A 83 2.16 3.17 10.48
CA ASP A 83 2.51 3.50 11.85
C ASP A 83 3.94 4.04 11.95
N ARG A 84 4.86 3.35 11.29
CA ARG A 84 6.27 3.71 11.37
C ARG A 84 6.66 4.75 10.33
N LEU A 85 5.65 5.41 9.76
CA LEU A 85 5.87 6.53 8.87
C LEU A 85 5.74 7.83 9.64
N MET A 21 2.26 14.08 11.99
CA MET A 21 1.84 12.82 12.65
C MET A 21 0.34 12.62 12.48
N ASN A 22 -0.05 11.76 11.54
CA ASN A 22 -1.45 11.54 11.26
C ASN A 22 -1.74 10.04 11.27
N SER A 23 -2.98 9.69 10.96
CA SER A 23 -3.37 8.29 10.89
C SER A 23 -2.92 7.68 9.57
N ASP A 24 -3.23 8.35 8.48
CA ASP A 24 -2.85 7.87 7.16
C ASP A 24 -2.10 8.94 6.38
N VAL A 25 -1.02 8.52 5.75
CA VAL A 25 -0.26 9.40 4.87
C VAL A 25 -0.09 8.75 3.50
N ILE A 26 -0.86 7.69 3.25
CA ILE A 26 -0.75 6.93 2.00
C ILE A 26 -1.72 7.47 0.96
N LYS A 27 -2.71 8.24 1.43
CA LYS A 27 -3.66 8.89 0.53
C LYS A 27 -2.94 9.97 -0.30
N GLY A 28 -1.71 10.26 0.10
CA GLY A 28 -0.86 11.16 -0.64
C GLY A 28 0.57 10.68 -0.60
N LYS A 29 1.47 11.39 -1.28
CA LYS A 29 2.90 11.05 -1.27
C LYS A 29 3.15 9.65 -1.82
N TRP A 30 2.15 9.10 -2.51
CA TRP A 30 2.21 7.72 -2.99
C TRP A 30 3.47 7.48 -3.84
N LYS A 31 3.80 8.45 -4.68
CA LYS A 31 4.96 8.33 -5.57
C LYS A 31 6.26 8.20 -4.78
N GLN A 32 6.25 8.68 -3.55
CA GLN A 32 7.41 8.54 -2.67
C GLN A 32 7.28 7.30 -1.81
N LEU A 33 6.06 6.86 -1.58
CA LEU A 33 5.80 5.72 -0.72
C LEU A 33 5.97 4.41 -1.47
N THR A 34 5.55 4.36 -2.74
CA THR A 34 5.62 3.15 -3.55
C THR A 34 7.02 2.51 -3.52
N GLY A 35 8.05 3.35 -3.55
CA GLY A 35 9.42 2.85 -3.50
C GLY A 35 9.69 2.10 -2.21
N LYS A 36 9.11 2.58 -1.12
CA LYS A 36 9.33 1.98 0.19
C LYS A 36 8.31 0.88 0.45
N ILE A 37 7.22 0.90 -0.30
CA ILE A 37 6.23 -0.16 -0.24
C ILE A 37 6.80 -1.45 -0.83
N LYS A 38 7.48 -1.30 -1.98
CA LYS A 38 8.18 -2.42 -2.59
C LYS A 38 9.33 -2.87 -1.70
N GLU A 39 9.87 -1.94 -0.92
CA GLU A 39 10.89 -2.25 0.07
C GLU A 39 10.34 -3.20 1.11
N ARG A 40 9.17 -2.89 1.63
CA ARG A 40 8.51 -3.71 2.64
C ARG A 40 8.02 -5.02 2.04
N TRP A 41 7.03 -4.93 1.17
CA TRP A 41 6.47 -6.11 0.54
C TRP A 41 7.23 -6.41 -0.75
N GLY A 42 8.16 -7.35 -0.68
CA GLY A 42 9.05 -7.63 -1.79
C GLY A 42 8.36 -8.27 -2.99
N ASP A 43 7.06 -8.53 -2.87
CA ASP A 43 6.33 -9.12 -3.97
C ASP A 43 5.50 -8.06 -4.69
N LEU A 44 5.39 -6.88 -4.07
CA LEU A 44 4.71 -5.76 -4.71
C LEU A 44 5.67 -5.04 -5.63
N THR A 45 5.57 -5.34 -6.91
CA THR A 45 6.45 -4.74 -7.90
C THR A 45 5.99 -3.33 -8.27
N ASP A 46 6.95 -2.49 -8.65
CA ASP A 46 6.66 -1.09 -8.93
C ASP A 46 5.85 -0.93 -10.22
N ASP A 47 5.71 -2.03 -10.95
CA ASP A 47 4.82 -2.07 -12.11
C ASP A 47 3.36 -1.98 -11.64
N ASP A 48 3.11 -2.58 -10.50
CA ASP A 48 1.75 -2.63 -9.94
C ASP A 48 1.53 -1.44 -9.03
N LEU A 49 2.59 -1.00 -8.38
CA LEU A 49 2.54 0.16 -7.49
C LEU A 49 2.64 1.46 -8.28
N GLN A 50 2.55 1.34 -9.60
CA GLN A 50 2.47 2.51 -10.48
C GLN A 50 1.20 3.28 -10.17
N ALA A 51 1.36 4.55 -9.82
CA ALA A 51 0.25 5.36 -9.35
C ALA A 51 -0.78 5.66 -10.44
N ALA A 52 -1.75 4.78 -10.55
CA ALA A 52 -2.92 5.05 -11.37
C ALA A 52 -3.95 5.80 -10.54
N ASP A 53 -4.18 5.29 -9.34
CA ASP A 53 -5.11 5.90 -8.40
C ASP A 53 -4.50 5.88 -7.01
N GLY A 54 -3.90 6.99 -6.60
CA GLY A 54 -3.09 7.00 -5.39
C GLY A 54 -3.89 7.19 -4.12
N HIS A 55 -3.99 6.12 -3.33
CA HIS A 55 -4.61 6.17 -2.00
C HIS A 55 -4.42 4.83 -1.28
N ALA A 56 -4.63 4.82 0.03
CA ALA A 56 -4.36 3.65 0.86
C ALA A 56 -5.25 2.46 0.49
N GLU A 57 -6.51 2.75 0.20
CA GLU A 57 -7.46 1.71 -0.20
C GLU A 57 -6.98 0.98 -1.46
N TYR A 58 -6.23 1.71 -2.30
CA TYR A 58 -5.67 1.14 -3.52
C TYR A 58 -4.58 0.13 -3.18
N LEU A 59 -3.81 0.45 -2.14
CA LEU A 59 -2.78 -0.45 -1.65
C LEU A 59 -3.41 -1.74 -1.16
N VAL A 60 -4.51 -1.60 -0.42
CA VAL A 60 -5.27 -2.74 0.06
C VAL A 60 -5.69 -3.63 -1.11
N GLY A 61 -6.21 -2.99 -2.14
CA GLY A 61 -6.64 -3.71 -3.34
C GLY A 61 -5.49 -4.46 -3.99
N LYS A 62 -4.35 -3.81 -4.12
CA LYS A 62 -3.19 -4.41 -4.75
C LYS A 62 -2.64 -5.56 -3.90
N LEU A 63 -2.79 -5.47 -2.60
CA LEU A 63 -2.41 -6.56 -1.71
C LEU A 63 -3.28 -7.78 -1.98
N GLN A 64 -4.53 -7.54 -2.35
CA GLN A 64 -5.46 -8.62 -2.66
C GLN A 64 -5.24 -9.13 -4.08
N GLU A 65 -4.68 -8.28 -4.94
CA GLU A 65 -4.39 -8.66 -6.32
C GLU A 65 -3.10 -9.46 -6.42
N ARG A 66 -2.04 -8.96 -5.79
CA ARG A 66 -0.73 -9.57 -5.90
C ARG A 66 -0.54 -10.69 -4.87
N TYR A 67 -0.85 -10.40 -3.61
CA TYR A 67 -0.69 -11.39 -2.55
C TYR A 67 -1.94 -12.25 -2.44
N GLY A 68 -3.10 -11.60 -2.44
CA GLY A 68 -4.36 -12.30 -2.32
C GLY A 68 -4.81 -12.42 -0.89
N TRP A 69 -4.59 -11.36 -0.11
CA TRP A 69 -4.93 -11.37 1.30
C TRP A 69 -6.40 -11.04 1.51
N SER A 70 -6.87 -11.34 2.71
CA SER A 70 -8.23 -10.99 3.12
C SER A 70 -8.33 -9.47 3.28
N LYS A 71 -9.56 -8.96 3.21
CA LYS A 71 -9.80 -7.53 3.23
C LYS A 71 -9.24 -6.90 4.50
N GLU A 72 -9.64 -7.44 5.65
CA GLU A 72 -9.22 -6.90 6.94
C GLU A 72 -7.72 -7.07 7.14
N ARG A 73 -7.19 -8.22 6.72
CA ARG A 73 -5.76 -8.51 6.87
C ARG A 73 -4.92 -7.48 6.13
N ALA A 74 -5.29 -7.22 4.88
CA ALA A 74 -4.57 -6.25 4.06
C ALA A 74 -4.60 -4.86 4.71
N GLU A 75 -5.79 -4.43 5.13
CA GLU A 75 -5.94 -3.13 5.75
C GLU A 75 -5.11 -3.01 7.03
N GLN A 76 -5.14 -4.05 7.84
CA GLN A 76 -4.35 -4.09 9.08
C GLN A 76 -2.87 -3.87 8.81
N GLU A 77 -2.37 -4.40 7.70
CA GLU A 77 -0.96 -4.24 7.36
C GLU A 77 -0.70 -2.90 6.69
N VAL A 78 -1.70 -2.37 6.00
CA VAL A 78 -1.59 -1.04 5.40
C VAL A 78 -1.45 0.01 6.50
N ARG A 79 -2.31 -0.07 7.52
CA ARG A 79 -2.26 0.87 8.63
C ARG A 79 -1.05 0.58 9.53
N ASP A 80 -0.44 -0.58 9.34
CA ASP A 80 0.78 -0.92 10.06
C ASP A 80 1.99 -0.30 9.38
N PHE A 81 1.90 -0.18 8.06
CA PHE A 81 2.92 0.47 7.27
C PHE A 81 3.05 1.93 7.68
N SER A 82 1.91 2.58 7.90
CA SER A 82 1.88 3.98 8.32
C SER A 82 2.39 4.15 9.75
N ASP A 83 2.44 3.05 10.50
CA ASP A 83 2.90 3.09 11.88
C ASP A 83 4.41 3.27 11.94
N ARG A 84 5.10 2.73 10.94
CA ARG A 84 6.55 2.86 10.86
C ARG A 84 6.96 3.62 9.61
N LEU A 85 6.75 4.92 9.65
CA LEU A 85 7.15 5.80 8.55
C LEU A 85 7.72 7.10 9.11
N MET A 21 -11.20 12.26 10.61
CA MET A 21 -9.76 11.90 10.49
C MET A 21 -9.49 11.20 9.16
N ASN A 22 -10.48 11.17 8.29
CA ASN A 22 -10.31 10.56 6.97
C ASN A 22 -9.67 11.56 6.02
N SER A 23 -8.35 11.59 6.04
CA SER A 23 -7.59 12.42 5.13
C SER A 23 -6.67 11.55 4.27
N ASP A 24 -6.25 10.42 4.84
CA ASP A 24 -5.39 9.45 4.16
C ASP A 24 -4.00 10.00 3.90
N VAL A 25 -3.02 9.50 4.65
CA VAL A 25 -1.65 9.98 4.53
C VAL A 25 -0.89 9.26 3.42
N ILE A 26 -1.48 8.18 2.90
CA ILE A 26 -0.84 7.37 1.87
C ILE A 26 -1.18 7.93 0.49
N LYS A 27 -2.24 8.73 0.44
CA LYS A 27 -2.61 9.43 -0.77
C LYS A 27 -1.56 10.49 -1.11
N GLY A 28 -0.85 10.93 -0.09
CA GLY A 28 0.19 11.93 -0.29
C GLY A 28 1.56 11.31 -0.33
N LYS A 29 2.43 11.85 -1.17
CA LYS A 29 3.80 11.36 -1.33
C LYS A 29 3.82 9.94 -1.87
N TRP A 30 2.78 9.56 -2.61
CA TRP A 30 2.69 8.23 -3.21
C TRP A 30 3.86 8.01 -4.16
N LYS A 31 4.34 9.10 -4.76
CA LYS A 31 5.47 9.05 -5.68
C LYS A 31 6.75 8.61 -4.96
N GLN A 32 6.77 8.82 -3.64
CA GLN A 32 7.90 8.40 -2.82
C GLN A 32 7.59 7.07 -2.13
N LEU A 33 6.38 6.98 -1.58
CA LEU A 33 5.97 5.84 -0.76
C LEU A 33 5.99 4.54 -1.53
N THR A 34 5.86 4.60 -2.85
CA THR A 34 5.87 3.42 -3.69
C THR A 34 7.09 2.56 -3.42
N GLY A 35 8.25 3.20 -3.27
CA GLY A 35 9.47 2.48 -2.97
C GLY A 35 9.40 1.76 -1.63
N LYS A 36 8.86 2.44 -0.62
CA LYS A 36 8.74 1.86 0.71
C LYS A 36 7.70 0.74 0.71
N ILE A 37 6.64 0.91 -0.07
CA ILE A 37 5.62 -0.13 -0.21
C ILE A 37 6.23 -1.36 -0.88
N LYS A 38 7.00 -1.11 -1.92
CA LYS A 38 7.69 -2.16 -2.66
C LYS A 38 8.66 -2.92 -1.77
N GLU A 39 9.46 -2.17 -1.01
CA GLU A 39 10.45 -2.75 -0.12
C GLU A 39 9.81 -3.31 1.15
N ARG A 40 8.58 -2.92 1.43
CA ARG A 40 7.85 -3.41 2.59
C ARG A 40 7.51 -4.88 2.43
N TRP A 41 6.77 -5.20 1.38
CA TRP A 41 6.30 -6.57 1.18
C TRP A 41 7.25 -7.34 0.25
N GLY A 42 7.84 -6.64 -0.70
CA GLY A 42 8.87 -7.25 -1.53
C GLY A 42 8.40 -7.67 -2.90
N ASP A 43 7.27 -8.37 -2.96
CA ASP A 43 6.79 -8.93 -4.22
C ASP A 43 6.00 -7.89 -5.03
N LEU A 44 5.67 -6.79 -4.38
CA LEU A 44 4.97 -5.70 -5.06
C LEU A 44 5.92 -4.99 -6.01
N THR A 45 5.49 -4.82 -7.25
CA THR A 45 6.31 -4.19 -8.26
C THR A 45 6.10 -2.69 -8.28
N ASP A 46 7.09 -1.96 -8.77
CA ASP A 46 7.01 -0.52 -8.92
C ASP A 46 5.91 -0.15 -9.90
N ASP A 47 5.77 -0.98 -10.93
CA ASP A 47 4.81 -0.74 -12.01
C ASP A 47 3.37 -0.78 -11.49
N ASP A 48 3.07 -1.79 -10.67
CA ASP A 48 1.72 -1.95 -10.13
C ASP A 48 1.36 -0.78 -9.22
N LEU A 49 2.36 -0.19 -8.59
CA LEU A 49 2.14 0.88 -7.62
C LEU A 49 2.04 2.25 -8.29
N GLN A 50 2.96 2.54 -9.21
CA GLN A 50 2.99 3.85 -9.89
C GLN A 50 1.76 4.06 -10.77
N ALA A 51 0.99 3.01 -10.96
CA ALA A 51 -0.18 3.03 -11.83
C ALA A 51 -1.20 4.10 -11.44
N ALA A 52 -1.59 4.11 -10.17
CA ALA A 52 -2.75 4.90 -9.75
C ALA A 52 -2.37 6.13 -8.94
N ASP A 53 -3.36 6.69 -8.25
CA ASP A 53 -3.19 7.89 -7.43
C ASP A 53 -2.54 7.53 -6.11
N GLY A 54 -3.03 6.46 -5.49
CA GLY A 54 -2.46 6.00 -4.24
C GLY A 54 -3.51 5.69 -3.21
N HIS A 55 -3.36 6.28 -2.04
CA HIS A 55 -4.30 6.15 -0.90
C HIS A 55 -4.53 4.68 -0.46
N ALA A 56 -4.96 4.51 0.79
CA ALA A 56 -5.04 3.20 1.43
C ALA A 56 -5.90 2.19 0.65
N GLU A 57 -7.04 2.66 0.15
CA GLU A 57 -7.97 1.80 -0.61
C GLU A 57 -7.26 1.03 -1.72
N TYR A 58 -6.30 1.66 -2.37
CA TYR A 58 -5.64 1.05 -3.51
C TYR A 58 -4.68 -0.05 -3.05
N LEU A 59 -4.12 0.13 -1.85
CA LEU A 59 -3.24 -0.87 -1.27
C LEU A 59 -4.00 -2.17 -1.08
N VAL A 60 -5.19 -2.06 -0.50
CA VAL A 60 -6.04 -3.23 -0.28
C VAL A 60 -6.28 -3.96 -1.59
N GLY A 61 -6.43 -3.20 -2.67
CA GLY A 61 -6.59 -3.80 -3.98
C GLY A 61 -5.36 -4.57 -4.42
N LYS A 62 -4.22 -3.88 -4.46
CA LYS A 62 -2.96 -4.49 -4.92
C LYS A 62 -2.55 -5.66 -4.04
N LEU A 63 -2.80 -5.55 -2.75
CA LEU A 63 -2.40 -6.57 -1.78
C LEU A 63 -3.23 -7.84 -1.98
N GLN A 64 -4.49 -7.69 -2.37
CA GLN A 64 -5.34 -8.84 -2.65
C GLN A 64 -5.09 -9.39 -4.05
N GLU A 65 -4.66 -8.53 -4.96
CA GLU A 65 -4.30 -8.96 -6.30
C GLU A 65 -3.01 -9.77 -6.29
N ARG A 66 -1.95 -9.16 -5.80
CA ARG A 66 -0.62 -9.76 -5.84
C ARG A 66 -0.51 -10.92 -4.85
N TYR A 67 -0.92 -10.69 -3.61
CA TYR A 67 -0.86 -11.72 -2.58
C TYR A 67 -2.21 -12.41 -2.44
N GLY A 68 -3.18 -11.69 -1.90
CA GLY A 68 -4.50 -12.25 -1.74
C GLY A 68 -4.83 -12.57 -0.29
N TRP A 69 -4.60 -11.62 0.60
CA TRP A 69 -4.96 -11.80 2.00
C TRP A 69 -6.42 -11.44 2.21
N SER A 70 -6.97 -11.84 3.33
CA SER A 70 -8.31 -11.43 3.72
C SER A 70 -8.38 -9.91 3.82
N LYS A 71 -9.54 -9.34 3.53
CA LYS A 71 -9.72 -7.90 3.53
C LYS A 71 -9.35 -7.30 4.89
N GLU A 72 -9.74 -7.98 5.97
CA GLU A 72 -9.41 -7.55 7.31
C GLU A 72 -7.90 -7.54 7.50
N ARG A 73 -7.27 -8.65 7.13
CA ARG A 73 -5.82 -8.81 7.24
C ARG A 73 -5.08 -7.78 6.39
N ALA A 74 -5.65 -7.44 5.25
CA ALA A 74 -5.08 -6.43 4.38
C ALA A 74 -5.03 -5.08 5.08
N GLU A 75 -6.17 -4.66 5.63
CA GLU A 75 -6.26 -3.41 6.38
C GLU A 75 -5.25 -3.39 7.53
N GLN A 76 -5.15 -4.52 8.21
CA GLN A 76 -4.22 -4.69 9.31
C GLN A 76 -2.80 -4.31 8.89
N GLU A 77 -2.33 -4.90 7.81
CA GLU A 77 -0.97 -4.67 7.35
C GLU A 77 -0.78 -3.25 6.83
N VAL A 78 -1.85 -2.64 6.33
CA VAL A 78 -1.80 -1.25 5.90
C VAL A 78 -1.52 -0.33 7.08
N ARG A 79 -2.15 -0.63 8.22
CA ARG A 79 -1.96 0.18 9.43
C ARG A 79 -0.52 0.04 9.95
N ASP A 80 0.03 -1.16 9.87
CA ASP A 80 1.40 -1.39 10.30
C ASP A 80 2.38 -0.69 9.37
N PHE A 81 1.96 -0.42 8.15
CA PHE A 81 2.79 0.30 7.20
C PHE A 81 2.95 1.75 7.62
N SER A 82 1.89 2.35 8.16
CA SER A 82 1.94 3.73 8.59
C SER A 82 2.74 3.90 9.88
N ASP A 83 3.19 2.79 10.45
CA ASP A 83 4.10 2.84 11.59
C ASP A 83 5.51 3.09 11.08
N ARG A 84 5.92 2.29 10.11
CA ARG A 84 7.20 2.48 9.45
C ARG A 84 6.97 3.15 8.11
N LEU A 85 6.57 4.40 8.18
CA LEU A 85 6.33 5.21 6.99
C LEU A 85 7.30 6.38 6.99
N MET A 21 -3.60 7.57 11.65
CA MET A 21 -4.35 7.51 10.38
C MET A 21 -5.52 8.49 10.46
N ASN A 22 -5.52 9.48 9.58
CA ASN A 22 -6.57 10.49 9.59
C ASN A 22 -7.21 10.60 8.19
N SER A 23 -6.53 11.31 7.30
CA SER A 23 -7.05 11.52 5.96
C SER A 23 -6.30 10.65 4.96
N ASP A 24 -5.45 9.77 5.49
CA ASP A 24 -4.61 8.88 4.67
C ASP A 24 -3.53 9.67 3.93
N VAL A 25 -2.28 9.38 4.26
CA VAL A 25 -1.16 10.09 3.69
C VAL A 25 -0.66 9.42 2.40
N ILE A 26 -1.13 8.20 2.15
CA ILE A 26 -0.68 7.45 0.98
C ILE A 26 -1.18 8.11 -0.31
N LYS A 27 -2.25 8.90 -0.17
CA LYS A 27 -2.79 9.66 -1.29
C LYS A 27 -1.76 10.64 -1.84
N GLY A 28 -0.92 11.16 -0.96
CA GLY A 28 0.04 12.18 -1.36
C GLY A 28 1.48 11.72 -1.30
N LYS A 29 1.73 10.59 -0.64
CA LYS A 29 3.10 10.09 -0.49
C LYS A 29 3.33 8.84 -1.34
N TRP A 30 2.39 8.56 -2.24
CA TRP A 30 2.45 7.36 -3.08
C TRP A 30 3.81 7.22 -3.77
N LYS A 31 4.21 8.24 -4.52
CA LYS A 31 5.45 8.17 -5.27
C LYS A 31 6.67 8.25 -4.34
N GLN A 32 6.45 8.72 -3.12
CA GLN A 32 7.51 8.77 -2.12
C GLN A 32 7.72 7.39 -1.52
N LEU A 33 6.70 6.55 -1.65
CA LEU A 33 6.70 5.24 -1.03
C LEU A 33 6.93 4.13 -2.05
N THR A 34 7.26 4.53 -3.27
CA THR A 34 7.45 3.58 -4.37
C THR A 34 8.54 2.55 -4.07
N GLY A 35 9.55 2.94 -3.32
CA GLY A 35 10.58 2.01 -2.93
C GLY A 35 10.30 1.38 -1.59
N LYS A 36 9.76 2.18 -0.68
CA LYS A 36 9.50 1.78 0.69
C LYS A 36 8.48 0.64 0.77
N ILE A 37 7.40 0.76 0.01
CA ILE A 37 6.36 -0.27 -0.01
C ILE A 37 6.91 -1.60 -0.50
N LYS A 38 7.81 -1.53 -1.48
CA LYS A 38 8.41 -2.73 -2.07
C LYS A 38 9.34 -3.40 -1.05
N GLU A 39 9.91 -2.60 -0.16
CA GLU A 39 10.76 -3.12 0.89
C GLU A 39 9.93 -3.75 2.01
N ARG A 40 8.75 -3.18 2.25
CA ARG A 40 7.84 -3.69 3.26
C ARG A 40 7.35 -5.09 2.88
N TRP A 41 6.99 -5.27 1.62
CA TRP A 41 6.52 -6.57 1.15
C TRP A 41 7.52 -7.20 0.18
N GLY A 42 7.35 -7.00 -1.12
CA GLY A 42 8.33 -7.51 -2.06
C GLY A 42 7.76 -7.86 -3.42
N ASP A 43 6.64 -8.58 -3.45
CA ASP A 43 6.08 -9.10 -4.71
C ASP A 43 5.46 -7.96 -5.52
N LEU A 44 5.12 -6.88 -4.84
CA LEU A 44 4.57 -5.69 -5.49
C LEU A 44 5.62 -5.07 -6.41
N THR A 45 5.34 -5.03 -7.70
CA THR A 45 6.26 -4.48 -8.67
C THR A 45 6.14 -2.96 -8.74
N ASP A 46 7.06 -2.33 -9.48
CA ASP A 46 7.14 -0.88 -9.53
C ASP A 46 5.97 -0.28 -10.29
N ASP A 47 5.32 -1.09 -11.12
CA ASP A 47 4.16 -0.64 -11.88
C ASP A 47 2.91 -0.72 -11.02
N ASP A 48 2.88 -1.67 -10.08
CA ASP A 48 1.78 -1.75 -9.12
C ASP A 48 1.94 -0.67 -8.07
N LEU A 49 3.18 -0.23 -7.89
CA LEU A 49 3.49 0.86 -6.98
C LEU A 49 3.49 2.18 -7.73
N GLN A 50 2.84 2.19 -8.88
CA GLN A 50 2.64 3.39 -9.66
C GLN A 50 1.24 3.32 -10.28
N ALA A 51 0.86 4.33 -11.05
CA ALA A 51 -0.49 4.39 -11.63
C ALA A 51 -1.54 4.36 -10.54
N ALA A 52 -1.30 5.14 -9.50
CA ALA A 52 -2.12 5.12 -8.30
C ALA A 52 -3.52 5.65 -8.55
N ASP A 53 -4.49 5.05 -7.89
CA ASP A 53 -5.83 5.61 -7.84
C ASP A 53 -5.84 6.74 -6.80
N GLY A 54 -4.82 6.73 -5.95
CA GLY A 54 -4.57 7.85 -5.06
C GLY A 54 -5.20 7.71 -3.69
N HIS A 55 -4.91 6.61 -2.99
CA HIS A 55 -5.40 6.39 -1.62
C HIS A 55 -5.02 5.00 -1.11
N ALA A 56 -4.97 4.87 0.22
CA ALA A 56 -4.56 3.64 0.89
C ALA A 56 -5.41 2.44 0.49
N GLU A 57 -6.72 2.64 0.30
CA GLU A 57 -7.61 1.55 -0.06
C GLU A 57 -7.17 0.88 -1.36
N TYR A 58 -6.47 1.63 -2.21
CA TYR A 58 -5.95 1.09 -3.45
C TYR A 58 -4.80 0.14 -3.18
N LEU A 59 -4.02 0.46 -2.15
CA LEU A 59 -2.93 -0.40 -1.73
C LEU A 59 -3.48 -1.68 -1.13
N VAL A 60 -4.55 -1.54 -0.35
CA VAL A 60 -5.25 -2.69 0.22
C VAL A 60 -5.75 -3.60 -0.90
N GLY A 61 -6.37 -2.99 -1.90
CA GLY A 61 -6.84 -3.73 -3.06
C GLY A 61 -5.70 -4.43 -3.77
N LYS A 62 -4.58 -3.75 -3.91
CA LYS A 62 -3.40 -4.31 -4.55
C LYS A 62 -2.84 -5.49 -3.74
N LEU A 63 -3.00 -5.46 -2.44
CA LEU A 63 -2.57 -6.57 -1.59
C LEU A 63 -3.45 -7.79 -1.83
N GLN A 64 -4.75 -7.54 -2.05
CA GLN A 64 -5.69 -8.62 -2.33
C GLN A 64 -5.53 -9.10 -3.77
N GLU A 65 -4.94 -8.26 -4.61
CA GLU A 65 -4.76 -8.57 -6.02
C GLU A 65 -3.44 -9.29 -6.25
N ARG A 66 -2.35 -8.73 -5.75
CA ARG A 66 -1.01 -9.26 -5.97
C ARG A 66 -0.76 -10.47 -5.07
N TYR A 67 -1.10 -10.34 -3.79
CA TYR A 67 -0.89 -11.41 -2.83
C TYR A 67 -2.15 -12.26 -2.67
N GLY A 68 -3.27 -11.59 -2.41
CA GLY A 68 -4.54 -12.29 -2.30
C GLY A 68 -4.88 -12.64 -0.87
N TRP A 69 -4.64 -11.72 0.05
CA TRP A 69 -5.04 -11.93 1.44
C TRP A 69 -6.47 -11.48 1.63
N SER A 70 -6.99 -11.66 2.83
CA SER A 70 -8.30 -11.14 3.17
C SER A 70 -8.21 -9.63 3.33
N LYS A 71 -9.34 -8.94 3.16
CA LYS A 71 -9.37 -7.48 3.22
C LYS A 71 -8.87 -6.98 4.57
N GLU A 72 -9.38 -7.56 5.64
CA GLU A 72 -8.98 -7.18 6.99
C GLU A 72 -7.49 -7.44 7.19
N ARG A 73 -7.04 -8.61 6.74
CA ARG A 73 -5.63 -9.00 6.81
C ARG A 73 -4.76 -7.95 6.10
N ALA A 74 -5.24 -7.48 4.97
CA ALA A 74 -4.53 -6.47 4.19
C ALA A 74 -4.49 -5.14 4.93
N GLU A 75 -5.63 -4.74 5.50
CA GLU A 75 -5.72 -3.50 6.25
C GLU A 75 -4.75 -3.48 7.42
N GLN A 76 -4.66 -4.60 8.11
CA GLN A 76 -3.75 -4.76 9.25
C GLN A 76 -2.30 -4.53 8.82
N GLU A 77 -1.94 -5.09 7.67
CA GLU A 77 -0.60 -4.92 7.12
C GLU A 77 -0.34 -3.46 6.74
N VAL A 78 -1.36 -2.80 6.20
CA VAL A 78 -1.26 -1.38 5.86
C VAL A 78 -1.10 -0.54 7.12
N ARG A 79 -1.80 -0.93 8.18
CA ARG A 79 -1.71 -0.23 9.46
C ARG A 79 -0.30 -0.35 10.04
N ASP A 80 0.34 -1.48 9.77
CA ASP A 80 1.73 -1.67 10.19
C ASP A 80 2.62 -0.69 9.44
N PHE A 81 2.54 -0.73 8.13
CA PHE A 81 3.37 0.11 7.26
C PHE A 81 3.17 1.60 7.55
N SER A 82 1.92 2.00 7.78
CA SER A 82 1.60 3.40 8.01
C SER A 82 2.13 3.88 9.37
N ASP A 83 2.43 2.94 10.27
CA ASP A 83 2.99 3.29 11.57
C ASP A 83 4.45 3.67 11.42
N ARG A 84 5.07 3.20 10.34
CA ARG A 84 6.47 3.49 10.07
C ARG A 84 6.62 4.75 9.23
N LEU A 85 5.50 5.45 9.02
CA LEU A 85 5.51 6.67 8.22
C LEU A 85 5.58 7.90 9.13
N MET A 21 -1.21 15.57 5.97
CA MET A 21 -2.19 15.34 7.04
C MET A 21 -2.29 13.84 7.35
N ASN A 22 -2.89 13.53 8.49
CA ASN A 22 -2.94 12.16 9.00
C ASN A 22 -3.62 11.20 8.02
N SER A 23 -4.82 11.56 7.57
CA SER A 23 -5.59 10.70 6.67
C SER A 23 -4.97 10.68 5.26
N ASP A 24 -4.07 11.61 5.00
CA ASP A 24 -3.42 11.72 3.71
C ASP A 24 -2.02 11.14 3.76
N VAL A 25 -1.80 10.22 4.69
CA VAL A 25 -0.47 9.64 4.91
C VAL A 25 0.04 8.91 3.67
N ILE A 26 -0.68 7.90 3.20
CA ILE A 26 -0.28 7.18 1.99
C ILE A 26 -0.95 7.82 0.77
N LYS A 27 -2.10 8.43 1.00
CA LYS A 27 -2.86 9.12 -0.03
C LYS A 27 -2.00 10.20 -0.69
N GLY A 28 -1.18 10.84 0.11
CA GLY A 28 -0.22 11.81 -0.41
C GLY A 28 1.19 11.33 -0.21
N LYS A 29 2.06 11.65 -1.18
CA LYS A 29 3.46 11.19 -1.20
C LYS A 29 3.53 9.75 -1.70
N TRP A 30 2.45 9.29 -2.32
CA TRP A 30 2.36 7.95 -2.89
C TRP A 30 3.55 7.65 -3.80
N LYS A 31 3.91 8.62 -4.63
CA LYS A 31 5.00 8.43 -5.59
C LYS A 31 6.36 8.40 -4.91
N GLN A 32 6.43 8.94 -3.69
CA GLN A 32 7.66 8.95 -2.93
C GLN A 32 7.76 7.72 -2.05
N LEU A 33 6.61 7.23 -1.62
CA LEU A 33 6.54 6.07 -0.74
C LEU A 33 6.68 4.77 -1.53
N THR A 34 6.64 4.89 -2.86
CA THR A 34 6.70 3.74 -3.76
C THR A 34 7.80 2.75 -3.39
N GLY A 35 9.03 3.23 -3.29
CA GLY A 35 10.16 2.38 -2.98
C GLY A 35 10.04 1.68 -1.64
N LYS A 36 9.40 2.33 -0.70
CA LYS A 36 9.26 1.81 0.66
C LYS A 36 8.11 0.81 0.73
N ILE A 37 7.02 1.12 0.03
CA ILE A 37 5.87 0.23 -0.08
C ILE A 37 6.29 -1.06 -0.79
N LYS A 38 6.97 -0.88 -1.92
CA LYS A 38 7.47 -1.97 -2.74
C LYS A 38 8.31 -2.94 -1.93
N GLU A 39 9.27 -2.41 -1.18
CA GLU A 39 10.29 -3.22 -0.57
C GLU A 39 9.84 -3.79 0.78
N ARG A 40 8.67 -3.40 1.25
CA ARG A 40 8.14 -3.95 2.49
C ARG A 40 7.63 -5.37 2.23
N TRP A 41 6.73 -5.48 1.26
CA TRP A 41 6.16 -6.77 0.91
C TRP A 41 7.08 -7.54 -0.02
N GLY A 42 7.75 -6.82 -0.91
CA GLY A 42 8.74 -7.44 -1.77
C GLY A 42 8.17 -7.92 -3.08
N ASP A 43 6.91 -8.32 -3.09
CA ASP A 43 6.27 -8.82 -4.30
C ASP A 43 5.73 -7.66 -5.14
N LEU A 44 5.26 -6.62 -4.47
CA LEU A 44 4.75 -5.43 -5.15
C LEU A 44 5.83 -4.83 -6.04
N THR A 45 5.48 -4.56 -7.28
CA THR A 45 6.43 -3.94 -8.20
C THR A 45 6.19 -2.43 -8.25
N ASP A 46 7.19 -1.69 -8.70
CA ASP A 46 7.06 -0.24 -8.82
C ASP A 46 6.13 0.09 -9.98
N ASP A 47 5.80 -0.92 -10.78
CA ASP A 47 4.83 -0.79 -11.86
C ASP A 47 3.41 -0.71 -11.30
N ASP A 48 3.14 -1.53 -10.30
CA ASP A 48 1.85 -1.52 -9.62
C ASP A 48 1.67 -0.22 -8.86
N LEU A 49 2.78 0.33 -8.40
CA LEU A 49 2.75 1.49 -7.53
C LEU A 49 2.85 2.81 -8.31
N GLN A 50 2.76 2.72 -9.63
CA GLN A 50 2.72 3.91 -10.48
C GLN A 50 1.49 3.85 -11.37
N ALA A 51 0.54 3.03 -10.97
CA ALA A 51 -0.62 2.72 -11.79
C ALA A 51 -1.78 3.68 -11.54
N ALA A 52 -2.26 3.74 -10.32
CA ALA A 52 -3.53 4.41 -10.03
C ALA A 52 -3.38 5.58 -9.08
N ASP A 53 -4.48 5.94 -8.42
CA ASP A 53 -4.58 7.14 -7.56
C ASP A 53 -3.45 7.22 -6.54
N GLY A 54 -3.57 6.43 -5.47
CA GLY A 54 -2.60 6.51 -4.40
C GLY A 54 -3.22 6.25 -3.04
N HIS A 55 -4.52 6.48 -2.92
CA HIS A 55 -5.24 6.19 -1.69
C HIS A 55 -4.94 4.75 -1.22
N ALA A 56 -4.61 4.61 0.06
CA ALA A 56 -4.17 3.33 0.63
C ALA A 56 -5.14 2.20 0.32
N GLU A 57 -6.42 2.54 0.24
CA GLU A 57 -7.47 1.59 -0.11
C GLU A 57 -7.12 0.81 -1.40
N TYR A 58 -6.46 1.50 -2.32
CA TYR A 58 -6.11 0.90 -3.61
C TYR A 58 -5.05 -0.17 -3.44
N LEU A 59 -4.04 0.11 -2.61
CA LEU A 59 -2.94 -0.83 -2.43
C LEU A 59 -3.44 -2.05 -1.64
N VAL A 60 -4.53 -1.86 -0.89
CA VAL A 60 -5.22 -2.97 -0.24
C VAL A 60 -5.70 -3.97 -1.28
N GLY A 61 -6.31 -3.45 -2.34
CA GLY A 61 -6.73 -4.30 -3.44
C GLY A 61 -5.56 -4.96 -4.13
N LYS A 62 -4.44 -4.24 -4.21
CA LYS A 62 -3.21 -4.77 -4.77
C LYS A 62 -2.67 -5.93 -3.92
N LEU A 63 -2.85 -5.83 -2.61
CA LEU A 63 -2.46 -6.91 -1.71
C LEU A 63 -3.33 -8.14 -1.95
N GLN A 64 -4.60 -7.89 -2.25
CA GLN A 64 -5.53 -8.98 -2.58
C GLN A 64 -5.20 -9.57 -3.94
N GLU A 65 -4.67 -8.73 -4.83
CA GLU A 65 -4.29 -9.16 -6.16
C GLU A 65 -3.03 -10.01 -6.11
N ARG A 66 -1.95 -9.44 -5.59
CA ARG A 66 -0.65 -10.09 -5.60
C ARG A 66 -0.60 -11.28 -4.65
N TYR A 67 -1.14 -11.11 -3.46
CA TYR A 67 -1.13 -12.18 -2.46
C TYR A 67 -2.49 -12.85 -2.38
N GLY A 68 -3.50 -12.09 -2.01
CA GLY A 68 -4.83 -12.63 -1.89
C GLY A 68 -5.24 -12.83 -0.45
N TRP A 69 -5.10 -11.78 0.36
CA TRP A 69 -5.47 -11.85 1.76
C TRP A 69 -6.90 -11.40 1.96
N SER A 70 -7.42 -11.64 3.16
CA SER A 70 -8.71 -11.12 3.56
C SER A 70 -8.59 -9.63 3.83
N LYS A 71 -9.71 -8.92 3.76
CA LYS A 71 -9.72 -7.46 3.84
C LYS A 71 -9.12 -6.96 5.16
N GLU A 72 -9.52 -7.58 6.27
CA GLU A 72 -9.04 -7.17 7.58
C GLU A 72 -7.54 -7.36 7.72
N ARG A 73 -7.02 -8.38 7.04
CA ARG A 73 -5.60 -8.68 7.08
C ARG A 73 -4.83 -7.67 6.25
N ALA A 74 -5.35 -7.39 5.06
CA ALA A 74 -4.73 -6.42 4.17
C ALA A 74 -4.65 -5.04 4.82
N GLU A 75 -5.74 -4.63 5.45
CA GLU A 75 -5.78 -3.35 6.16
C GLU A 75 -4.76 -3.32 7.30
N GLN A 76 -4.62 -4.44 8.00
CA GLN A 76 -3.65 -4.55 9.09
C GLN A 76 -2.24 -4.35 8.56
N GLU A 77 -1.94 -4.95 7.40
CA GLU A 77 -0.65 -4.80 6.75
C GLU A 77 -0.39 -3.34 6.41
N VAL A 78 -1.41 -2.69 5.86
CA VAL A 78 -1.31 -1.27 5.52
C VAL A 78 -1.11 -0.43 6.78
N ARG A 79 -1.85 -0.75 7.82
CA ARG A 79 -1.76 -0.05 9.09
C ARG A 79 -0.37 -0.19 9.69
N ASP A 80 0.17 -1.40 9.64
CA ASP A 80 1.51 -1.66 10.16
C ASP A 80 2.53 -0.79 9.44
N PHE A 81 2.42 -0.75 8.12
CA PHE A 81 3.30 0.06 7.30
C PHE A 81 3.13 1.55 7.61
N SER A 82 1.88 2.00 7.63
CA SER A 82 1.56 3.41 7.82
C SER A 82 1.93 3.88 9.23
N ASP A 83 1.78 3.00 10.21
CA ASP A 83 2.06 3.34 11.60
C ASP A 83 3.57 3.50 11.81
N ARG A 84 4.34 2.76 11.02
CA ARG A 84 5.79 2.80 11.11
C ARG A 84 6.38 3.81 10.13
N LEU A 85 5.54 4.66 9.56
CA LEU A 85 6.01 5.73 8.69
C LEU A 85 6.43 6.93 9.51
N MET A 21 -7.14 4.00 6.01
CA MET A 21 -7.89 4.13 7.29
C MET A 21 -8.49 5.52 7.44
N ASN A 22 -7.65 6.56 7.41
CA ASN A 22 -8.10 7.94 7.57
C ASN A 22 -6.92 8.89 7.42
N SER A 23 -6.02 8.85 8.39
CA SER A 23 -4.80 9.66 8.33
C SER A 23 -3.79 9.01 7.39
N ASP A 24 -4.25 8.73 6.17
CA ASP A 24 -3.45 8.00 5.19
C ASP A 24 -2.47 8.94 4.50
N VAL A 25 -1.24 8.98 5.00
CA VAL A 25 -0.19 9.80 4.40
C VAL A 25 0.21 9.27 3.04
N ILE A 26 -0.19 8.02 2.78
CA ILE A 26 0.10 7.36 1.52
C ILE A 26 -0.64 8.04 0.38
N LYS A 27 -1.76 8.66 0.71
CA LYS A 27 -2.59 9.38 -0.25
C LYS A 27 -1.80 10.49 -0.94
N GLY A 28 -0.91 11.14 -0.19
CA GLY A 28 -0.18 12.27 -0.72
C GLY A 28 1.21 11.91 -1.22
N LYS A 29 1.98 11.25 -0.36
CA LYS A 29 3.37 10.94 -0.67
C LYS A 29 3.51 9.58 -1.37
N TRP A 30 2.47 9.22 -2.12
CA TRP A 30 2.43 7.93 -2.84
C TRP A 30 3.68 7.71 -3.70
N LYS A 31 4.09 8.75 -4.42
CA LYS A 31 5.21 8.63 -5.35
C LYS A 31 6.56 8.52 -4.64
N GLN A 32 6.57 8.78 -3.34
CA GLN A 32 7.78 8.65 -2.56
C GLN A 32 7.78 7.31 -1.82
N LEU A 33 6.59 6.83 -1.50
CA LEU A 33 6.45 5.60 -0.73
C LEU A 33 6.52 4.37 -1.62
N THR A 34 6.72 4.58 -2.92
CA THR A 34 6.87 3.50 -3.88
C THR A 34 7.98 2.54 -3.43
N GLY A 35 9.17 3.10 -3.20
CA GLY A 35 10.30 2.30 -2.76
C GLY A 35 10.17 1.83 -1.33
N LYS A 36 9.22 2.39 -0.60
CA LYS A 36 8.98 1.99 0.79
C LYS A 36 8.03 0.80 0.83
N ILE A 37 7.03 0.81 -0.05
CA ILE A 37 6.13 -0.32 -0.18
C ILE A 37 6.88 -1.54 -0.71
N LYS A 38 7.70 -1.29 -1.72
CA LYS A 38 8.60 -2.30 -2.26
C LYS A 38 9.57 -2.78 -1.18
N GLU A 39 9.95 -1.86 -0.29
CA GLU A 39 10.86 -2.17 0.80
C GLU A 39 10.21 -3.14 1.80
N ARG A 40 8.89 -3.10 1.87
CA ARG A 40 8.15 -3.94 2.80
C ARG A 40 7.78 -5.27 2.17
N TRP A 41 6.85 -5.24 1.24
CA TRP A 41 6.32 -6.46 0.65
C TRP A 41 7.23 -6.96 -0.47
N GLY A 42 7.61 -6.06 -1.34
CA GLY A 42 8.59 -6.37 -2.36
C GLY A 42 8.03 -7.04 -3.59
N ASP A 43 7.08 -7.95 -3.40
CA ASP A 43 6.54 -8.73 -4.52
C ASP A 43 5.76 -7.82 -5.47
N LEU A 44 5.21 -6.74 -4.92
CA LEU A 44 4.56 -5.71 -5.71
C LEU A 44 5.58 -5.06 -6.65
N THR A 45 5.27 -5.03 -7.93
CA THR A 45 6.19 -4.49 -8.90
C THR A 45 6.06 -2.97 -8.96
N ASP A 46 7.00 -2.31 -9.62
CA ASP A 46 6.99 -0.87 -9.73
C ASP A 46 5.78 -0.41 -10.53
N ASP A 47 5.33 -1.28 -11.44
CA ASP A 47 4.15 -1.01 -12.25
C ASP A 47 2.88 -0.97 -11.38
N ASP A 48 2.88 -1.75 -10.31
CA ASP A 48 1.76 -1.77 -9.38
C ASP A 48 1.71 -0.48 -8.59
N LEU A 49 2.88 0.07 -8.30
CA LEU A 49 3.00 1.20 -7.40
C LEU A 49 3.15 2.52 -8.16
N GLN A 50 3.08 2.47 -9.49
CA GLN A 50 3.21 3.67 -10.31
C GLN A 50 1.97 3.87 -11.18
N ALA A 51 0.88 3.23 -10.79
CA ALA A 51 -0.33 3.27 -11.61
C ALA A 51 -1.35 4.28 -11.10
N ALA A 52 -2.15 3.88 -10.13
CA ALA A 52 -3.29 4.69 -9.69
C ALA A 52 -2.99 5.50 -8.44
N ASP A 53 -4.06 6.01 -7.82
CA ASP A 53 -3.97 6.85 -6.63
C ASP A 53 -3.53 6.04 -5.41
N GLY A 54 -2.95 6.71 -4.42
CA GLY A 54 -2.39 6.03 -3.27
C GLY A 54 -3.37 5.92 -2.11
N HIS A 55 -4.67 5.96 -2.41
CA HIS A 55 -5.69 5.74 -1.39
C HIS A 55 -5.57 4.33 -0.81
N ALA A 56 -5.95 4.18 0.46
CA ALA A 56 -5.77 2.92 1.19
C ALA A 56 -6.40 1.73 0.45
N GLU A 57 -7.58 1.94 -0.11
CA GLU A 57 -8.29 0.89 -0.85
C GLU A 57 -7.44 0.33 -1.99
N TYR A 58 -6.54 1.15 -2.53
CA TYR A 58 -5.69 0.73 -3.63
C TYR A 58 -4.66 -0.28 -3.16
N LEU A 59 -4.09 -0.03 -2.00
CA LEU A 59 -3.15 -0.96 -1.40
C LEU A 59 -3.87 -2.24 -0.99
N VAL A 60 -5.02 -2.07 -0.34
CA VAL A 60 -5.85 -3.20 0.05
C VAL A 60 -6.18 -4.08 -1.16
N GLY A 61 -6.62 -3.44 -2.23
CA GLY A 61 -6.95 -4.16 -3.45
C GLY A 61 -5.76 -4.90 -4.04
N LYS A 62 -4.62 -4.22 -4.10
CA LYS A 62 -3.42 -4.82 -4.70
C LYS A 62 -2.83 -5.92 -3.82
N LEU A 63 -3.04 -5.83 -2.53
CA LEU A 63 -2.63 -6.90 -1.62
C LEU A 63 -3.49 -8.12 -1.86
N GLN A 64 -4.74 -7.89 -2.23
CA GLN A 64 -5.66 -8.96 -2.59
C GLN A 64 -5.35 -9.49 -3.99
N GLU A 65 -4.82 -8.62 -4.85
CA GLU A 65 -4.40 -9.03 -6.19
C GLU A 65 -3.18 -9.93 -6.12
N ARG A 66 -2.08 -9.39 -5.61
CA ARG A 66 -0.78 -10.04 -5.68
C ARG A 66 -0.65 -11.15 -4.64
N TYR A 67 -1.04 -10.88 -3.41
CA TYR A 67 -0.88 -11.84 -2.33
C TYR A 67 -2.15 -12.65 -2.11
N GLY A 68 -3.28 -11.98 -2.22
CA GLY A 68 -4.56 -12.64 -2.02
C GLY A 68 -4.92 -12.71 -0.56
N TRP A 69 -4.66 -11.63 0.16
CA TRP A 69 -5.00 -11.58 1.57
C TRP A 69 -6.45 -11.19 1.77
N SER A 70 -6.92 -11.33 2.99
CA SER A 70 -8.25 -10.86 3.35
C SER A 70 -8.19 -9.34 3.52
N LYS A 71 -9.33 -8.68 3.32
CA LYS A 71 -9.38 -7.22 3.40
C LYS A 71 -9.01 -6.75 4.80
N GLU A 72 -9.46 -7.49 5.81
CA GLU A 72 -9.13 -7.19 7.20
C GLU A 72 -7.61 -7.18 7.38
N ARG A 73 -6.96 -8.18 6.79
CA ARG A 73 -5.52 -8.31 6.88
C ARG A 73 -4.84 -7.22 6.06
N ALA A 74 -5.37 -6.94 4.87
CA ALA A 74 -4.85 -5.88 4.02
C ALA A 74 -4.90 -4.54 4.75
N GLU A 75 -6.06 -4.22 5.28
CA GLU A 75 -6.24 -3.00 6.08
C GLU A 75 -5.23 -2.96 7.23
N GLN A 76 -5.10 -4.09 7.93
CA GLN A 76 -4.20 -4.18 9.06
C GLN A 76 -2.76 -3.93 8.63
N GLU A 77 -2.37 -4.54 7.52
CA GLU A 77 -1.02 -4.36 6.98
C GLU A 77 -0.79 -2.92 6.52
N VAL A 78 -1.78 -2.33 5.86
CA VAL A 78 -1.68 -0.95 5.40
C VAL A 78 -1.55 0.02 6.57
N ARG A 79 -2.42 -0.15 7.57
CA ARG A 79 -2.40 0.68 8.77
C ARG A 79 -1.08 0.49 9.51
N ASP A 80 -0.55 -0.72 9.44
CA ASP A 80 0.72 -1.04 10.07
C ASP A 80 1.89 -0.46 9.26
N PHE A 81 1.72 -0.38 7.95
CA PHE A 81 2.73 0.21 7.08
C PHE A 81 2.92 1.69 7.39
N SER A 82 1.80 2.40 7.57
CA SER A 82 1.85 3.82 7.88
C SER A 82 2.42 4.07 9.28
N ASP A 83 2.49 3.01 10.07
CA ASP A 83 3.00 3.08 11.43
C ASP A 83 4.51 3.38 11.43
N ARG A 84 5.20 2.92 10.39
CA ARG A 84 6.65 3.11 10.29
C ARG A 84 6.99 4.16 9.23
N LEU A 85 6.02 5.00 8.90
CA LEU A 85 6.26 6.06 7.93
C LEU A 85 6.48 7.39 8.65
N MET A 21 -3.65 14.96 13.14
CA MET A 21 -5.06 14.51 13.25
C MET A 21 -5.42 13.59 12.09
N ASN A 22 -4.45 12.84 11.59
CA ASN A 22 -4.69 11.90 10.50
C ASN A 22 -3.83 10.66 10.65
N SER A 23 -4.33 9.55 10.13
CA SER A 23 -3.58 8.31 10.12
C SER A 23 -3.16 7.98 8.69
N ASP A 24 -3.95 8.48 7.73
CA ASP A 24 -3.67 8.28 6.32
C ASP A 24 -2.50 9.14 5.87
N VAL A 25 -1.54 8.50 5.24
CA VAL A 25 -0.42 9.20 4.62
C VAL A 25 -0.33 8.82 3.14
N ILE A 26 -0.98 7.72 2.80
CA ILE A 26 -0.76 7.07 1.51
C ILE A 26 -1.69 7.62 0.42
N LYS A 27 -2.60 8.52 0.80
CA LYS A 27 -3.43 9.20 -0.19
C LYS A 27 -2.58 10.25 -0.91
N GLY A 28 -1.36 10.42 -0.44
CA GLY A 28 -0.41 11.31 -1.08
C GLY A 28 0.99 10.74 -1.01
N LYS A 29 1.92 11.34 -1.74
CA LYS A 29 3.33 10.92 -1.74
C LYS A 29 3.48 9.50 -2.29
N TRP A 30 2.49 9.07 -3.06
CA TRP A 30 2.45 7.71 -3.61
C TRP A 30 3.72 7.38 -4.38
N LYS A 31 4.15 8.29 -5.24
CA LYS A 31 5.32 8.06 -6.08
C LYS A 31 6.61 8.23 -5.28
N GLN A 32 6.49 8.81 -4.08
CA GLN A 32 7.65 9.06 -3.24
C GLN A 32 7.78 7.97 -2.18
N LEU A 33 6.74 7.16 -2.03
CA LEU A 33 6.72 6.11 -1.04
C LEU A 33 6.89 4.73 -1.69
N THR A 34 7.17 4.74 -2.99
CA THR A 34 7.33 3.52 -3.77
C THR A 34 8.40 2.61 -3.17
N GLY A 35 9.59 3.16 -2.96
CA GLY A 35 10.69 2.38 -2.41
C GLY A 35 10.40 1.88 -1.01
N LYS A 36 9.69 2.69 -0.22
CA LYS A 36 9.34 2.32 1.14
C LYS A 36 8.40 1.12 1.13
N ILE A 37 7.44 1.14 0.22
CA ILE A 37 6.47 0.06 0.09
C ILE A 37 7.13 -1.20 -0.46
N LYS A 38 7.93 -1.03 -1.51
CA LYS A 38 8.61 -2.15 -2.15
C LYS A 38 9.60 -2.81 -1.18
N GLU A 39 10.05 -2.05 -0.19
CA GLU A 39 10.91 -2.58 0.86
C GLU A 39 10.16 -3.61 1.70
N ARG A 40 8.88 -3.34 1.94
CA ARG A 40 8.06 -4.25 2.73
C ARG A 40 7.49 -5.36 1.85
N TRP A 41 6.81 -4.98 0.79
CA TRP A 41 6.15 -5.94 -0.08
C TRP A 41 6.89 -6.07 -1.40
N GLY A 42 7.56 -7.21 -1.58
CA GLY A 42 8.34 -7.42 -2.78
C GLY A 42 7.50 -7.92 -3.94
N ASP A 43 6.25 -8.25 -3.66
CA ASP A 43 5.34 -8.75 -4.69
C ASP A 43 4.71 -7.59 -5.45
N LEU A 44 4.98 -6.38 -4.97
CA LEU A 44 4.52 -5.18 -5.65
C LEU A 44 5.62 -4.67 -6.58
N THR A 45 5.35 -4.74 -7.87
CA THR A 45 6.34 -4.37 -8.86
C THR A 45 6.38 -2.85 -9.06
N ASP A 46 7.28 -2.41 -9.92
CA ASP A 46 7.39 -0.99 -10.26
C ASP A 46 6.08 -0.48 -10.85
N ASP A 47 5.44 -1.34 -11.64
CA ASP A 47 4.14 -1.01 -12.23
C ASP A 47 3.06 -0.92 -11.18
N ASP A 48 3.09 -1.83 -10.21
CA ASP A 48 2.12 -1.83 -9.12
C ASP A 48 2.19 -0.54 -8.33
N LEU A 49 3.41 -0.05 -8.14
CA LEU A 49 3.65 1.13 -7.34
C LEU A 49 3.65 2.40 -8.19
N GLN A 50 3.44 2.22 -9.48
CA GLN A 50 3.31 3.36 -10.38
C GLN A 50 1.84 3.60 -10.69
N ALA A 51 1.13 2.52 -10.97
CA ALA A 51 -0.26 2.58 -11.33
C ALA A 51 -1.16 2.58 -10.10
N ALA A 52 -1.53 3.78 -9.66
CA ALA A 52 -2.47 3.94 -8.55
C ALA A 52 -2.83 5.41 -8.41
N ASP A 53 -4.07 5.68 -8.05
CA ASP A 53 -4.54 7.04 -7.85
C ASP A 53 -3.98 7.60 -6.55
N GLY A 54 -3.81 6.73 -5.56
CA GLY A 54 -3.19 7.13 -4.32
C GLY A 54 -4.18 7.21 -3.17
N HIS A 55 -4.38 6.08 -2.50
CA HIS A 55 -5.15 6.03 -1.25
C HIS A 55 -5.06 4.63 -0.66
N ALA A 56 -5.12 4.55 0.66
CA ALA A 56 -4.91 3.29 1.39
C ALA A 56 -5.79 2.17 0.88
N GLU A 57 -7.03 2.51 0.52
CA GLU A 57 -8.01 1.53 0.04
C GLU A 57 -7.49 0.81 -1.21
N TYR A 58 -6.75 1.52 -2.05
CA TYR A 58 -6.26 0.96 -3.31
C TYR A 58 -5.10 0.01 -3.04
N LEU A 59 -4.38 0.25 -1.94
CA LEU A 59 -3.31 -0.66 -1.53
C LEU A 59 -3.92 -1.97 -1.08
N VAL A 60 -5.05 -1.89 -0.37
CA VAL A 60 -5.81 -3.07 0.01
C VAL A 60 -6.12 -3.90 -1.23
N GLY A 61 -6.54 -3.22 -2.29
CA GLY A 61 -6.81 -3.88 -3.55
C GLY A 61 -5.58 -4.57 -4.10
N LYS A 62 -4.47 -3.84 -4.19
CA LYS A 62 -3.23 -4.41 -4.73
C LYS A 62 -2.74 -5.59 -3.90
N LEU A 63 -2.86 -5.50 -2.59
CA LEU A 63 -2.45 -6.59 -1.71
C LEU A 63 -3.35 -7.80 -1.92
N GLN A 64 -4.62 -7.56 -2.17
CA GLN A 64 -5.57 -8.62 -2.47
C GLN A 64 -5.25 -9.29 -3.81
N GLU A 65 -5.00 -8.47 -4.83
CA GLU A 65 -4.78 -8.98 -6.17
C GLU A 65 -3.41 -9.65 -6.32
N ARG A 66 -2.37 -9.06 -5.73
CA ARG A 66 -1.03 -9.60 -5.84
C ARG A 66 -0.78 -10.73 -4.83
N TYR A 67 -0.88 -10.41 -3.55
CA TYR A 67 -0.62 -11.38 -2.50
C TYR A 67 -1.76 -12.37 -2.36
N GLY A 68 -2.95 -11.84 -2.12
CA GLY A 68 -4.09 -12.67 -1.84
C GLY A 68 -4.38 -12.73 -0.36
N TRP A 69 -4.21 -11.60 0.31
CA TRP A 69 -4.51 -11.50 1.74
C TRP A 69 -5.99 -11.25 1.95
N SER A 70 -6.46 -11.53 3.16
CA SER A 70 -7.82 -11.20 3.53
C SER A 70 -7.97 -9.69 3.63
N LYS A 71 -9.19 -9.20 3.47
CA LYS A 71 -9.45 -7.77 3.50
C LYS A 71 -9.08 -7.19 4.86
N GLU A 72 -9.42 -7.91 5.93
CA GLU A 72 -9.11 -7.48 7.28
C GLU A 72 -7.60 -7.36 7.48
N ARG A 73 -6.86 -8.36 6.99
CA ARG A 73 -5.42 -8.36 7.10
C ARG A 73 -4.82 -7.21 6.30
N ALA A 74 -5.29 -7.04 5.07
CA ALA A 74 -4.83 -5.96 4.21
C ALA A 74 -5.04 -4.61 4.90
N GLU A 75 -6.27 -4.36 5.33
CA GLU A 75 -6.59 -3.14 6.08
C GLU A 75 -5.61 -2.90 7.22
N GLN A 76 -5.34 -3.96 7.98
CA GLN A 76 -4.49 -3.87 9.14
C GLN A 76 -3.05 -3.56 8.74
N GLU A 77 -2.53 -4.29 7.77
CA GLU A 77 -1.14 -4.13 7.37
C GLU A 77 -0.91 -2.82 6.61
N VAL A 78 -1.96 -2.29 6.00
CA VAL A 78 -1.88 -0.98 5.37
C VAL A 78 -1.65 0.10 6.41
N ARG A 79 -2.41 0.05 7.51
CA ARG A 79 -2.18 0.99 8.60
C ARG A 79 -0.87 0.67 9.29
N ASP A 80 -0.57 -0.63 9.42
CA ASP A 80 0.68 -1.09 10.02
C ASP A 80 1.88 -0.50 9.27
N PHE A 81 1.74 -0.36 7.96
CA PHE A 81 2.76 0.29 7.15
C PHE A 81 2.85 1.77 7.48
N SER A 82 1.70 2.41 7.60
CA SER A 82 1.64 3.84 7.92
C SER A 82 2.16 4.11 9.32
N ASP A 83 1.99 3.12 10.19
CA ASP A 83 2.50 3.17 11.55
C ASP A 83 4.03 3.07 11.56
N ARG A 84 4.55 2.36 10.57
CA ARG A 84 5.99 2.12 10.47
C ARG A 84 6.69 3.22 9.66
N LEU A 85 5.95 4.27 9.32
CA LEU A 85 6.53 5.38 8.56
C LEU A 85 7.40 6.25 9.46
N MET A 21 -8.01 5.27 5.87
CA MET A 21 -8.77 5.94 6.96
C MET A 21 -8.52 7.44 6.95
N ASN A 22 -8.87 8.10 8.05
CA ASN A 22 -8.60 9.52 8.22
C ASN A 22 -7.13 9.75 8.51
N SER A 23 -6.52 8.80 9.21
CA SER A 23 -5.10 8.85 9.53
C SER A 23 -4.28 8.40 8.32
N ASP A 24 -4.67 8.85 7.14
CA ASP A 24 -4.07 8.43 5.89
C ASP A 24 -3.03 9.42 5.42
N VAL A 25 -1.77 9.05 5.54
CA VAL A 25 -0.69 9.88 5.03
C VAL A 25 -0.23 9.37 3.66
N ILE A 26 -0.81 8.24 3.27
CA ILE A 26 -0.42 7.56 2.02
C ILE A 26 -1.20 8.14 0.83
N LYS A 27 -2.02 9.16 1.09
CA LYS A 27 -2.77 9.81 0.01
C LYS A 27 -1.85 10.75 -0.78
N GLY A 28 -0.64 10.93 -0.28
CA GLY A 28 0.34 11.75 -0.95
C GLY A 28 1.72 11.15 -0.85
N LYS A 29 2.68 11.74 -1.57
CA LYS A 29 4.07 11.25 -1.60
C LYS A 29 4.13 9.86 -2.23
N TRP A 30 3.07 9.51 -2.94
CA TRP A 30 2.89 8.18 -3.50
C TRP A 30 4.05 7.78 -4.41
N LYS A 31 4.54 8.72 -5.21
CA LYS A 31 5.61 8.42 -6.16
C LYS A 31 6.92 8.10 -5.44
N GLN A 32 7.05 8.58 -4.21
CA GLN A 32 8.23 8.28 -3.39
C GLN A 32 7.99 7.04 -2.54
N LEU A 33 6.74 6.81 -2.18
CA LEU A 33 6.36 5.64 -1.38
C LEU A 33 6.42 4.36 -2.21
N THR A 34 6.54 4.52 -3.52
CA THR A 34 6.61 3.39 -4.45
C THR A 34 7.60 2.31 -3.99
N GLY A 35 8.89 2.65 -4.00
CA GLY A 35 9.91 1.71 -3.60
C GLY A 35 9.79 1.27 -2.15
N LYS A 36 9.26 2.15 -1.31
CA LYS A 36 9.10 1.86 0.11
C LYS A 36 8.07 0.75 0.30
N ILE A 37 6.96 0.86 -0.42
CA ILE A 37 5.90 -0.14 -0.37
C ILE A 37 6.36 -1.42 -1.06
N LYS A 38 7.08 -1.26 -2.16
CA LYS A 38 7.68 -2.39 -2.87
C LYS A 38 8.55 -3.22 -1.94
N GLU A 39 9.44 -2.55 -1.21
CA GLU A 39 10.35 -3.22 -0.30
C GLU A 39 9.62 -3.69 0.96
N ARG A 40 8.46 -3.11 1.21
CA ARG A 40 7.68 -3.45 2.40
C ARG A 40 6.99 -4.81 2.24
N TRP A 41 6.47 -5.10 1.06
CA TRP A 41 5.76 -6.35 0.85
C TRP A 41 6.38 -7.21 -0.25
N GLY A 42 7.51 -6.77 -0.79
CA GLY A 42 8.29 -7.60 -1.69
C GLY A 42 7.68 -7.72 -3.08
N ASP A 43 6.58 -8.46 -3.19
CA ASP A 43 6.01 -8.82 -4.50
C ASP A 43 5.39 -7.61 -5.20
N LEU A 44 5.01 -6.60 -4.42
CA LEU A 44 4.44 -5.38 -4.97
C LEU A 44 5.42 -4.71 -5.93
N THR A 45 5.14 -4.84 -7.21
CA THR A 45 6.01 -4.32 -8.26
C THR A 45 5.80 -2.81 -8.43
N ASP A 46 6.86 -2.10 -8.82
CA ASP A 46 6.81 -0.65 -9.00
C ASP A 46 5.68 -0.26 -9.94
N ASP A 47 5.49 -1.06 -10.99
CA ASP A 47 4.49 -0.77 -12.02
C ASP A 47 3.07 -0.80 -11.45
N ASP A 48 2.83 -1.71 -10.51
CA ASP A 48 1.52 -1.86 -9.90
C ASP A 48 1.20 -0.67 -9.00
N LEU A 49 2.24 -0.04 -8.49
CA LEU A 49 2.08 1.09 -7.59
C LEU A 49 2.03 2.40 -8.38
N GLN A 50 2.97 2.57 -9.29
CA GLN A 50 3.07 3.80 -10.08
C GLN A 50 1.94 3.88 -11.12
N ALA A 51 1.03 2.91 -11.06
CA ALA A 51 -0.08 2.83 -11.99
C ALA A 51 -1.06 3.99 -11.83
N ALA A 52 -1.71 4.09 -10.67
CA ALA A 52 -2.77 5.08 -10.50
C ALA A 52 -2.45 6.11 -9.42
N ASP A 53 -2.95 5.88 -8.20
CA ASP A 53 -2.88 6.89 -7.15
C ASP A 53 -2.67 6.26 -5.78
N GLY A 54 -2.45 7.12 -4.79
CA GLY A 54 -2.18 6.65 -3.45
C GLY A 54 -3.30 6.91 -2.47
N HIS A 55 -3.69 5.87 -1.75
CA HIS A 55 -4.68 5.92 -0.68
C HIS A 55 -4.87 4.51 -0.12
N ALA A 56 -5.26 4.41 1.14
CA ALA A 56 -5.39 3.10 1.81
C ALA A 56 -6.09 2.05 0.96
N GLU A 57 -7.22 2.42 0.38
CA GLU A 57 -8.02 1.50 -0.44
C GLU A 57 -7.22 0.94 -1.62
N TYR A 58 -6.24 1.69 -2.10
CA TYR A 58 -5.43 1.26 -3.24
C TYR A 58 -4.45 0.18 -2.80
N LEU A 59 -3.88 0.34 -1.61
CA LEU A 59 -2.95 -0.62 -1.05
C LEU A 59 -3.63 -1.95 -0.80
N VAL A 60 -4.79 -1.89 -0.14
CA VAL A 60 -5.57 -3.09 0.18
C VAL A 60 -5.82 -3.92 -1.07
N GLY A 61 -6.24 -3.24 -2.14
CA GLY A 61 -6.49 -3.91 -3.39
C GLY A 61 -5.27 -4.59 -3.95
N LYS A 62 -4.13 -3.89 -3.96
CA LYS A 62 -2.90 -4.43 -4.52
C LYS A 62 -2.39 -5.62 -3.71
N LEU A 63 -2.63 -5.60 -2.41
CA LEU A 63 -2.26 -6.71 -1.54
C LEU A 63 -3.06 -7.95 -1.89
N GLN A 64 -4.31 -7.75 -2.30
CA GLN A 64 -5.19 -8.85 -2.70
C GLN A 64 -4.96 -9.23 -4.15
N GLU A 65 -4.27 -8.36 -4.89
CA GLU A 65 -3.88 -8.68 -6.26
C GLU A 65 -2.60 -9.50 -6.28
N ARG A 66 -1.59 -9.02 -5.57
CA ARG A 66 -0.30 -9.70 -5.54
C ARG A 66 -0.36 -11.01 -4.76
N TYR A 67 -0.75 -10.92 -3.50
CA TYR A 67 -0.79 -12.11 -2.64
C TYR A 67 -2.20 -12.68 -2.55
N GLY A 68 -3.16 -11.80 -2.35
CA GLY A 68 -4.53 -12.24 -2.21
C GLY A 68 -4.85 -12.60 -0.78
N TRP A 69 -4.66 -11.64 0.13
CA TRP A 69 -4.99 -11.85 1.53
C TRP A 69 -6.46 -11.55 1.77
N SER A 70 -6.91 -11.81 2.98
CA SER A 70 -8.20 -11.36 3.43
C SER A 70 -8.14 -9.84 3.60
N LYS A 71 -9.24 -9.14 3.34
CA LYS A 71 -9.23 -7.68 3.42
C LYS A 71 -8.91 -7.23 4.84
N GLU A 72 -9.37 -7.99 5.82
CA GLU A 72 -9.06 -7.71 7.22
C GLU A 72 -7.55 -7.78 7.47
N ARG A 73 -6.92 -8.80 6.89
CA ARG A 73 -5.48 -8.96 7.01
C ARG A 73 -4.75 -7.86 6.24
N ALA A 74 -5.31 -7.46 5.11
CA ALA A 74 -4.75 -6.39 4.31
C ALA A 74 -4.75 -5.08 5.10
N GLU A 75 -5.87 -4.78 5.76
CA GLU A 75 -5.99 -3.59 6.58
C GLU A 75 -4.93 -3.55 7.67
N GLN A 76 -4.68 -4.71 8.29
CA GLN A 76 -3.62 -4.85 9.28
C GLN A 76 -2.30 -4.32 8.73
N GLU A 77 -1.90 -4.88 7.59
CA GLU A 77 -0.66 -4.52 6.94
C GLU A 77 -0.64 -3.05 6.53
N VAL A 78 -1.77 -2.56 6.03
CA VAL A 78 -1.89 -1.16 5.64
C VAL A 78 -1.65 -0.24 6.83
N ARG A 79 -2.29 -0.55 7.97
CA ARG A 79 -2.10 0.24 9.17
C ARG A 79 -0.66 0.10 9.67
N ASP A 80 -0.13 -1.10 9.58
CA ASP A 80 1.23 -1.39 10.02
C ASP A 80 2.24 -0.51 9.28
N PHE A 81 1.98 -0.30 7.99
CA PHE A 81 2.80 0.59 7.18
C PHE A 81 2.52 2.04 7.50
N SER A 82 1.24 2.38 7.66
CA SER A 82 0.82 3.75 7.94
C SER A 82 1.36 4.23 9.29
N ASP A 83 1.42 3.32 10.25
CA ASP A 83 1.85 3.66 11.61
C ASP A 83 3.37 3.85 11.64
N ARG A 84 4.03 3.36 10.61
CA ARG A 84 5.49 3.48 10.51
C ARG A 84 5.88 4.82 9.90
N LEU A 85 4.94 5.45 9.21
CA LEU A 85 5.21 6.72 8.55
C LEU A 85 5.02 7.88 9.50
N MET A 21 -13.40 8.38 3.63
CA MET A 21 -13.32 8.91 5.01
C MET A 21 -12.02 8.51 5.68
N ASN A 22 -11.16 7.81 4.95
CA ASN A 22 -9.87 7.42 5.47
C ASN A 22 -8.88 8.57 5.33
N SER A 23 -8.52 9.18 6.46
CA SER A 23 -7.51 10.23 6.44
C SER A 23 -6.15 9.61 6.19
N ASP A 24 -5.74 9.61 4.93
CA ASP A 24 -4.58 8.87 4.49
C ASP A 24 -3.39 9.79 4.26
N VAL A 25 -2.18 9.26 4.48
CA VAL A 25 -0.95 10.05 4.33
C VAL A 25 -0.10 9.54 3.17
N ILE A 26 -0.56 8.48 2.52
CA ILE A 26 0.17 7.90 1.41
C ILE A 26 -0.29 8.54 0.10
N LYS A 27 -1.54 9.01 0.09
CA LYS A 27 -2.15 9.61 -1.08
C LYS A 27 -1.33 10.80 -1.61
N GLY A 28 -0.54 11.41 -0.74
CA GLY A 28 0.28 12.54 -1.16
C GLY A 28 1.75 12.16 -1.32
N LYS A 29 2.07 10.90 -1.06
CA LYS A 29 3.45 10.43 -1.10
C LYS A 29 3.53 9.09 -1.84
N TRP A 30 2.49 8.81 -2.62
CA TRP A 30 2.33 7.54 -3.32
C TRP A 30 3.59 7.12 -4.09
N LYS A 31 4.04 7.98 -4.99
CA LYS A 31 5.16 7.63 -5.86
C LYS A 31 6.48 7.84 -5.14
N GLN A 32 6.43 8.40 -3.94
CA GLN A 32 7.62 8.63 -3.15
C GLN A 32 7.80 7.53 -2.11
N LEU A 33 6.77 6.70 -1.96
CA LEU A 33 6.81 5.61 -1.00
C LEU A 33 6.91 4.25 -1.70
N THR A 34 6.92 4.28 -3.03
CA THR A 34 6.97 3.07 -3.84
C THR A 34 8.11 2.15 -3.45
N GLY A 35 9.30 2.72 -3.24
CA GLY A 35 10.45 1.92 -2.89
C GLY A 35 10.28 1.21 -1.57
N LYS A 36 9.80 1.92 -0.56
CA LYS A 36 9.61 1.35 0.77
C LYS A 36 8.50 0.31 0.75
N ILE A 37 7.45 0.58 -0.02
CA ILE A 37 6.35 -0.36 -0.19
C ILE A 37 6.83 -1.64 -0.87
N LYS A 38 7.62 -1.46 -1.93
CA LYS A 38 8.17 -2.59 -2.67
C LYS A 38 9.00 -3.48 -1.77
N GLU A 39 9.84 -2.87 -0.93
CA GLU A 39 10.72 -3.60 -0.05
C GLU A 39 9.95 -4.37 1.02
N ARG A 40 8.79 -3.86 1.40
CA ARG A 40 8.01 -4.49 2.47
C ARG A 40 7.38 -5.80 1.99
N TRP A 41 6.65 -5.75 0.89
CA TRP A 41 5.91 -6.92 0.43
C TRP A 41 6.68 -7.68 -0.65
N GLY A 42 7.65 -7.04 -1.27
CA GLY A 42 8.57 -7.74 -2.16
C GLY A 42 8.01 -7.98 -3.56
N ASP A 43 6.84 -8.60 -3.63
CA ASP A 43 6.27 -9.01 -4.92
C ASP A 43 5.70 -7.82 -5.69
N LEU A 44 5.47 -6.72 -4.99
CA LEU A 44 4.97 -5.50 -5.63
C LEU A 44 6.06 -4.90 -6.49
N THR A 45 5.78 -4.75 -7.78
CA THR A 45 6.77 -4.26 -8.72
C THR A 45 6.76 -2.74 -8.79
N ASP A 46 7.76 -2.19 -9.45
CA ASP A 46 7.87 -0.74 -9.61
C ASP A 46 6.74 -0.22 -10.50
N ASP A 47 6.27 -1.07 -11.40
CA ASP A 47 5.22 -0.69 -12.34
C ASP A 47 3.84 -0.86 -11.71
N ASP A 48 3.72 -1.88 -10.85
CA ASP A 48 2.46 -2.18 -10.19
C ASP A 48 2.10 -1.08 -9.19
N LEU A 49 3.13 -0.42 -8.67
CA LEU A 49 2.96 0.64 -7.69
C LEU A 49 2.87 2.01 -8.37
N GLN A 50 2.49 2.02 -9.65
CA GLN A 50 2.31 3.26 -10.37
C GLN A 50 0.84 3.48 -10.69
N ALA A 51 0.44 4.75 -10.81
CA ALA A 51 -0.92 5.14 -11.18
C ALA A 51 -1.94 4.78 -10.10
N ALA A 52 -2.27 5.74 -9.24
CA ALA A 52 -3.25 5.54 -8.19
C ALA A 52 -3.53 6.84 -7.46
N ASP A 53 -4.49 6.78 -6.54
CA ASP A 53 -4.73 7.90 -5.64
C ASP A 53 -3.61 7.94 -4.62
N GLY A 54 -3.37 6.79 -4.00
CA GLY A 54 -2.37 6.68 -2.96
C GLY A 54 -2.97 6.19 -1.66
N HIS A 55 -4.27 6.42 -1.49
CA HIS A 55 -4.97 6.06 -0.25
C HIS A 55 -4.84 4.57 0.06
N ALA A 56 -4.67 4.27 1.34
CA ALA A 56 -4.44 2.91 1.85
C ALA A 56 -5.36 1.86 1.23
N GLU A 57 -6.62 2.22 1.01
CA GLU A 57 -7.60 1.26 0.47
C GLU A 57 -7.16 0.73 -0.90
N TYR A 58 -6.35 1.52 -1.61
CA TYR A 58 -5.87 1.11 -2.93
C TYR A 58 -4.79 0.04 -2.78
N LEU A 59 -4.00 0.15 -1.71
CA LEU A 59 -2.98 -0.84 -1.40
C LEU A 59 -3.63 -2.17 -1.07
N VAL A 60 -4.75 -2.11 -0.36
CA VAL A 60 -5.52 -3.30 -0.02
C VAL A 60 -5.90 -4.05 -1.31
N GLY A 61 -6.40 -3.31 -2.29
CA GLY A 61 -6.74 -3.91 -3.57
C GLY A 61 -5.54 -4.54 -4.23
N LYS A 62 -4.43 -3.83 -4.25
CA LYS A 62 -3.19 -4.33 -4.83
C LYS A 62 -2.72 -5.60 -4.13
N LEU A 63 -2.79 -5.61 -2.81
CA LEU A 63 -2.36 -6.76 -2.02
C LEU A 63 -3.23 -7.97 -2.30
N GLN A 64 -4.52 -7.73 -2.57
CA GLN A 64 -5.45 -8.81 -2.89
C GLN A 64 -5.17 -9.37 -4.28
N GLU A 65 -4.82 -8.49 -5.21
CA GLU A 65 -4.51 -8.90 -6.57
C GLU A 65 -3.14 -9.58 -6.63
N ARG A 66 -2.23 -9.08 -5.82
CA ARG A 66 -0.87 -9.61 -5.78
C ARG A 66 -0.83 -10.95 -5.03
N TYR A 67 -1.33 -10.94 -3.80
CA TYR A 67 -1.32 -12.13 -2.96
C TYR A 67 -2.73 -12.68 -2.78
N GLY A 68 -3.55 -11.94 -2.04
CA GLY A 68 -4.87 -12.40 -1.71
C GLY A 68 -4.97 -12.91 -0.29
N TRP A 69 -5.15 -11.99 0.65
CA TRP A 69 -5.30 -12.34 2.05
C TRP A 69 -6.69 -11.98 2.53
N SER A 70 -6.95 -12.18 3.80
CA SER A 70 -8.13 -11.65 4.44
C SER A 70 -8.13 -10.14 4.27
N LYS A 71 -9.27 -9.55 3.96
CA LYS A 71 -9.34 -8.11 3.74
C LYS A 71 -8.89 -7.36 4.99
N GLU A 72 -9.30 -7.86 6.15
CA GLU A 72 -8.86 -7.29 7.43
C GLU A 72 -7.34 -7.35 7.53
N ARG A 73 -6.79 -8.52 7.23
CA ARG A 73 -5.35 -8.74 7.25
C ARG A 73 -4.64 -7.79 6.29
N ALA A 74 -5.21 -7.62 5.11
CA ALA A 74 -4.66 -6.72 4.11
C ALA A 74 -4.66 -5.28 4.62
N GLU A 75 -5.79 -4.84 5.18
CA GLU A 75 -5.89 -3.51 5.75
C GLU A 75 -4.86 -3.30 6.84
N GLN A 76 -4.79 -4.25 7.77
CA GLN A 76 -3.85 -4.15 8.90
C GLN A 76 -2.40 -4.07 8.41
N GLU A 77 -2.11 -4.76 7.32
CA GLU A 77 -0.79 -4.68 6.71
C GLU A 77 -0.47 -3.25 6.27
N VAL A 78 -1.46 -2.58 5.72
CA VAL A 78 -1.29 -1.20 5.27
C VAL A 78 -1.31 -0.24 6.46
N ARG A 79 -2.13 -0.55 7.46
CA ARG A 79 -2.25 0.29 8.66
C ARG A 79 -0.92 0.36 9.39
N ASP A 80 -0.27 -0.79 9.53
CA ASP A 80 1.05 -0.86 10.17
C ASP A 80 2.05 0.04 9.45
N PHE A 81 2.04 -0.04 8.13
CA PHE A 81 2.92 0.77 7.29
C PHE A 81 2.63 2.26 7.49
N SER A 82 1.35 2.61 7.37
CA SER A 82 0.91 4.00 7.45
C SER A 82 1.15 4.57 8.84
N ASP A 83 1.13 3.70 9.85
CA ASP A 83 1.32 4.10 11.23
C ASP A 83 2.76 4.57 11.49
N ARG A 84 3.71 3.97 10.77
CA ARG A 84 5.12 4.29 10.97
C ARG A 84 5.58 5.36 9.97
N LEU A 85 4.63 6.13 9.45
CA LEU A 85 4.95 7.23 8.56
C LEU A 85 4.86 8.55 9.31
N MET A 21 -11.69 6.73 5.90
CA MET A 21 -12.27 8.01 6.34
C MET A 21 -11.39 9.19 5.92
N ASN A 22 -10.62 9.00 4.85
CA ASN A 22 -9.79 10.06 4.27
C ASN A 22 -8.64 10.43 5.21
N SER A 23 -8.23 9.49 6.04
CA SER A 23 -7.06 9.68 6.89
C SER A 23 -5.84 9.06 6.23
N ASP A 24 -5.98 8.80 4.93
CA ASP A 24 -4.92 8.22 4.12
C ASP A 24 -3.73 9.18 4.04
N VAL A 25 -2.63 8.80 4.67
CA VAL A 25 -1.41 9.60 4.61
C VAL A 25 -0.56 9.20 3.42
N ILE A 26 -0.93 8.09 2.79
CA ILE A 26 -0.17 7.53 1.69
C ILE A 26 -0.63 8.14 0.36
N LYS A 27 -1.83 8.70 0.36
CA LYS A 27 -2.48 9.18 -0.89
C LYS A 27 -1.67 10.29 -1.57
N GLY A 28 -0.81 10.96 -0.81
CA GLY A 28 -0.07 12.06 -1.36
C GLY A 28 1.31 11.64 -1.87
N LYS A 29 2.09 11.01 -0.99
CA LYS A 29 3.48 10.69 -1.30
C LYS A 29 3.63 9.27 -1.84
N TRP A 30 2.56 8.74 -2.42
CA TRP A 30 2.58 7.41 -3.03
C TRP A 30 3.72 7.28 -4.04
N LYS A 31 3.92 8.33 -4.83
CA LYS A 31 4.97 8.36 -5.85
C LYS A 31 6.36 8.19 -5.23
N GLN A 32 6.50 8.55 -3.97
CA GLN A 32 7.79 8.47 -3.28
C GLN A 32 7.88 7.20 -2.44
N LEU A 33 6.74 6.68 -2.03
CA LEU A 33 6.70 5.52 -1.15
C LEU A 33 6.79 4.21 -1.95
N THR A 34 7.01 4.33 -3.25
CA THR A 34 7.14 3.17 -4.12
C THR A 34 8.24 2.23 -3.64
N GLY A 35 9.41 2.80 -3.33
CA GLY A 35 10.51 2.01 -2.82
C GLY A 35 10.22 1.44 -1.45
N LYS A 36 9.49 2.21 -0.64
CA LYS A 36 9.11 1.78 0.70
C LYS A 36 8.19 0.57 0.65
N ILE A 37 7.16 0.65 -0.19
CA ILE A 37 6.20 -0.43 -0.34
C ILE A 37 6.89 -1.71 -0.83
N LYS A 38 7.81 -1.54 -1.78
CA LYS A 38 8.54 -2.68 -2.33
C LYS A 38 9.42 -3.34 -1.26
N GLU A 39 10.06 -2.52 -0.43
CA GLU A 39 10.92 -3.04 0.61
C GLU A 39 10.11 -3.65 1.75
N ARG A 40 8.86 -3.19 1.89
CA ARG A 40 7.95 -3.75 2.88
C ARG A 40 7.54 -5.16 2.49
N TRP A 41 6.86 -5.29 1.36
CA TRP A 41 6.33 -6.57 0.93
C TRP A 41 7.30 -7.29 0.01
N GLY A 42 7.51 -6.73 -1.15
CA GLY A 42 8.45 -7.30 -2.10
C GLY A 42 7.81 -7.69 -3.41
N ASP A 43 6.67 -8.36 -3.33
CA ASP A 43 5.96 -8.82 -4.53
C ASP A 43 5.37 -7.66 -5.31
N LEU A 44 5.09 -6.56 -4.63
CA LEU A 44 4.55 -5.38 -5.27
C LEU A 44 5.65 -4.62 -5.99
N THR A 45 5.67 -4.73 -7.31
CA THR A 45 6.65 -4.03 -8.12
C THR A 45 6.33 -2.54 -8.16
N ASP A 46 7.32 -1.71 -8.48
CA ASP A 46 7.10 -0.28 -8.55
C ASP A 46 6.29 0.08 -9.78
N ASP A 47 6.09 -0.91 -10.66
CA ASP A 47 5.18 -0.76 -11.79
C ASP A 47 3.74 -0.96 -11.33
N ASP A 48 3.56 -1.82 -10.33
CA ASP A 48 2.25 -1.97 -9.69
C ASP A 48 1.93 -0.74 -8.86
N LEU A 49 2.99 -0.08 -8.43
CA LEU A 49 2.88 1.09 -7.56
C LEU A 49 2.89 2.37 -8.37
N GLN A 50 2.64 2.26 -9.67
CA GLN A 50 2.55 3.42 -10.52
C GLN A 50 1.15 3.50 -11.11
N ALA A 51 0.27 4.24 -10.44
CA ALA A 51 -1.14 4.29 -10.80
C ALA A 51 -1.81 5.52 -10.20
N ALA A 52 -3.11 5.41 -9.93
CA ALA A 52 -3.90 6.51 -9.40
C ALA A 52 -3.55 6.81 -7.94
N ASP A 53 -4.50 7.41 -7.21
CA ASP A 53 -4.26 7.83 -5.83
C ASP A 53 -3.96 6.63 -4.94
N GLY A 54 -2.80 6.67 -4.31
CA GLY A 54 -2.38 5.57 -3.46
C GLY A 54 -3.00 5.64 -2.08
N HIS A 55 -4.30 5.45 -2.00
CA HIS A 55 -4.97 5.41 -0.71
C HIS A 55 -5.05 3.96 -0.21
N ALA A 56 -5.39 3.79 1.06
CA ALA A 56 -5.34 2.47 1.71
C ALA A 56 -6.17 1.43 0.98
N GLU A 57 -7.38 1.81 0.56
CA GLU A 57 -8.27 0.89 -0.17
C GLU A 57 -7.62 0.41 -1.47
N TYR A 58 -6.71 1.21 -2.01
CA TYR A 58 -6.04 0.84 -3.25
C TYR A 58 -4.98 -0.22 -2.97
N LEU A 59 -4.31 -0.08 -1.84
CA LEU A 59 -3.33 -1.07 -1.40
C LEU A 59 -4.01 -2.41 -1.15
N VAL A 60 -5.18 -2.36 -0.53
CA VAL A 60 -5.96 -3.57 -0.28
C VAL A 60 -6.22 -4.30 -1.60
N GLY A 61 -6.48 -3.53 -2.65
CA GLY A 61 -6.71 -4.11 -3.97
C GLY A 61 -5.47 -4.81 -4.50
N LYS A 62 -4.33 -4.12 -4.47
CA LYS A 62 -3.08 -4.70 -4.95
C LYS A 62 -2.62 -5.87 -4.09
N LEU A 63 -2.88 -5.78 -2.79
CA LEU A 63 -2.52 -6.86 -1.87
C LEU A 63 -3.44 -8.05 -2.07
N GLN A 64 -4.67 -7.79 -2.49
CA GLN A 64 -5.61 -8.85 -2.83
C GLN A 64 -5.25 -9.46 -4.17
N GLU A 65 -4.67 -8.65 -5.03
CA GLU A 65 -4.28 -9.07 -6.37
C GLU A 65 -2.99 -9.89 -6.35
N ARG A 66 -1.94 -9.33 -5.76
CA ARG A 66 -0.63 -9.95 -5.78
C ARG A 66 -0.51 -11.04 -4.70
N TYR A 67 -1.20 -10.88 -3.59
CA TYR A 67 -1.14 -11.84 -2.50
C TYR A 67 -2.45 -12.61 -2.34
N GLY A 68 -3.54 -11.86 -2.18
CA GLY A 68 -4.84 -12.48 -2.01
C GLY A 68 -5.24 -12.56 -0.55
N TRP A 69 -4.91 -11.52 0.19
CA TRP A 69 -5.21 -11.49 1.62
C TRP A 69 -6.63 -11.04 1.88
N SER A 70 -7.10 -11.31 3.09
CA SER A 70 -8.39 -10.82 3.53
C SER A 70 -8.37 -9.29 3.60
N LYS A 71 -9.54 -8.68 3.51
CA LYS A 71 -9.65 -7.23 3.49
C LYS A 71 -9.08 -6.64 4.78
N GLU A 72 -9.45 -7.23 5.90
CA GLU A 72 -8.96 -6.79 7.21
C GLU A 72 -7.46 -7.03 7.34
N ARG A 73 -7.00 -8.15 6.81
CA ARG A 73 -5.58 -8.51 6.80
C ARG A 73 -4.76 -7.42 6.10
N ALA A 74 -5.22 -7.04 4.91
CA ALA A 74 -4.57 -6.00 4.13
C ALA A 74 -4.59 -4.67 4.88
N GLU A 75 -5.73 -4.38 5.50
CA GLU A 75 -5.89 -3.15 6.28
C GLU A 75 -4.80 -2.99 7.33
N GLN A 76 -4.54 -4.07 8.06
CA GLN A 76 -3.54 -4.03 9.12
C GLN A 76 -2.13 -3.90 8.56
N GLU A 77 -1.90 -4.45 7.38
CA GLU A 77 -0.60 -4.31 6.74
C GLU A 77 -0.40 -2.89 6.24
N VAL A 78 -1.45 -2.31 5.67
CA VAL A 78 -1.43 -0.92 5.25
C VAL A 78 -1.25 -0.01 6.46
N ARG A 79 -1.91 -0.36 7.55
CA ARG A 79 -1.80 0.40 8.79
C ARG A 79 -0.36 0.40 9.29
N ASP A 80 0.23 -0.79 9.38
CA ASP A 80 1.60 -0.93 9.88
C ASP A 80 2.57 -0.14 9.01
N PHE A 81 2.31 -0.13 7.71
CA PHE A 81 3.14 0.60 6.76
C PHE A 81 3.11 2.10 7.04
N SER A 82 1.92 2.65 7.20
CA SER A 82 1.75 4.09 7.34
C SER A 82 1.90 4.53 8.81
N ASP A 83 1.79 3.58 9.72
CA ASP A 83 1.96 3.87 11.14
C ASP A 83 3.45 3.93 11.47
N ARG A 84 4.21 3.03 10.88
CA ARG A 84 5.65 3.00 11.07
C ARG A 84 6.35 3.72 9.93
N LEU A 85 6.13 5.03 9.87
CA LEU A 85 6.83 5.87 8.91
C LEU A 85 7.96 6.61 9.60
N MET A 21 -3.20 14.04 7.02
CA MET A 21 -4.56 14.39 6.55
C MET A 21 -5.59 13.51 7.24
N ASN A 22 -5.64 12.26 6.83
CA ASN A 22 -6.52 11.27 7.44
C ASN A 22 -5.74 9.99 7.67
N SER A 23 -6.43 8.87 7.76
CA SER A 23 -5.79 7.56 7.89
C SER A 23 -4.91 7.28 6.67
N ASP A 24 -5.28 7.83 5.53
CA ASP A 24 -4.52 7.64 4.31
C ASP A 24 -3.33 8.60 4.26
N VAL A 25 -2.24 8.20 4.90
CA VAL A 25 -1.00 8.96 4.80
C VAL A 25 -0.31 8.65 3.48
N ILE A 26 -0.83 7.63 2.80
CA ILE A 26 -0.31 7.20 1.51
C ILE A 26 -1.08 7.92 0.39
N LYS A 27 -1.97 8.80 0.79
CA LYS A 27 -2.76 9.57 -0.17
C LYS A 27 -1.88 10.61 -0.85
N GLY A 28 -0.84 11.01 -0.15
CA GLY A 28 0.12 11.93 -0.71
C GLY A 28 1.50 11.31 -0.77
N LYS A 29 2.35 11.84 -1.65
CA LYS A 29 3.72 11.37 -1.79
C LYS A 29 3.75 9.93 -2.31
N TRP A 30 2.71 9.57 -3.08
CA TRP A 30 2.57 8.23 -3.64
C TRP A 30 3.83 7.79 -4.38
N LYS A 31 4.44 8.70 -5.13
CA LYS A 31 5.61 8.36 -5.93
C LYS A 31 6.83 8.12 -5.05
N GLN A 32 6.89 8.79 -3.90
CA GLN A 32 8.01 8.63 -2.99
C GLN A 32 7.85 7.37 -2.15
N LEU A 33 6.61 7.11 -1.74
CA LEU A 33 6.32 6.00 -0.83
C LEU A 33 6.46 4.65 -1.54
N THR A 34 6.50 4.68 -2.87
CA THR A 34 6.65 3.46 -3.67
C THR A 34 7.80 2.61 -3.16
N GLY A 35 8.95 3.23 -2.98
CA GLY A 35 10.14 2.52 -2.53
C GLY A 35 9.92 1.75 -1.24
N LYS A 36 9.27 2.38 -0.28
CA LYS A 36 9.08 1.79 1.04
C LYS A 36 8.02 0.71 1.01
N ILE A 37 7.02 0.86 0.16
CA ILE A 37 6.03 -0.18 -0.06
C ILE A 37 6.71 -1.39 -0.69
N LYS A 38 7.58 -1.09 -1.65
CA LYS A 38 8.35 -2.10 -2.37
C LYS A 38 9.32 -2.81 -1.42
N GLU A 39 9.81 -2.07 -0.42
CA GLU A 39 10.72 -2.61 0.56
C GLU A 39 10.01 -3.59 1.51
N ARG A 40 8.82 -3.23 1.94
CA ARG A 40 8.13 -3.99 2.98
C ARG A 40 7.64 -5.33 2.47
N TRP A 41 6.82 -5.31 1.43
CA TRP A 41 6.24 -6.55 0.92
C TRP A 41 7.15 -7.20 -0.11
N GLY A 42 7.68 -6.40 -1.01
CA GLY A 42 8.66 -6.89 -1.95
C GLY A 42 8.05 -7.43 -3.24
N ASP A 43 6.92 -8.11 -3.13
CA ASP A 43 6.29 -8.73 -4.30
C ASP A 43 5.75 -7.67 -5.25
N LEU A 44 5.20 -6.60 -4.68
CA LEU A 44 4.66 -5.50 -5.47
C LEU A 44 5.75 -4.91 -6.36
N THR A 45 5.53 -4.95 -7.66
CA THR A 45 6.51 -4.46 -8.62
C THR A 45 6.31 -2.98 -8.89
N ASP A 46 7.12 -2.41 -9.77
CA ASP A 46 7.00 -1.00 -10.13
C ASP A 46 5.65 -0.75 -10.78
N ASP A 47 5.14 -1.76 -11.47
CA ASP A 47 3.83 -1.67 -12.12
C ASP A 47 2.72 -1.54 -11.10
N ASP A 48 2.87 -2.22 -9.97
CA ASP A 48 1.85 -2.23 -8.93
C ASP A 48 1.89 -0.93 -8.13
N LEU A 49 3.06 -0.32 -8.08
CA LEU A 49 3.26 0.89 -7.28
C LEU A 49 3.12 2.13 -8.14
N GLN A 50 2.54 1.97 -9.32
CA GLN A 50 2.26 3.08 -10.20
C GLN A 50 0.79 3.04 -10.62
N ALA A 51 0.30 4.16 -11.14
CA ALA A 51 -1.08 4.23 -11.62
C ALA A 51 -2.08 4.03 -10.50
N ALA A 52 -2.13 4.98 -9.58
CA ALA A 52 -3.05 4.90 -8.46
C ALA A 52 -3.53 6.29 -8.04
N ASP A 53 -4.64 6.31 -7.33
CA ASP A 53 -5.17 7.55 -6.76
C ASP A 53 -4.30 7.99 -5.60
N GLY A 54 -3.66 7.01 -4.97
CA GLY A 54 -2.90 7.25 -3.76
C GLY A 54 -3.79 7.20 -2.54
N HIS A 55 -3.87 6.02 -1.94
CA HIS A 55 -4.67 5.80 -0.74
C HIS A 55 -4.54 4.34 -0.30
N ALA A 56 -4.78 4.09 0.99
CA ALA A 56 -4.57 2.77 1.58
C ALA A 56 -5.44 1.71 0.92
N GLU A 57 -6.65 2.12 0.53
CA GLU A 57 -7.61 1.23 -0.12
C GLU A 57 -7.01 0.59 -1.38
N TYR A 58 -6.13 1.34 -2.05
CA TYR A 58 -5.52 0.87 -3.29
C TYR A 58 -4.53 -0.24 -2.99
N LEU A 59 -3.76 -0.06 -1.91
CA LEU A 59 -2.79 -1.07 -1.51
C LEU A 59 -3.51 -2.35 -1.13
N VAL A 60 -4.64 -2.20 -0.45
CA VAL A 60 -5.48 -3.34 -0.09
C VAL A 60 -5.85 -4.15 -1.33
N GLY A 61 -6.32 -3.46 -2.37
CA GLY A 61 -6.67 -4.11 -3.61
C GLY A 61 -5.49 -4.80 -4.25
N LYS A 62 -4.34 -4.12 -4.27
CA LYS A 62 -3.13 -4.68 -4.86
C LYS A 62 -2.61 -5.87 -4.05
N LEU A 63 -2.79 -5.83 -2.74
CA LEU A 63 -2.36 -6.93 -1.88
C LEU A 63 -3.25 -8.15 -2.09
N GLN A 64 -4.55 -7.93 -2.30
CA GLN A 64 -5.46 -9.03 -2.57
C GLN A 64 -5.22 -9.58 -3.97
N GLU A 65 -4.79 -8.72 -4.88
CA GLU A 65 -4.51 -9.12 -6.25
C GLU A 65 -3.22 -9.93 -6.32
N ARG A 66 -2.14 -9.36 -5.80
CA ARG A 66 -0.82 -10.01 -5.84
C ARG A 66 -0.74 -11.20 -4.89
N TYR A 67 -0.95 -10.94 -3.61
CA TYR A 67 -0.84 -11.99 -2.60
C TYR A 67 -2.12 -12.81 -2.52
N GLY A 68 -3.23 -12.12 -2.36
CA GLY A 68 -4.49 -12.81 -2.18
C GLY A 68 -4.86 -12.90 -0.71
N TRP A 69 -4.72 -11.78 -0.01
CA TRP A 69 -5.11 -11.72 1.39
C TRP A 69 -6.56 -11.32 1.53
N SER A 70 -7.03 -11.28 2.76
CA SER A 70 -8.37 -10.81 3.04
C SER A 70 -8.34 -9.31 3.30
N LYS A 71 -9.47 -8.65 3.10
CA LYS A 71 -9.54 -7.20 3.13
C LYS A 71 -9.03 -6.61 4.44
N GLU A 72 -9.50 -7.13 5.57
CA GLU A 72 -9.19 -6.51 6.85
C GLU A 72 -7.76 -6.81 7.27
N ARG A 73 -7.22 -7.92 6.78
CA ARG A 73 -5.82 -8.24 7.00
C ARG A 73 -4.94 -7.24 6.26
N ALA A 74 -5.27 -7.01 5.00
CA ALA A 74 -4.55 -6.07 4.17
C ALA A 74 -4.61 -4.67 4.78
N GLU A 75 -5.80 -4.27 5.23
CA GLU A 75 -5.99 -2.99 5.88
C GLU A 75 -5.06 -2.85 7.09
N GLN A 76 -4.96 -3.91 7.88
CA GLN A 76 -4.08 -3.92 9.05
C GLN A 76 -2.62 -3.72 8.65
N GLU A 77 -2.19 -4.43 7.61
CA GLU A 77 -0.79 -4.37 7.18
C GLU A 77 -0.47 -3.02 6.53
N VAL A 78 -1.44 -2.46 5.82
CA VAL A 78 -1.27 -1.12 5.24
C VAL A 78 -1.27 -0.07 6.36
N ARG A 79 -2.09 -0.30 7.37
CA ARG A 79 -2.13 0.55 8.55
C ARG A 79 -0.79 0.51 9.26
N ASP A 80 -0.22 -0.69 9.33
CA ASP A 80 1.09 -0.90 9.92
C ASP A 80 2.15 -0.14 9.14
N PHE A 81 2.01 -0.14 7.82
CA PHE A 81 2.89 0.63 6.96
C PHE A 81 2.81 2.11 7.32
N SER A 82 1.61 2.57 7.62
CA SER A 82 1.37 3.96 7.99
C SER A 82 1.98 4.26 9.36
N ASP A 83 1.94 3.28 10.26
CA ASP A 83 2.56 3.43 11.58
C ASP A 83 4.07 3.58 11.45
N ARG A 84 4.67 2.65 10.72
CA ARG A 84 6.11 2.63 10.55
C ARG A 84 6.53 3.53 9.39
N LEU A 85 6.24 4.81 9.52
CA LEU A 85 6.67 5.83 8.57
C LEU A 85 7.12 7.07 9.32
N MET A 21 -7.47 13.39 11.59
CA MET A 21 -6.32 13.52 10.66
C MET A 21 -6.82 13.54 9.23
N ASN A 22 -6.73 14.69 8.59
CA ASN A 22 -7.26 14.89 7.25
C ASN A 22 -6.34 14.24 6.21
N SER A 23 -6.96 13.68 5.17
CA SER A 23 -6.28 13.06 4.03
C SER A 23 -5.41 11.87 4.46
N ASP A 24 -4.84 11.19 3.47
CA ASP A 24 -4.03 10.00 3.72
C ASP A 24 -2.56 10.29 3.42
N VAL A 25 -1.68 9.61 4.13
CA VAL A 25 -0.24 9.80 3.98
C VAL A 25 0.28 9.13 2.71
N ILE A 26 -0.31 7.98 2.38
CA ILE A 26 0.13 7.21 1.22
C ILE A 26 -0.37 7.86 -0.07
N LYS A 27 -1.58 8.43 0.01
CA LYS A 27 -2.15 9.18 -1.09
C LYS A 27 -1.29 10.40 -1.43
N GLY A 28 -0.59 10.91 -0.42
CA GLY A 28 0.23 12.09 -0.62
C GLY A 28 1.67 11.75 -1.00
N LYS A 29 2.22 10.72 -0.38
CA LYS A 29 3.62 10.35 -0.60
C LYS A 29 3.72 9.09 -1.47
N TRP A 30 2.74 8.87 -2.33
CA TRP A 30 2.67 7.65 -3.14
C TRP A 30 3.98 7.40 -3.90
N LYS A 31 4.47 8.41 -4.59
CA LYS A 31 5.66 8.27 -5.43
C LYS A 31 6.93 8.23 -4.58
N GLN A 32 6.79 8.59 -3.31
CA GLN A 32 7.93 8.58 -2.40
C GLN A 32 8.01 7.24 -1.67
N LEU A 33 6.85 6.71 -1.30
CA LEU A 33 6.76 5.50 -0.51
C LEU A 33 7.01 4.25 -1.35
N THR A 34 7.20 4.43 -2.65
CA THR A 34 7.41 3.33 -3.58
C THR A 34 8.53 2.38 -3.10
N GLY A 35 9.61 2.97 -2.61
CA GLY A 35 10.75 2.19 -2.15
C GLY A 35 10.44 1.36 -0.91
N LYS A 36 9.75 1.98 0.05
CA LYS A 36 9.39 1.29 1.28
C LYS A 36 8.35 0.21 1.02
N ILE A 37 7.45 0.45 0.08
CA ILE A 37 6.46 -0.56 -0.29
C ILE A 37 7.16 -1.77 -0.90
N LYS A 38 8.13 -1.49 -1.77
CA LYS A 38 8.96 -2.52 -2.39
C LYS A 38 9.74 -3.30 -1.32
N GLU A 39 10.06 -2.64 -0.21
CA GLU A 39 10.76 -3.27 0.88
C GLU A 39 9.80 -4.10 1.72
N ARG A 40 8.68 -3.50 2.10
CA ARG A 40 7.72 -4.13 2.99
C ARG A 40 7.12 -5.40 2.38
N TRP A 41 6.49 -5.30 1.22
CA TRP A 41 5.78 -6.43 0.66
C TRP A 41 6.59 -7.13 -0.44
N GLY A 42 7.51 -6.39 -1.05
CA GLY A 42 8.50 -7.02 -1.91
C GLY A 42 8.04 -7.28 -3.33
N ASP A 43 7.09 -8.19 -3.49
CA ASP A 43 6.71 -8.68 -4.82
C ASP A 43 6.01 -7.62 -5.67
N LEU A 44 5.47 -6.59 -5.02
CA LEU A 44 4.80 -5.51 -5.73
C LEU A 44 5.75 -4.83 -6.70
N THR A 45 5.31 -4.70 -7.95
CA THR A 45 6.15 -4.14 -9.00
C THR A 45 5.90 -2.65 -9.15
N ASP A 46 6.69 -2.01 -10.01
CA ASP A 46 6.61 -0.56 -10.20
C ASP A 46 5.33 -0.18 -10.93
N ASP A 47 4.67 -1.18 -11.51
CA ASP A 47 3.36 -0.96 -12.10
C ASP A 47 2.33 -0.75 -11.02
N ASP A 48 2.38 -1.59 -10.00
CA ASP A 48 1.47 -1.49 -8.86
C ASP A 48 1.74 -0.21 -8.11
N LEU A 49 3.00 0.19 -8.08
CA LEU A 49 3.43 1.34 -7.30
C LEU A 49 3.40 2.63 -8.12
N GLN A 50 2.85 2.56 -9.33
CA GLN A 50 2.72 3.74 -10.16
C GLN A 50 1.54 3.59 -11.10
N ALA A 51 0.34 3.69 -10.53
CA ALA A 51 -0.92 3.60 -11.27
C ALA A 51 -2.09 3.70 -10.31
N ALA A 52 -2.05 4.68 -9.41
CA ALA A 52 -3.03 4.75 -8.34
C ALA A 52 -3.31 6.17 -7.90
N ASP A 53 -4.35 6.31 -7.10
CA ASP A 53 -4.69 7.56 -6.44
C ASP A 53 -4.31 7.48 -4.96
N GLY A 54 -3.47 6.51 -4.64
CA GLY A 54 -3.00 6.35 -3.27
C GLY A 54 -4.05 5.75 -2.37
N HIS A 55 -4.06 6.21 -1.11
CA HIS A 55 -5.00 5.79 -0.05
C HIS A 55 -5.06 4.27 0.17
N ALA A 56 -5.47 3.88 1.37
CA ALA A 56 -5.45 2.50 1.81
C ALA A 56 -6.27 1.59 0.90
N GLU A 57 -7.44 2.09 0.49
CA GLU A 57 -8.38 1.33 -0.32
C GLU A 57 -7.74 0.74 -1.57
N TYR A 58 -6.81 1.47 -2.18
CA TYR A 58 -6.17 0.98 -3.39
C TYR A 58 -5.19 -0.14 -3.06
N LEU A 59 -4.43 0.04 -1.99
CA LEU A 59 -3.46 -0.96 -1.57
C LEU A 59 -4.16 -2.27 -1.25
N VAL A 60 -5.28 -2.18 -0.54
CA VAL A 60 -6.06 -3.36 -0.19
C VAL A 60 -6.35 -4.19 -1.44
N GLY A 61 -6.80 -3.51 -2.49
CA GLY A 61 -7.07 -4.19 -3.75
C GLY A 61 -5.83 -4.85 -4.33
N LYS A 62 -4.73 -4.11 -4.37
CA LYS A 62 -3.48 -4.62 -4.93
C LYS A 62 -2.92 -5.78 -4.11
N LEU A 63 -3.06 -5.71 -2.81
CA LEU A 63 -2.55 -6.74 -1.92
C LEU A 63 -3.36 -8.03 -2.07
N GLN A 64 -4.63 -7.88 -2.44
CA GLN A 64 -5.49 -9.02 -2.71
C GLN A 64 -5.27 -9.51 -4.14
N GLU A 65 -5.04 -8.57 -5.04
CA GLU A 65 -4.74 -8.85 -6.44
C GLU A 65 -3.47 -9.69 -6.56
N ARG A 66 -2.40 -9.19 -5.96
CA ARG A 66 -1.08 -9.80 -6.09
C ARG A 66 -0.94 -11.03 -5.20
N TYR A 67 -1.25 -10.86 -3.92
CA TYR A 67 -1.03 -11.93 -2.95
C TYR A 67 -2.31 -12.69 -2.68
N GLY A 68 -3.26 -12.04 -2.03
CA GLY A 68 -4.49 -12.71 -1.66
C GLY A 68 -4.51 -13.06 -0.18
N TRP A 69 -4.50 -12.04 0.66
CA TRP A 69 -4.60 -12.22 2.10
C TRP A 69 -6.06 -12.08 2.53
N SER A 70 -6.28 -11.98 3.82
CA SER A 70 -7.57 -11.55 4.32
C SER A 70 -7.68 -10.05 4.07
N LYS A 71 -8.87 -9.56 3.75
CA LYS A 71 -9.06 -8.13 3.52
C LYS A 71 -8.67 -7.34 4.76
N GLU A 72 -8.97 -7.89 5.92
CA GLU A 72 -8.58 -7.29 7.19
C GLU A 72 -7.05 -7.21 7.28
N ARG A 73 -6.40 -8.28 6.84
CA ARG A 73 -4.95 -8.37 6.87
C ARG A 73 -4.33 -7.34 5.94
N ALA A 74 -4.91 -7.21 4.74
CA ALA A 74 -4.45 -6.23 3.77
C ALA A 74 -4.55 -4.82 4.33
N GLU A 75 -5.71 -4.51 4.91
CA GLU A 75 -5.94 -3.21 5.53
C GLU A 75 -4.95 -2.97 6.68
N GLN A 76 -4.78 -3.98 7.52
CA GLN A 76 -3.85 -3.90 8.65
C GLN A 76 -2.42 -3.69 8.18
N GLU A 77 -2.07 -4.25 7.02
CA GLU A 77 -0.75 -4.04 6.44
C GLU A 77 -0.59 -2.59 6.05
N VAL A 78 -1.64 -2.01 5.49
CA VAL A 78 -1.62 -0.61 5.12
C VAL A 78 -1.51 0.26 6.37
N ARG A 79 -2.24 -0.10 7.41
CA ARG A 79 -2.19 0.61 8.67
C ARG A 79 -0.83 0.47 9.32
N ASP A 80 -0.26 -0.73 9.25
CA ASP A 80 1.10 -0.97 9.73
C ASP A 80 2.09 -0.10 8.98
N PHE A 81 1.95 -0.04 7.67
CA PHE A 81 2.81 0.77 6.83
C PHE A 81 2.66 2.26 7.17
N SER A 82 1.42 2.72 7.26
CA SER A 82 1.14 4.12 7.54
C SER A 82 1.65 4.53 8.93
N ASP A 83 1.48 3.64 9.90
CA ASP A 83 1.86 3.92 11.28
C ASP A 83 3.38 3.92 11.44
N ARG A 84 4.06 3.16 10.61
CA ARG A 84 5.51 3.04 10.70
C ARG A 84 6.19 4.13 9.87
N LEU A 85 5.40 5.10 9.42
CA LEU A 85 5.93 6.24 8.70
C LEU A 85 6.16 7.40 9.66
N MET A 21 -10.25 12.37 2.03
CA MET A 21 -9.24 13.22 1.36
C MET A 21 -8.00 13.35 2.23
N ASN A 22 -8.12 14.10 3.31
CA ASN A 22 -7.00 14.34 4.21
C ASN A 22 -6.99 13.29 5.32
N SER A 23 -7.62 12.16 5.05
CA SER A 23 -7.67 11.06 6.00
C SER A 23 -6.73 9.94 5.57
N ASP A 24 -5.91 10.23 4.57
CA ASP A 24 -5.01 9.24 4.02
C ASP A 24 -3.56 9.72 4.09
N VAL A 25 -2.64 8.80 4.26
CA VAL A 25 -1.22 9.15 4.35
C VAL A 25 -0.44 8.58 3.17
N ILE A 26 -0.98 7.52 2.56
CA ILE A 26 -0.30 6.83 1.47
C ILE A 26 -0.37 7.65 0.19
N LYS A 27 -1.56 8.15 -0.10
CA LYS A 27 -1.81 8.94 -1.31
C LYS A 27 -1.01 10.24 -1.27
N GLY A 28 -0.68 10.70 -0.06
CA GLY A 28 0.05 11.93 0.12
C GLY A 28 1.40 11.92 -0.58
N LYS A 29 2.09 10.79 -0.51
CA LYS A 29 3.40 10.65 -1.16
C LYS A 29 3.46 9.37 -1.96
N TRP A 30 2.34 9.01 -2.57
CA TRP A 30 2.19 7.75 -3.31
C TRP A 30 3.34 7.52 -4.29
N LYS A 31 3.74 8.57 -5.00
CA LYS A 31 4.76 8.42 -6.04
C LYS A 31 6.14 8.16 -5.43
N GLN A 32 6.34 8.67 -4.22
CA GLN A 32 7.62 8.51 -3.54
C GLN A 32 7.64 7.26 -2.67
N LEU A 33 6.50 6.97 -2.06
CA LEU A 33 6.38 5.83 -1.15
C LEU A 33 6.53 4.51 -1.89
N THR A 34 6.57 4.57 -3.21
CA THR A 34 6.77 3.40 -4.05
C THR A 34 7.96 2.56 -3.57
N GLY A 35 9.06 3.23 -3.25
CA GLY A 35 10.25 2.53 -2.81
C GLY A 35 10.11 1.93 -1.42
N LYS A 36 9.31 2.56 -0.58
CA LYS A 36 9.11 2.06 0.78
C LYS A 36 8.07 0.95 0.81
N ILE A 37 7.02 1.09 0.01
CA ILE A 37 5.97 0.10 -0.07
C ILE A 37 6.52 -1.20 -0.68
N LYS A 38 7.30 -1.06 -1.74
CA LYS A 38 7.90 -2.20 -2.41
C LYS A 38 8.98 -2.83 -1.51
N GLU A 39 9.58 -2.02 -0.66
CA GLU A 39 10.60 -2.51 0.27
C GLU A 39 9.94 -3.34 1.37
N ARG A 40 8.76 -2.92 1.79
CA ARG A 40 8.03 -3.59 2.86
C ARG A 40 7.61 -4.99 2.42
N TRP A 41 6.78 -5.07 1.39
CA TRP A 41 6.22 -6.34 0.95
C TRP A 41 7.12 -7.03 -0.07
N GLY A 42 7.48 -6.31 -1.11
CA GLY A 42 8.33 -6.86 -2.13
C GLY A 42 7.60 -7.22 -3.41
N ASP A 43 6.47 -7.90 -3.28
CA ASP A 43 5.70 -8.35 -4.44
C ASP A 43 4.96 -7.21 -5.10
N LEU A 44 4.91 -6.07 -4.43
CA LEU A 44 4.32 -4.87 -5.01
C LEU A 44 5.35 -4.16 -5.87
N THR A 45 5.29 -4.40 -7.18
CA THR A 45 6.29 -3.86 -8.09
C THR A 45 6.03 -2.38 -8.35
N ASP A 46 7.07 -1.69 -8.83
CA ASP A 46 6.97 -0.25 -9.09
C ASP A 46 5.90 0.04 -10.13
N ASP A 47 5.65 -0.93 -10.99
CA ASP A 47 4.65 -0.80 -12.05
C ASP A 47 3.27 -0.50 -11.46
N ASP A 48 2.90 -1.28 -10.46
CA ASP A 48 1.60 -1.12 -9.79
C ASP A 48 1.59 0.18 -9.00
N LEU A 49 2.69 0.47 -8.33
CA LEU A 49 2.78 1.61 -7.42
C LEU A 49 2.94 2.93 -8.16
N GLN A 50 3.32 2.85 -9.43
CA GLN A 50 3.49 4.05 -10.25
C GLN A 50 2.19 4.40 -10.97
N ALA A 51 1.34 3.40 -11.14
CA ALA A 51 0.12 3.55 -11.94
C ALA A 51 -1.08 3.94 -11.09
N ALA A 52 -1.18 3.37 -9.90
CA ALA A 52 -2.39 3.50 -9.09
C ALA A 52 -2.60 4.92 -8.55
N ASP A 53 -3.77 5.14 -7.95
CA ASP A 53 -4.13 6.42 -7.35
C ASP A 53 -3.23 6.73 -6.17
N GLY A 54 -3.38 5.97 -5.09
CA GLY A 54 -2.55 6.17 -3.92
C GLY A 54 -3.27 5.90 -2.62
N HIS A 55 -4.54 6.28 -2.53
CA HIS A 55 -5.30 6.15 -1.29
C HIS A 55 -5.32 4.69 -0.80
N ALA A 56 -5.23 4.52 0.52
CA ALA A 56 -5.02 3.22 1.16
C ALA A 56 -5.96 2.13 0.64
N GLU A 57 -7.24 2.46 0.46
CA GLU A 57 -8.23 1.47 0.04
C GLU A 57 -7.82 0.79 -1.27
N TYR A 58 -7.09 1.49 -2.11
CA TYR A 58 -6.69 0.95 -3.41
C TYR A 58 -5.45 0.08 -3.23
N LEU A 59 -4.61 0.46 -2.28
CA LEU A 59 -3.42 -0.32 -1.95
C LEU A 59 -3.84 -1.66 -1.34
N VAL A 60 -4.90 -1.62 -0.53
CA VAL A 60 -5.51 -2.82 0.03
C VAL A 60 -5.89 -3.79 -1.08
N GLY A 61 -6.50 -3.25 -2.14
CA GLY A 61 -6.89 -4.07 -3.28
C GLY A 61 -5.69 -4.69 -3.96
N LYS A 62 -4.59 -3.95 -4.03
CA LYS A 62 -3.35 -4.46 -4.63
C LYS A 62 -2.80 -5.63 -3.84
N LEU A 63 -2.84 -5.53 -2.51
CA LEU A 63 -2.36 -6.61 -1.65
C LEU A 63 -3.20 -7.87 -1.84
N GLN A 64 -4.50 -7.69 -1.99
CA GLN A 64 -5.40 -8.81 -2.19
C GLN A 64 -5.16 -9.47 -3.54
N GLU A 65 -4.69 -8.70 -4.51
CA GLU A 65 -4.38 -9.25 -5.83
C GLU A 65 -3.04 -9.97 -5.82
N ARG A 66 -2.09 -9.44 -5.05
CA ARG A 66 -0.75 -10.02 -4.98
C ARG A 66 -0.74 -11.33 -4.20
N TYR A 67 -1.18 -11.28 -2.95
CA TYR A 67 -1.06 -12.42 -2.05
C TYR A 67 -2.38 -13.15 -1.87
N GLY A 68 -3.47 -12.49 -2.19
CA GLY A 68 -4.77 -13.07 -1.96
C GLY A 68 -5.18 -12.98 -0.51
N TRP A 69 -4.88 -11.85 0.12
CA TRP A 69 -5.21 -11.65 1.52
C TRP A 69 -6.66 -11.19 1.67
N SER A 70 -7.21 -11.38 2.84
CA SER A 70 -8.50 -10.84 3.18
C SER A 70 -8.37 -9.33 3.37
N LYS A 71 -9.47 -8.60 3.19
CA LYS A 71 -9.43 -7.14 3.25
C LYS A 71 -9.02 -6.65 4.64
N GLU A 72 -9.50 -7.32 5.68
CA GLU A 72 -9.13 -6.98 7.04
C GLU A 72 -7.63 -7.14 7.26
N ARG A 73 -7.08 -8.22 6.70
CA ARG A 73 -5.66 -8.48 6.84
C ARG A 73 -4.84 -7.45 6.08
N ALA A 74 -5.26 -7.16 4.85
CA ALA A 74 -4.58 -6.18 4.03
C ALA A 74 -4.66 -4.78 4.66
N GLU A 75 -5.81 -4.48 5.25
CA GLU A 75 -6.02 -3.20 5.94
C GLU A 75 -4.97 -3.05 7.04
N GLN A 76 -4.96 -3.99 7.97
CA GLN A 76 -4.02 -3.98 9.09
C GLN A 76 -2.56 -4.05 8.61
N GLU A 77 -2.35 -4.73 7.50
CA GLU A 77 -1.01 -4.88 6.95
C GLU A 77 -0.48 -3.54 6.45
N VAL A 78 -1.34 -2.76 5.78
CA VAL A 78 -0.99 -1.42 5.34
C VAL A 78 -0.72 -0.52 6.53
N ARG A 79 -1.51 -0.69 7.58
CA ARG A 79 -1.35 0.12 8.80
C ARG A 79 -0.03 -0.20 9.47
N ASP A 80 0.34 -1.47 9.49
CA ASP A 80 1.63 -1.88 10.06
C ASP A 80 2.77 -1.11 9.41
N PHE A 81 2.67 -0.94 8.10
CA PHE A 81 3.64 -0.16 7.34
C PHE A 81 3.53 1.33 7.66
N SER A 82 2.30 1.83 7.67
CA SER A 82 2.04 3.25 7.83
C SER A 82 2.36 3.74 9.25
N ASP A 83 2.26 2.85 10.24
CA ASP A 83 2.56 3.21 11.62
C ASP A 83 4.06 3.07 11.90
N ARG A 84 4.82 2.68 10.89
CA ARG A 84 6.27 2.61 11.01
C ARG A 84 6.93 3.69 10.16
N LEU A 85 6.13 4.62 9.68
CA LEU A 85 6.63 5.72 8.87
C LEU A 85 7.29 6.77 9.75
N MET A 21 -4.82 9.37 14.93
CA MET A 21 -5.94 8.98 14.07
C MET A 21 -5.50 7.85 13.13
N ASN A 22 -6.47 7.22 12.47
CA ASN A 22 -6.18 6.18 11.48
C ASN A 22 -5.08 6.62 10.52
N SER A 23 -4.08 5.76 10.37
CA SER A 23 -2.97 5.98 9.45
C SER A 23 -3.49 6.17 8.03
N ASP A 24 -3.45 7.41 7.55
CA ASP A 24 -4.02 7.73 6.24
C ASP A 24 -3.06 8.57 5.40
N VAL A 25 -1.82 8.68 5.87
CA VAL A 25 -0.83 9.52 5.21
C VAL A 25 -0.44 8.98 3.83
N ILE A 26 -0.74 7.71 3.58
CA ILE A 26 -0.35 7.06 2.34
C ILE A 26 -1.13 7.60 1.14
N LYS A 27 -2.34 8.09 1.40
CA LYS A 27 -3.24 8.54 0.33
C LYS A 27 -2.62 9.65 -0.51
N GLY A 28 -2.03 10.64 0.14
CA GLY A 28 -1.49 11.78 -0.57
C GLY A 28 0.00 11.69 -0.83
N LYS A 29 0.58 10.54 -0.51
CA LYS A 29 2.02 10.36 -0.65
C LYS A 29 2.34 9.08 -1.42
N TRP A 30 1.34 8.53 -2.11
CA TRP A 30 1.44 7.24 -2.78
C TRP A 30 2.74 7.07 -3.56
N LYS A 31 2.98 7.93 -4.54
CA LYS A 31 4.13 7.77 -5.43
C LYS A 31 5.45 8.15 -4.74
N GLN A 32 5.37 8.63 -3.51
CA GLN A 32 6.56 8.95 -2.74
C GLN A 32 6.87 7.80 -1.79
N LEU A 33 5.91 6.90 -1.63
CA LEU A 33 6.03 5.83 -0.65
C LEU A 33 6.31 4.48 -1.31
N THR A 34 6.06 4.38 -2.61
CA THR A 34 6.19 3.13 -3.35
C THR A 34 7.54 2.44 -3.08
N GLY A 35 8.60 3.24 -3.00
CA GLY A 35 9.93 2.70 -2.78
C GLY A 35 10.04 1.93 -1.47
N LYS A 36 9.43 2.47 -0.42
CA LYS A 36 9.47 1.84 0.88
C LYS A 36 8.38 0.77 0.99
N ILE A 37 7.30 0.99 0.23
CA ILE A 37 6.23 0.00 0.14
C ILE A 37 6.77 -1.31 -0.42
N LYS A 38 7.54 -1.20 -1.49
CA LYS A 38 8.13 -2.37 -2.14
C LYS A 38 9.14 -3.04 -1.22
N GLU A 39 9.81 -2.25 -0.39
CA GLU A 39 10.82 -2.79 0.50
C GLU A 39 10.17 -3.41 1.73
N ARG A 40 8.97 -2.96 2.05
CA ARG A 40 8.23 -3.50 3.20
C ARG A 40 7.79 -4.93 2.94
N TRP A 41 7.02 -5.13 1.88
CA TRP A 41 6.44 -6.43 1.59
C TRP A 41 7.30 -7.22 0.60
N GLY A 42 8.17 -6.53 -0.12
CA GLY A 42 9.12 -7.21 -0.99
C GLY A 42 8.56 -7.52 -2.35
N ASP A 43 7.64 -8.47 -2.41
CA ASP A 43 7.12 -8.97 -3.68
C ASP A 43 6.00 -8.09 -4.20
N LEU A 44 6.35 -6.86 -4.50
CA LEU A 44 5.43 -5.93 -5.12
C LEU A 44 5.98 -5.44 -6.46
N THR A 45 5.24 -5.73 -7.51
CA THR A 45 5.66 -5.38 -8.87
C THR A 45 5.47 -3.88 -9.10
N ASP A 46 6.26 -3.31 -10.02
CA ASP A 46 6.16 -1.89 -10.34
C ASP A 46 4.75 -1.54 -10.83
N ASP A 47 4.08 -2.52 -11.45
CA ASP A 47 2.67 -2.37 -11.83
C ASP A 47 1.80 -2.08 -10.61
N ASP A 48 2.09 -2.77 -9.51
CA ASP A 48 1.32 -2.63 -8.29
C ASP A 48 1.65 -1.31 -7.60
N LEU A 49 2.78 -0.73 -7.95
CA LEU A 49 3.20 0.54 -7.39
C LEU A 49 2.96 1.67 -8.39
N GLN A 50 2.38 1.32 -9.54
CA GLN A 50 2.13 2.29 -10.60
C GLN A 50 1.17 3.36 -10.12
N ALA A 51 1.68 4.57 -9.99
CA ALA A 51 0.89 5.69 -9.51
C ALA A 51 -0.11 6.15 -10.55
N ALA A 52 -1.35 5.71 -10.40
CA ALA A 52 -2.45 6.19 -11.22
C ALA A 52 -3.39 7.02 -10.36
N ASP A 53 -4.21 6.33 -9.58
CA ASP A 53 -5.05 6.99 -8.60
C ASP A 53 -4.47 6.74 -7.20
N GLY A 54 -3.98 7.80 -6.58
CA GLY A 54 -3.27 7.68 -5.32
C GLY A 54 -4.18 7.67 -4.11
N HIS A 55 -4.32 6.50 -3.50
CA HIS A 55 -5.11 6.35 -2.27
C HIS A 55 -4.81 4.99 -1.65
N ALA A 56 -5.09 4.85 -0.36
CA ALA A 56 -4.72 3.64 0.38
C ALA A 56 -5.50 2.42 -0.10
N GLU A 57 -6.74 2.66 -0.53
CA GLU A 57 -7.59 1.58 -1.03
C GLU A 57 -6.95 0.92 -2.25
N TYR A 58 -6.19 1.70 -3.02
CA TYR A 58 -5.51 1.19 -4.19
C TYR A 58 -4.41 0.22 -3.77
N LEU A 59 -3.73 0.57 -2.68
CA LEU A 59 -2.73 -0.30 -2.08
C LEU A 59 -3.37 -1.61 -1.64
N VAL A 60 -4.44 -1.49 -0.86
CA VAL A 60 -5.18 -2.66 -0.37
C VAL A 60 -5.61 -3.56 -1.51
N GLY A 61 -6.21 -2.95 -2.54
CA GLY A 61 -6.68 -3.70 -3.69
C GLY A 61 -5.58 -4.47 -4.39
N LYS A 62 -4.39 -3.87 -4.47
CA LYS A 62 -3.29 -4.52 -5.15
C LYS A 62 -2.53 -5.46 -4.22
N LEU A 63 -2.71 -5.30 -2.92
CA LEU A 63 -2.20 -6.28 -1.96
C LEU A 63 -2.96 -7.59 -2.12
N GLN A 64 -4.22 -7.47 -2.53
CA GLN A 64 -5.04 -8.65 -2.84
C GLN A 64 -4.73 -9.12 -4.25
N GLU A 65 -4.28 -8.20 -5.09
CA GLU A 65 -3.87 -8.52 -6.45
C GLU A 65 -2.61 -9.41 -6.44
N ARG A 66 -1.55 -8.89 -5.84
CA ARG A 66 -0.27 -9.58 -5.83
C ARG A 66 -0.27 -10.75 -4.86
N TYR A 67 -0.62 -10.48 -3.60
CA TYR A 67 -0.65 -11.53 -2.58
C TYR A 67 -2.02 -12.18 -2.50
N GLY A 68 -3.01 -11.41 -2.09
CA GLY A 68 -4.35 -11.93 -1.98
C GLY A 68 -4.76 -12.16 -0.54
N TRP A 69 -4.52 -11.17 0.30
CA TRP A 69 -4.94 -11.25 1.69
C TRP A 69 -6.40 -10.85 1.82
N SER A 70 -6.96 -11.08 2.99
CA SER A 70 -8.31 -10.61 3.28
C SER A 70 -8.30 -9.09 3.45
N LYS A 71 -9.43 -8.44 3.17
CA LYS A 71 -9.53 -6.99 3.20
C LYS A 71 -9.03 -6.43 4.53
N GLU A 72 -9.51 -7.00 5.62
CA GLU A 72 -9.17 -6.51 6.96
C GLU A 72 -7.70 -6.80 7.29
N ARG A 73 -7.16 -7.85 6.71
CA ARG A 73 -5.75 -8.18 6.93
C ARG A 73 -4.87 -7.24 6.11
N ALA A 74 -5.34 -6.88 4.92
CA ALA A 74 -4.64 -5.90 4.10
C ALA A 74 -4.68 -4.54 4.77
N GLU A 75 -5.84 -4.19 5.31
CA GLU A 75 -5.99 -2.96 6.09
C GLU A 75 -5.01 -2.94 7.27
N GLN A 76 -4.87 -4.09 7.92
CA GLN A 76 -3.96 -4.22 9.04
C GLN A 76 -2.53 -3.93 8.60
N GLU A 77 -2.11 -4.55 7.50
CA GLU A 77 -0.76 -4.35 6.96
C GLU A 77 -0.52 -2.88 6.62
N VAL A 78 -1.51 -2.25 5.98
CA VAL A 78 -1.40 -0.84 5.61
C VAL A 78 -1.17 0.04 6.84
N ARG A 79 -1.96 -0.20 7.88
CA ARG A 79 -1.84 0.58 9.11
C ARG A 79 -0.52 0.30 9.81
N ASP A 80 -0.11 -0.97 9.79
CA ASP A 80 1.16 -1.38 10.39
C ASP A 80 2.34 -0.75 9.67
N PHE A 81 2.29 -0.79 8.35
CA PHE A 81 3.34 -0.18 7.52
C PHE A 81 3.37 1.33 7.68
N SER A 82 2.20 1.95 7.78
CA SER A 82 2.11 3.41 7.84
C SER A 82 2.79 3.97 9.09
N ASP A 83 2.99 3.14 10.10
CA ASP A 83 3.72 3.56 11.29
C ASP A 83 5.21 3.43 11.06
N ARG A 84 5.60 2.35 10.40
CA ARG A 84 7.01 2.10 10.08
C ARG A 84 7.47 2.99 8.93
N LEU A 85 6.51 3.67 8.32
CA LEU A 85 6.77 4.63 7.27
C LEU A 85 7.76 5.68 7.75
N MET A 21 -10.58 11.46 12.82
CA MET A 21 -9.91 10.19 12.47
C MET A 21 -9.52 10.18 11.01
N ASN A 22 -8.30 10.62 10.72
CA ASN A 22 -7.84 10.72 9.33
C ASN A 22 -6.50 10.05 9.14
N SER A 23 -6.43 9.19 8.13
CA SER A 23 -5.17 8.56 7.75
C SER A 23 -5.18 8.28 6.25
N ASP A 24 -4.55 9.17 5.49
CA ASP A 24 -4.47 9.02 4.04
C ASP A 24 -3.14 9.54 3.53
N VAL A 25 -2.16 9.61 4.44
CA VAL A 25 -0.81 10.08 4.13
C VAL A 25 -0.19 9.32 2.95
N ILE A 26 -0.64 8.09 2.75
CA ILE A 26 -0.10 7.20 1.71
C ILE A 26 -0.20 7.84 0.32
N LYS A 27 -1.37 8.41 0.01
CA LYS A 27 -1.63 8.92 -1.32
C LYS A 27 -0.83 10.20 -1.59
N GLY A 28 -0.53 10.94 -0.54
CA GLY A 28 0.20 12.18 -0.69
C GLY A 28 1.68 11.96 -0.98
N LYS A 29 2.24 10.94 -0.35
CA LYS A 29 3.66 10.65 -0.52
C LYS A 29 3.85 9.48 -1.47
N TRP A 30 2.79 9.19 -2.22
CA TRP A 30 2.70 7.98 -3.04
C TRP A 30 3.93 7.74 -3.92
N LYS A 31 4.35 8.77 -4.65
CA LYS A 31 5.46 8.61 -5.60
C LYS A 31 6.79 8.36 -4.90
N GLN A 32 6.85 8.68 -3.62
CA GLN A 32 8.04 8.43 -2.82
C GLN A 32 7.88 7.13 -2.02
N LEU A 33 6.64 6.83 -1.65
CA LEU A 33 6.36 5.66 -0.83
C LEU A 33 6.40 4.38 -1.66
N THR A 34 6.34 4.49 -2.98
CA THR A 34 6.33 3.33 -3.85
C THR A 34 7.54 2.42 -3.59
N GLY A 35 8.69 3.04 -3.30
CA GLY A 35 9.88 2.27 -2.98
C GLY A 35 9.82 1.63 -1.61
N LYS A 36 9.07 2.26 -0.71
CA LYS A 36 8.91 1.76 0.66
C LYS A 36 7.81 0.72 0.75
N ILE A 37 6.81 0.85 -0.11
CA ILE A 37 5.76 -0.14 -0.22
C ILE A 37 6.35 -1.44 -0.75
N LYS A 38 7.23 -1.33 -1.73
CA LYS A 38 7.93 -2.48 -2.29
C LYS A 38 8.93 -3.03 -1.29
N GLU A 39 9.30 -2.20 -0.33
CA GLU A 39 10.20 -2.60 0.75
C GLU A 39 9.45 -3.48 1.75
N ARG A 40 8.23 -3.07 2.09
CA ARG A 40 7.38 -3.85 2.98
C ARG A 40 6.85 -5.08 2.28
N TRP A 41 6.37 -4.90 1.06
CA TRP A 41 5.84 -6.01 0.28
C TRP A 41 6.64 -6.16 -1.01
N GLY A 42 7.51 -7.16 -1.03
CA GLY A 42 8.51 -7.27 -2.09
C GLY A 42 7.99 -7.87 -3.38
N ASP A 43 6.76 -8.32 -3.40
CA ASP A 43 6.21 -8.93 -4.62
C ASP A 43 5.48 -7.88 -5.45
N LEU A 44 5.26 -6.71 -4.86
CA LEU A 44 4.65 -5.59 -5.58
C LEU A 44 5.70 -4.86 -6.40
N THR A 45 5.54 -4.84 -7.72
CA THR A 45 6.51 -4.18 -8.57
C THR A 45 6.21 -2.69 -8.66
N ASP A 46 7.15 -1.92 -9.16
CA ASP A 46 7.00 -0.47 -9.25
C ASP A 46 5.90 -0.10 -10.24
N ASP A 47 5.63 -0.98 -11.21
CA ASP A 47 4.59 -0.74 -12.19
C ASP A 47 3.21 -0.87 -11.54
N ASP A 48 3.09 -1.77 -10.58
CA ASP A 48 1.82 -1.99 -9.89
C ASP A 48 1.48 -0.80 -9.01
N LEU A 49 2.51 -0.14 -8.50
CA LEU A 49 2.33 0.95 -7.56
C LEU A 49 2.34 2.30 -8.25
N GLN A 50 3.31 2.54 -9.11
CA GLN A 50 3.44 3.82 -9.79
C GLN A 50 2.47 3.89 -10.96
N ALA A 51 1.18 3.75 -10.64
CA ALA A 51 0.12 3.68 -11.64
C ALA A 51 -1.24 3.73 -10.96
N ALA A 52 -1.30 4.28 -9.76
CA ALA A 52 -2.50 4.16 -8.94
C ALA A 52 -2.93 5.49 -8.35
N ASP A 53 -4.11 5.47 -7.74
CA ASP A 53 -4.66 6.61 -7.01
C ASP A 53 -3.79 6.93 -5.80
N GLY A 54 -3.59 5.95 -4.93
CA GLY A 54 -2.66 6.12 -3.83
C GLY A 54 -3.30 5.90 -2.47
N HIS A 55 -4.60 6.14 -2.34
CA HIS A 55 -5.24 6.06 -1.03
C HIS A 55 -5.27 4.61 -0.51
N ALA A 56 -5.41 4.46 0.80
CA ALA A 56 -5.18 3.20 1.51
C ALA A 56 -5.92 2.01 0.91
N GLU A 57 -7.18 2.19 0.56
CA GLU A 57 -8.01 1.11 0.04
C GLU A 57 -7.44 0.50 -1.23
N TYR A 58 -6.68 1.29 -1.99
CA TYR A 58 -6.11 0.81 -3.23
C TYR A 58 -4.95 -0.14 -2.95
N LEU A 59 -4.25 0.13 -1.85
CA LEU A 59 -3.19 -0.77 -1.39
C LEU A 59 -3.80 -2.12 -1.06
N VAL A 60 -4.92 -2.08 -0.37
CA VAL A 60 -5.66 -3.28 -0.02
C VAL A 60 -6.01 -4.07 -1.29
N GLY A 61 -6.46 -3.36 -2.32
CA GLY A 61 -6.76 -3.99 -3.59
C GLY A 61 -5.54 -4.66 -4.19
N LYS A 62 -4.43 -3.92 -4.24
CA LYS A 62 -3.17 -4.44 -4.74
C LYS A 62 -2.70 -5.64 -3.93
N LEU A 63 -2.94 -5.62 -2.64
CA LEU A 63 -2.55 -6.73 -1.77
C LEU A 63 -3.39 -7.96 -2.06
N GLN A 64 -4.61 -7.75 -2.53
CA GLN A 64 -5.48 -8.84 -2.94
C GLN A 64 -5.10 -9.32 -4.34
N GLU A 65 -4.91 -8.36 -5.23
CA GLU A 65 -4.54 -8.64 -6.61
C GLU A 65 -3.22 -9.39 -6.70
N ARG A 66 -2.22 -8.90 -5.99
CA ARG A 66 -0.87 -9.44 -6.07
C ARG A 66 -0.73 -10.69 -5.21
N TYR A 67 -1.22 -10.62 -3.98
CA TYR A 67 -1.06 -11.72 -3.04
C TYR A 67 -2.35 -12.52 -2.91
N GLY A 68 -3.30 -11.96 -2.18
CA GLY A 68 -4.54 -12.66 -1.91
C GLY A 68 -4.71 -12.97 -0.44
N TRP A 69 -5.00 -11.94 0.34
CA TRP A 69 -5.20 -12.08 1.78
C TRP A 69 -6.65 -11.76 2.11
N SER A 70 -6.93 -11.62 3.39
CA SER A 70 -8.22 -11.09 3.81
C SER A 70 -8.12 -9.56 3.87
N LYS A 71 -9.24 -8.88 3.73
CA LYS A 71 -9.24 -7.41 3.79
C LYS A 71 -8.88 -6.97 5.20
N GLU A 72 -9.26 -7.79 6.17
CA GLU A 72 -8.88 -7.60 7.55
C GLU A 72 -7.35 -7.54 7.63
N ARG A 73 -6.71 -8.56 7.08
CA ARG A 73 -5.27 -8.68 7.11
C ARG A 73 -4.60 -7.60 6.27
N ALA A 74 -5.12 -7.39 5.07
CA ALA A 74 -4.57 -6.39 4.16
C ALA A 74 -4.55 -5.01 4.80
N GLU A 75 -5.65 -4.63 5.42
CA GLU A 75 -5.74 -3.32 6.06
C GLU A 75 -4.81 -3.22 7.27
N GLN A 76 -4.69 -4.31 8.02
CA GLN A 76 -3.74 -4.36 9.13
C GLN A 76 -2.32 -4.10 8.64
N GLU A 77 -1.97 -4.72 7.51
CA GLU A 77 -0.68 -4.51 6.88
C GLU A 77 -0.52 -3.05 6.45
N VAL A 78 -1.61 -2.45 5.98
CA VAL A 78 -1.60 -1.04 5.61
C VAL A 78 -1.39 -0.16 6.86
N ARG A 79 -2.05 -0.54 7.96
CA ARG A 79 -1.87 0.17 9.22
C ARG A 79 -0.41 0.15 9.64
N ASP A 80 0.20 -1.02 9.50
CA ASP A 80 1.60 -1.21 9.84
C ASP A 80 2.50 -0.27 9.04
N PHE A 81 2.21 -0.13 7.76
CA PHE A 81 2.98 0.73 6.88
C PHE A 81 2.85 2.20 7.32
N SER A 82 1.62 2.65 7.50
CA SER A 82 1.36 4.03 7.94
C SER A 82 1.95 4.27 9.33
N ASP A 83 1.97 3.21 10.14
CA ASP A 83 2.47 3.30 11.51
C ASP A 83 3.96 3.65 11.53
N ARG A 84 4.73 3.00 10.67
CA ARG A 84 6.17 3.24 10.61
C ARG A 84 6.52 4.43 9.73
N LEU A 85 5.55 5.27 9.45
CA LEU A 85 5.80 6.50 8.71
C LEU A 85 5.97 7.66 9.68
N MET A 21 -12.03 15.15 8.34
CA MET A 21 -12.03 14.28 7.14
C MET A 21 -10.60 13.96 6.74
N ASN A 22 -10.43 13.29 5.60
CA ASN A 22 -9.12 12.87 5.11
C ASN A 22 -8.47 11.89 6.07
N SER A 23 -8.79 10.62 5.90
CA SER A 23 -8.31 9.59 6.81
C SER A 23 -7.06 8.93 6.26
N ASP A 24 -6.73 9.22 5.01
CA ASP A 24 -5.58 8.62 4.36
C ASP A 24 -4.43 9.60 4.30
N VAL A 25 -3.21 9.10 4.51
CA VAL A 25 -2.02 9.93 4.42
C VAL A 25 -1.02 9.32 3.43
N ILE A 26 -1.44 8.25 2.76
CA ILE A 26 -0.57 7.50 1.87
C ILE A 26 -0.66 8.07 0.45
N LYS A 27 -1.81 8.67 0.16
CA LYS A 27 -2.04 9.36 -1.10
C LYS A 27 -0.95 10.43 -1.33
N GLY A 28 -0.47 10.99 -0.23
CA GLY A 28 0.60 11.95 -0.29
C GLY A 28 1.96 11.28 -0.19
N LYS A 29 2.91 11.75 -0.99
CA LYS A 29 4.25 11.15 -1.08
C LYS A 29 4.17 9.73 -1.63
N TRP A 30 3.08 9.43 -2.32
CA TRP A 30 2.84 8.10 -2.86
C TRP A 30 3.98 7.66 -3.79
N LYS A 31 4.46 8.58 -4.61
CA LYS A 31 5.55 8.27 -5.54
C LYS A 31 6.89 8.20 -4.82
N GLN A 32 6.90 8.56 -3.55
CA GLN A 32 8.08 8.48 -2.72
C GLN A 32 8.04 7.22 -1.86
N LEU A 33 6.83 6.87 -1.43
CA LEU A 33 6.63 5.75 -0.51
C LEU A 33 6.74 4.41 -1.24
N THR A 34 6.81 4.45 -2.56
CA THR A 34 6.99 3.25 -3.37
C THR A 34 8.19 2.43 -2.91
N GLY A 35 9.27 3.13 -2.52
CA GLY A 35 10.46 2.47 -2.03
C GLY A 35 10.19 1.69 -0.76
N LYS A 36 9.43 2.29 0.15
CA LYS A 36 9.04 1.63 1.40
C LYS A 36 8.18 0.41 1.11
N ILE A 37 7.23 0.55 0.19
CA ILE A 37 6.31 -0.52 -0.13
C ILE A 37 7.03 -1.71 -0.75
N LYS A 38 7.84 -1.44 -1.78
CA LYS A 38 8.58 -2.50 -2.47
C LYS A 38 9.57 -3.17 -1.52
N GLU A 39 9.99 -2.43 -0.50
CA GLU A 39 10.92 -2.95 0.49
C GLU A 39 10.23 -3.98 1.38
N ARG A 40 8.95 -3.73 1.68
CA ARG A 40 8.20 -4.65 2.50
C ARG A 40 7.65 -5.80 1.66
N TRP A 41 6.89 -5.46 0.64
CA TRP A 41 6.25 -6.45 -0.20
C TRP A 41 6.94 -6.49 -1.56
N GLY A 42 7.82 -7.46 -1.73
CA GLY A 42 8.60 -7.56 -2.94
C GLY A 42 7.79 -7.96 -4.16
N ASP A 43 6.57 -8.46 -3.94
CA ASP A 43 5.72 -8.88 -5.05
C ASP A 43 4.98 -7.68 -5.62
N LEU A 44 4.84 -6.63 -4.82
CA LEU A 44 4.23 -5.38 -5.29
C LEU A 44 5.24 -4.62 -6.14
N THR A 45 4.99 -4.59 -7.43
CA THR A 45 5.88 -3.91 -8.36
C THR A 45 5.62 -2.42 -8.31
N ASP A 46 6.59 -1.63 -8.73
CA ASP A 46 6.40 -0.19 -8.79
C ASP A 46 5.47 0.15 -9.95
N ASP A 47 5.24 -0.82 -10.82
CA ASP A 47 4.28 -0.65 -11.90
C ASP A 47 2.87 -0.57 -11.35
N ASP A 48 2.59 -1.42 -10.36
CA ASP A 48 1.29 -1.42 -9.68
C ASP A 48 1.11 -0.13 -8.92
N LEU A 49 2.20 0.32 -8.31
CA LEU A 49 2.18 1.50 -7.47
C LEU A 49 2.11 2.78 -8.31
N GLN A 50 2.89 2.82 -9.39
CA GLN A 50 2.96 3.99 -10.25
C GLN A 50 1.73 4.07 -11.19
N ALA A 51 0.89 3.04 -11.13
CA ALA A 51 -0.26 2.91 -12.02
C ALA A 51 -1.09 4.19 -12.09
N ALA A 52 -1.68 4.61 -10.98
CA ALA A 52 -2.56 5.76 -10.98
C ALA A 52 -2.48 6.55 -9.67
N ASP A 53 -3.25 6.11 -8.69
CA ASP A 53 -3.38 6.82 -7.43
C ASP A 53 -3.28 5.85 -6.26
N GLY A 54 -2.73 6.31 -5.14
CA GLY A 54 -2.54 5.44 -4.01
C GLY A 54 -3.28 5.91 -2.78
N HIS A 55 -3.74 4.95 -2.00
CA HIS A 55 -4.44 5.20 -0.74
C HIS A 55 -4.73 3.87 -0.07
N ALA A 56 -5.11 3.91 1.21
CA ALA A 56 -5.37 2.70 1.99
C ALA A 56 -6.12 1.62 1.20
N GLU A 57 -7.28 1.98 0.67
CA GLU A 57 -8.11 1.05 -0.09
C GLU A 57 -7.38 0.51 -1.32
N TYR A 58 -6.49 1.31 -1.89
CA TYR A 58 -5.75 0.90 -3.08
C TYR A 58 -4.66 -0.09 -2.69
N LEU A 59 -4.03 0.15 -1.53
CA LEU A 59 -3.07 -0.80 -0.99
C LEU A 59 -3.75 -2.13 -0.78
N VAL A 60 -4.88 -2.10 -0.09
CA VAL A 60 -5.68 -3.30 0.17
C VAL A 60 -5.99 -4.03 -1.13
N GLY A 61 -6.41 -3.26 -2.14
CA GLY A 61 -6.73 -3.84 -3.44
C GLY A 61 -5.55 -4.58 -4.05
N LYS A 62 -4.41 -3.91 -4.12
CA LYS A 62 -3.22 -4.51 -4.72
C LYS A 62 -2.68 -5.65 -3.86
N LEU A 63 -2.89 -5.57 -2.55
CA LEU A 63 -2.49 -6.64 -1.66
C LEU A 63 -3.30 -7.90 -1.92
N GLN A 64 -4.58 -7.73 -2.22
CA GLN A 64 -5.44 -8.86 -2.55
C GLN A 64 -5.17 -9.38 -3.95
N GLU A 65 -4.76 -8.48 -4.83
CA GLU A 65 -4.43 -8.87 -6.21
C GLU A 65 -3.11 -9.64 -6.26
N ARG A 66 -2.05 -9.04 -5.75
CA ARG A 66 -0.73 -9.64 -5.81
C ARG A 66 -0.61 -10.85 -4.86
N TYR A 67 -0.87 -10.62 -3.58
CA TYR A 67 -0.76 -11.68 -2.59
C TYR A 67 -2.07 -12.42 -2.42
N GLY A 68 -3.10 -11.68 -2.03
CA GLY A 68 -4.41 -12.28 -1.85
C GLY A 68 -4.71 -12.63 -0.41
N TRP A 69 -4.51 -11.67 0.49
CA TRP A 69 -4.85 -11.87 1.89
C TRP A 69 -6.31 -11.50 2.11
N SER A 70 -6.79 -11.67 3.34
CA SER A 70 -8.12 -11.22 3.71
C SER A 70 -8.11 -9.69 3.79
N LYS A 71 -9.25 -9.07 3.51
CA LYS A 71 -9.34 -7.61 3.55
C LYS A 71 -8.94 -7.07 4.92
N GLU A 72 -9.43 -7.72 5.98
CA GLU A 72 -9.08 -7.34 7.34
C GLU A 72 -7.56 -7.39 7.54
N ARG A 73 -6.95 -8.47 7.10
CA ARG A 73 -5.50 -8.63 7.21
C ARG A 73 -4.80 -7.54 6.41
N ALA A 74 -5.32 -7.24 5.23
CA ALA A 74 -4.77 -6.20 4.39
C ALA A 74 -4.83 -4.84 5.08
N GLU A 75 -5.99 -4.52 5.66
CA GLU A 75 -6.16 -3.28 6.40
C GLU A 75 -5.12 -3.17 7.52
N GLN A 76 -4.95 -4.27 8.24
CA GLN A 76 -3.99 -4.31 9.33
C GLN A 76 -2.57 -4.02 8.81
N GLU A 77 -2.21 -4.65 7.70
CA GLU A 77 -0.91 -4.45 7.09
C GLU A 77 -0.75 -3.01 6.58
N VAL A 78 -1.82 -2.45 6.02
CA VAL A 78 -1.80 -1.07 5.56
C VAL A 78 -1.55 -0.11 6.72
N ARG A 79 -2.28 -0.29 7.81
CA ARG A 79 -2.11 0.55 8.99
C ARG A 79 -0.73 0.33 9.61
N ASP A 80 -0.30 -0.93 9.63
CA ASP A 80 1.02 -1.29 10.14
C ASP A 80 2.11 -0.60 9.32
N PHE A 81 1.86 -0.46 8.03
CA PHE A 81 2.79 0.18 7.12
C PHE A 81 2.75 1.70 7.30
N SER A 82 1.54 2.25 7.43
CA SER A 82 1.34 3.68 7.59
C SER A 82 2.03 4.19 8.85
N ASP A 83 2.13 3.33 9.85
CA ASP A 83 2.77 3.67 11.12
C ASP A 83 4.25 4.00 10.91
N ARG A 84 4.86 3.35 9.91
CA ARG A 84 6.28 3.52 9.64
C ARG A 84 6.52 4.51 8.51
N LEU A 85 5.52 5.31 8.20
CA LEU A 85 5.67 6.36 7.21
C LEU A 85 6.22 7.61 7.88
N MET A 21 -4.45 15.17 9.44
CA MET A 21 -4.52 14.33 8.23
C MET A 21 -4.97 12.92 8.58
N ASN A 22 -5.26 12.09 7.58
CA ASN A 22 -5.66 10.71 7.84
C ASN A 22 -4.99 9.76 6.86
N SER A 23 -5.44 9.75 5.62
CA SER A 23 -4.87 8.88 4.59
C SER A 23 -3.95 9.67 3.67
N ASP A 24 -3.74 10.93 4.03
CA ASP A 24 -2.94 11.85 3.23
C ASP A 24 -1.50 11.37 3.10
N VAL A 25 -1.02 10.69 4.14
CA VAL A 25 0.37 10.24 4.21
C VAL A 25 0.75 9.31 3.06
N ILE A 26 -0.14 8.38 2.72
CA ILE A 26 0.16 7.38 1.71
C ILE A 26 -0.25 7.88 0.32
N LYS A 27 -1.31 8.66 0.26
CA LYS A 27 -1.88 9.09 -1.01
C LYS A 27 -1.07 10.26 -1.59
N GLY A 28 -0.69 11.20 -0.73
CA GLY A 28 -0.02 12.41 -1.19
C GLY A 28 1.43 12.17 -1.57
N LYS A 29 2.06 11.19 -0.95
CA LYS A 29 3.47 10.90 -1.22
C LYS A 29 3.62 9.46 -1.72
N TRP A 30 2.60 9.01 -2.42
CA TRP A 30 2.54 7.66 -3.00
C TRP A 30 3.81 7.34 -3.81
N LYS A 31 4.19 8.26 -4.69
CA LYS A 31 5.32 8.03 -5.57
C LYS A 31 6.64 7.99 -4.79
N GLN A 32 6.65 8.65 -3.64
CA GLN A 32 7.85 8.69 -2.80
C GLN A 32 7.95 7.44 -1.94
N LEU A 33 6.80 6.88 -1.60
CA LEU A 33 6.75 5.72 -0.72
C LEU A 33 6.96 4.41 -1.48
N THR A 34 7.02 4.51 -2.81
CA THR A 34 7.16 3.35 -3.69
C THR A 34 8.23 2.35 -3.21
N GLY A 35 9.45 2.85 -3.03
CA GLY A 35 10.56 2.01 -2.63
C GLY A 35 10.33 1.34 -1.27
N LYS A 36 9.82 2.10 -0.32
CA LYS A 36 9.55 1.58 1.02
C LYS A 36 8.42 0.54 0.99
N ILE A 37 7.41 0.80 0.17
CA ILE A 37 6.28 -0.11 0.05
C ILE A 37 6.73 -1.44 -0.57
N LYS A 38 7.49 -1.36 -1.65
CA LYS A 38 7.98 -2.56 -2.33
C LYS A 38 9.01 -3.29 -1.47
N GLU A 39 9.59 -2.57 -0.51
CA GLU A 39 10.56 -3.16 0.40
C GLU A 39 9.83 -3.98 1.46
N ARG A 40 8.58 -3.61 1.74
CA ARG A 40 7.75 -4.38 2.64
C ARG A 40 7.09 -5.51 1.88
N TRP A 41 6.43 -5.16 0.79
CA TRP A 41 5.76 -6.12 -0.07
C TRP A 41 6.49 -6.19 -1.42
N GLY A 42 7.41 -7.14 -1.52
CA GLY A 42 8.30 -7.21 -2.67
C GLY A 42 7.59 -7.60 -3.95
N ASP A 43 6.46 -8.29 -3.84
CA ASP A 43 5.75 -8.79 -5.02
C ASP A 43 5.08 -7.66 -5.78
N LEU A 44 4.72 -6.59 -5.06
CA LEU A 44 4.16 -5.41 -5.70
C LEU A 44 5.20 -4.77 -6.61
N THR A 45 4.88 -4.68 -7.89
CA THR A 45 5.85 -4.19 -8.87
C THR A 45 5.97 -2.68 -8.85
N ASP A 46 6.98 -2.17 -9.54
CA ASP A 46 7.19 -0.73 -9.68
C ASP A 46 6.09 -0.15 -10.57
N ASP A 47 5.34 -1.02 -11.22
CA ASP A 47 4.22 -0.61 -12.05
C ASP A 47 2.97 -0.45 -11.19
N ASP A 48 2.68 -1.48 -10.39
CA ASP A 48 1.53 -1.47 -9.49
C ASP A 48 1.60 -0.28 -8.54
N LEU A 49 2.79 -0.04 -8.02
CA LEU A 49 2.99 1.01 -7.02
C LEU A 49 3.22 2.37 -7.66
N GLN A 50 2.93 2.49 -8.95
CA GLN A 50 3.14 3.75 -9.64
C GLN A 50 2.01 4.01 -10.62
N ALA A 51 0.90 3.31 -10.42
CA ALA A 51 -0.24 3.40 -11.33
C ALA A 51 -1.19 4.54 -10.93
N ALA A 52 -2.11 4.25 -10.02
CA ALA A 52 -3.15 5.22 -9.66
C ALA A 52 -2.70 6.12 -8.50
N ASP A 53 -3.10 5.76 -7.30
CA ASP A 53 -2.81 6.57 -6.12
C ASP A 53 -2.56 5.67 -4.92
N GLY A 54 -2.46 6.26 -3.74
CA GLY A 54 -2.13 5.49 -2.56
C GLY A 54 -3.13 5.64 -1.42
N HIS A 55 -4.42 5.74 -1.74
CA HIS A 55 -5.41 5.71 -0.69
C HIS A 55 -5.61 4.25 -0.23
N ALA A 56 -5.90 4.08 1.05
CA ALA A 56 -5.87 2.75 1.69
C ALA A 56 -6.62 1.67 0.91
N GLU A 57 -7.78 2.03 0.35
CA GLU A 57 -8.59 1.08 -0.42
C GLU A 57 -7.81 0.46 -1.58
N TYR A 58 -6.92 1.25 -2.18
CA TYR A 58 -6.17 0.78 -3.33
C TYR A 58 -5.13 -0.25 -2.90
N LEU A 59 -4.46 0.02 -1.78
CA LEU A 59 -3.50 -0.92 -1.23
C LEU A 59 -4.15 -2.24 -0.94
N VAL A 60 -5.23 -2.21 -0.18
CA VAL A 60 -5.98 -3.41 0.18
C VAL A 60 -6.34 -4.22 -1.07
N GLY A 61 -6.84 -3.51 -2.08
CA GLY A 61 -7.20 -4.16 -3.32
C GLY A 61 -6.01 -4.82 -4.00
N LYS A 62 -4.91 -4.07 -4.12
CA LYS A 62 -3.70 -4.58 -4.78
C LYS A 62 -3.06 -5.70 -3.97
N LEU A 63 -3.20 -5.65 -2.65
CA LEU A 63 -2.64 -6.68 -1.80
C LEU A 63 -3.41 -7.99 -1.95
N GLN A 64 -4.73 -7.89 -2.07
CA GLN A 64 -5.56 -9.08 -2.30
C GLN A 64 -5.37 -9.57 -3.74
N GLU A 65 -5.00 -8.65 -4.62
CA GLU A 65 -4.79 -8.97 -6.03
C GLU A 65 -3.43 -9.65 -6.23
N ARG A 66 -2.37 -8.99 -5.78
CA ARG A 66 -1.02 -9.46 -6.00
C ARG A 66 -0.70 -10.68 -5.13
N TYR A 67 -0.85 -10.52 -3.82
CA TYR A 67 -0.54 -11.60 -2.90
C TYR A 67 -1.74 -12.54 -2.76
N GLY A 68 -2.89 -11.96 -2.46
CA GLY A 68 -4.08 -12.76 -2.26
C GLY A 68 -4.42 -12.91 -0.80
N TRP A 69 -4.23 -11.83 -0.05
CA TRP A 69 -4.55 -11.83 1.38
C TRP A 69 -6.03 -11.55 1.58
N SER A 70 -6.49 -11.72 2.80
CA SER A 70 -7.86 -11.37 3.14
C SER A 70 -7.96 -9.87 3.42
N LYS A 71 -9.18 -9.37 3.45
CA LYS A 71 -9.43 -7.95 3.63
C LYS A 71 -8.85 -7.47 4.96
N GLU A 72 -9.06 -8.27 6.00
CA GLU A 72 -8.57 -7.94 7.33
C GLU A 72 -7.04 -7.92 7.36
N ARG A 73 -6.43 -8.89 6.70
CA ARG A 73 -4.97 -9.00 6.68
C ARG A 73 -4.36 -7.81 5.95
N ALA A 74 -5.01 -7.41 4.87
CA ALA A 74 -4.57 -6.24 4.11
C ALA A 74 -4.69 -4.99 4.97
N GLU A 75 -5.82 -4.85 5.66
CA GLU A 75 -6.05 -3.74 6.58
C GLU A 75 -4.94 -3.65 7.61
N GLN A 76 -4.57 -4.80 8.17
CA GLN A 76 -3.51 -4.86 9.17
C GLN A 76 -2.20 -4.32 8.62
N GLU A 77 -1.80 -4.84 7.46
CA GLU A 77 -0.55 -4.47 6.83
C GLU A 77 -0.50 -2.98 6.46
N VAL A 78 -1.57 -2.49 5.83
CA VAL A 78 -1.63 -1.08 5.44
C VAL A 78 -1.57 -0.17 6.66
N ARG A 79 -2.31 -0.54 7.69
CA ARG A 79 -2.40 0.26 8.89
C ARG A 79 -1.09 0.26 9.67
N ASP A 80 -0.43 -0.89 9.72
CA ASP A 80 0.86 -1.01 10.39
C ASP A 80 1.95 -0.29 9.62
N PHE A 81 1.78 -0.21 8.30
CA PHE A 81 2.72 0.53 7.46
C PHE A 81 2.54 2.03 7.66
N SER A 82 1.28 2.47 7.70
CA SER A 82 0.96 3.88 7.90
C SER A 82 1.40 4.33 9.30
N ASP A 83 1.58 3.36 10.19
CA ASP A 83 2.05 3.62 11.55
C ASP A 83 3.48 4.19 11.54
N ARG A 84 4.25 3.83 10.53
CA ARG A 84 5.66 4.21 10.48
C ARG A 84 5.87 5.38 9.50
N LEU A 85 4.79 5.97 9.05
CA LEU A 85 4.87 7.07 8.08
C LEU A 85 4.90 8.42 8.79
#